data_7VZ3
#
_entry.id   7VZ3
#
_cell.length_a   1.00
_cell.length_b   1.00
_cell.length_c   1.00
_cell.angle_alpha   90.00
_cell.angle_beta   90.00
_cell.angle_gamma   90.00
#
_symmetry.space_group_name_H-M   'P 1'
#
_entity_poly.entity_id   1
_entity_poly.type   'polypeptide(L)'
_entity_poly.pdbx_seq_one_letter_code
;MGSSHHHHHHSSGLVPRGSHMMALYREGKAAMAADGTVTGTGTKWQSSLSLIRPGATIMFLSSPIQMAVVNKVVSDTEIK
AITTNGAVVASTDYAILLSDSLTVDGLAQDVAETLRYYQSQETVIADAVEFFKEFDFESLQNLANQIKADSEASESSAAA
AAASESKAKTSEDNAKSSENAAKNSEVAAETTRDQIQQIIDNAGDQSTLVVLAQPDGFDSIGRVSSFAALRNLKPKKSGQ
HVLLTSYYDGWAAENKMPTGGGEFISSIGTATDDGGYIAAGPGYYWTRVVNNNSFTAEDFGCKTTATPPPNFNVLPAELF
DNTARMQAAFNLAISKSFKLNLSAGTYYFESSDTLRITGPIHIEGRPGTVFYHNPSNKANPKTDAFMNISGCSMGRISSI
NCFSNSYLGKGINFDRSVGDNRKLVLEHVYVDTFRWGFYVGEPECINQIEFHSCRAQSNYFQGIFIESFKEGQEYGHSAP
VHFFNTICNGNGPTSFALGATYKTTKNEYIKVMDSVNDVGCQAYFQGLSNVQYIGGQLSGHGSPRNTSLATITQCNSFII
YGTDLEDINGFTTDGTAITADNIDTIESNYLKDISGAAIVVSSCLGFKIDSPHIFKIKTLSTIKLMNNTYNYEIGGFTPD
EALKYNVWDANGLATNRISGVIHPRLVNSRLGINSVAFDNMSNKLDVSSLIHNETSQIIGLTPSTGSNVPHTRIMWSNGA
MYSSTDLNNGFRLNYLSNHNEPLTPMHLYNEFSVSEFGGSVTESNALDEIKYIFIQTTYANSGDGRFIIQALDASGSVLS
SNWYSPQSFNSTFPISGFVRFDVPTGAKKIRYGFVNSANYTGSLRSHFMSGFAYNKRFFLKIYAVYNDLGRYGQFEPPYS
VAIDRFRVGDNTTQMPSIPASSATDVAGVNEVINSLLASLKANGFMSS
;
_entity_poly.pdbx_strand_id   A,B,C
#
# COMPACT_ATOMS: atom_id res chain seq x y z
N LYS A 176 -20.80 28.23 84.30
CA LYS A 176 -21.23 27.41 85.41
C LYS A 176 -21.06 25.92 85.10
N SER A 177 -22.15 25.31 84.60
CA SER A 177 -22.13 23.89 84.27
C SER A 177 -21.10 23.59 83.19
N SER A 178 -20.99 24.47 82.19
CA SER A 178 -19.95 24.30 81.17
C SER A 178 -18.56 24.45 81.79
N GLU A 179 -18.39 25.41 82.71
CA GLU A 179 -17.09 25.63 83.35
C GLU A 179 -16.64 24.42 84.15
N ASN A 180 -17.55 23.74 84.83
CA ASN A 180 -17.17 22.58 85.63
C ASN A 180 -16.53 21.50 84.77
N ALA A 181 -17.15 21.17 83.63
CA ALA A 181 -16.57 20.21 82.70
C ALA A 181 -15.30 20.74 82.06
N ALA A 182 -15.25 22.05 81.76
CA ALA A 182 -14.04 22.62 81.18
C ALA A 182 -12.85 22.54 82.12
N LYS A 183 -13.07 22.67 83.43
CA LYS A 183 -11.99 22.54 84.42
C LYS A 183 -11.63 21.08 84.68
N ASN A 184 -12.64 20.19 84.69
CA ASN A 184 -12.36 18.77 84.73
C ASN A 184 -11.51 18.33 83.55
N SER A 185 -11.70 18.96 82.39
CA SER A 185 -10.87 18.66 81.22
C SER A 185 -9.41 19.00 81.48
N GLU A 186 -9.14 20.18 82.08
CA GLU A 186 -7.76 20.54 82.43
C GLU A 186 -7.17 19.52 83.40
N VAL A 187 -7.94 19.15 84.43
CA VAL A 187 -7.42 18.22 85.42
C VAL A 187 -7.08 16.87 84.78
N ALA A 188 -7.99 16.36 83.94
CA ALA A 188 -7.75 15.08 83.27
C ALA A 188 -6.57 15.16 82.32
N ALA A 189 -6.44 16.26 81.59
CA ALA A 189 -5.31 16.42 80.68
C ALA A 189 -3.98 16.44 81.43
N GLU A 190 -3.93 17.14 82.57
CA GLU A 190 -2.71 17.17 83.37
C GLU A 190 -2.39 15.80 83.95
N THR A 191 -3.41 15.06 84.40
CA THR A 191 -3.17 13.72 84.91
C THR A 191 -2.63 12.80 83.82
N THR A 192 -3.19 12.89 82.60
CA THR A 192 -2.68 12.08 81.50
C THR A 192 -1.25 12.47 81.14
N ARG A 193 -0.94 13.77 81.20
CA ARG A 193 0.43 14.21 80.98
C ARG A 193 1.38 13.59 81.99
N ASP A 194 0.98 13.57 83.26
CA ASP A 194 1.81 12.94 84.28
C ASP A 194 1.96 11.44 84.04
N GLN A 195 0.88 10.79 83.60
CA GLN A 195 0.94 9.36 83.30
C GLN A 195 1.92 9.08 82.16
N ILE A 196 1.88 9.90 81.11
CA ILE A 196 2.81 9.73 79.99
C ILE A 196 4.24 9.96 80.45
N GLN A 197 4.46 11.00 81.26
CA GLN A 197 5.78 11.28 81.82
C GLN A 197 6.29 10.04 82.55
N GLN A 198 5.43 9.45 83.40
CA GLN A 198 5.82 8.33 84.24
C GLN A 198 6.15 7.10 83.42
N ILE A 199 5.31 6.77 82.42
CA ILE A 199 5.56 5.56 81.64
C ILE A 199 6.80 5.74 80.76
N ILE A 200 7.02 6.94 80.21
CA ILE A 200 8.21 7.17 79.42
C ILE A 200 9.46 7.07 80.27
N ASP A 201 9.40 7.56 81.52
CA ASP A 201 10.56 7.43 82.42
C ASP A 201 10.77 5.98 82.86
N ASN A 202 9.70 5.22 83.06
CA ASN A 202 9.84 3.82 83.43
C ASN A 202 10.45 3.01 82.30
N ALA A 203 10.08 3.30 81.05
CA ALA A 203 10.66 2.61 79.89
C ALA A 203 12.05 3.16 79.64
N GLY A 204 13.02 2.67 80.43
CA GLY A 204 14.37 3.20 80.35
C GLY A 204 15.04 2.90 79.02
N ASP A 205 14.97 1.64 78.58
CA ASP A 205 15.69 1.19 77.40
C ASP A 205 14.80 1.08 76.16
N GLN A 206 13.51 1.38 76.29
CA GLN A 206 12.57 1.24 75.20
C GLN A 206 11.90 2.56 74.83
N SER A 207 12.34 3.69 75.41
CA SER A 207 11.67 4.96 75.17
C SER A 207 11.89 5.46 73.75
N THR A 208 13.03 5.12 73.13
CA THR A 208 13.31 5.51 71.75
C THR A 208 12.40 4.82 70.74
N LEU A 209 11.76 3.70 71.10
CA LEU A 209 10.75 3.13 70.22
C LEU A 209 9.56 4.08 70.07
N VAL A 210 9.26 4.84 71.13
CA VAL A 210 8.22 5.87 71.03
C VAL A 210 8.62 6.94 70.03
N VAL A 211 9.92 7.26 69.97
CA VAL A 211 10.42 8.23 69.00
C VAL A 211 10.29 7.69 67.58
N LEU A 212 10.68 6.42 67.37
CA LEU A 212 10.62 5.81 66.05
C LEU A 212 9.21 5.60 65.55
N ALA A 213 8.22 5.47 66.44
CA ALA A 213 6.84 5.23 66.01
C ALA A 213 6.07 6.50 65.65
N GLN A 214 6.67 7.68 65.79
CA GLN A 214 5.98 8.91 65.42
C GLN A 214 5.84 9.00 63.90
N PRO A 215 4.92 9.83 63.41
CA PRO A 215 4.69 9.89 61.95
C PRO A 215 5.92 10.27 61.14
N ASP A 216 6.86 11.01 61.71
CA ASP A 216 8.10 11.36 61.03
C ASP A 216 9.28 10.51 61.49
N GLY A 217 9.02 9.26 61.91
CA GLY A 217 10.06 8.46 62.51
C GLY A 217 11.09 7.95 61.53
N PHE A 218 10.71 7.83 60.26
CA PHE A 218 11.63 7.34 59.23
C PHE A 218 12.85 8.23 59.08
N ASP A 219 12.77 9.51 59.47
CA ASP A 219 13.91 10.40 59.38
C ASP A 219 15.01 10.02 60.38
N SER A 220 14.70 9.25 61.41
CA SER A 220 15.70 8.84 62.38
C SER A 220 16.68 7.82 61.83
N ILE A 221 16.40 7.27 60.65
CA ILE A 221 17.27 6.27 60.03
C ILE A 221 18.34 6.99 59.21
N GLY A 222 19.59 6.55 59.34
CA GLY A 222 20.68 7.18 58.63
C GLY A 222 20.84 6.67 57.20
N ARG A 223 21.56 7.46 56.40
CA ARG A 223 21.69 7.15 54.98
C ARG A 223 23.00 7.74 54.49
N VAL A 224 23.53 7.17 53.42
CA VAL A 224 24.78 7.62 52.83
C VAL A 224 24.52 8.81 51.92
N SER A 225 25.42 9.80 51.92
CA SER A 225 25.16 11.07 51.22
C SER A 225 25.50 11.03 49.73
N SER A 226 26.56 10.33 49.32
CA SER A 226 26.95 10.28 47.92
C SER A 226 27.64 8.97 47.58
N PHE A 227 27.87 8.75 46.28
CA PHE A 227 28.52 7.53 45.81
C PHE A 227 29.96 7.44 46.25
N ALA A 228 30.66 8.57 46.37
CA ALA A 228 32.03 8.52 46.85
C ALA A 228 32.07 8.13 48.33
N ALA A 229 31.16 8.70 49.13
CA ALA A 229 31.02 8.29 50.52
C ALA A 229 30.72 6.79 50.62
N LEU A 230 29.90 6.27 49.69
CA LEU A 230 29.62 4.85 49.68
C LEU A 230 30.88 4.04 49.37
N ARG A 231 31.74 4.53 48.48
CA ARG A 231 32.99 3.85 48.23
C ARG A 231 33.85 3.79 49.50
N ASN A 232 33.79 4.82 50.33
CA ASN A 232 34.63 4.86 51.53
C ASN A 232 33.99 4.23 52.76
N LEU A 233 32.79 3.66 52.64
CA LEU A 233 32.06 3.08 53.76
C LEU A 233 32.48 1.63 53.93
N LYS A 234 33.06 1.31 55.08
CA LYS A 234 33.56 -0.03 55.31
C LYS A 234 32.49 -0.88 56.01
N PRO A 235 32.07 -1.98 55.38
CA PRO A 235 31.04 -2.87 55.94
C PRO A 235 31.60 -3.86 56.95
N LYS A 236 30.94 -3.98 58.09
CA LYS A 236 31.37 -4.91 59.13
C LYS A 236 31.28 -6.36 58.68
N LYS A 237 30.20 -6.69 57.99
CA LYS A 237 29.99 -8.04 57.48
C LYS A 237 29.25 -8.02 56.15
N SER A 238 29.41 -9.09 55.36
CA SER A 238 28.74 -9.20 54.08
C SER A 238 27.24 -9.38 54.28
N GLY A 239 26.44 -8.80 53.38
CA GLY A 239 25.01 -8.91 53.45
C GLY A 239 24.28 -7.74 54.11
N GLN A 240 24.97 -6.65 54.43
CA GLN A 240 24.33 -5.46 54.98
C GLN A 240 23.58 -4.69 53.91
N HIS A 241 22.52 -4.00 54.31
CA HIS A 241 21.73 -3.16 53.41
C HIS A 241 21.86 -1.71 53.84
N VAL A 242 22.07 -0.81 52.87
CA VAL A 242 22.14 0.62 53.17
C VAL A 242 21.39 1.41 52.10
N LEU A 243 21.09 2.66 52.44
CA LEU A 243 20.40 3.59 51.55
C LEU A 243 21.35 4.68 51.09
N LEU A 244 21.37 4.93 49.79
CA LEU A 244 22.09 6.05 49.21
C LEU A 244 21.08 7.12 48.82
N THR A 245 21.27 8.33 49.33
CA THR A 245 20.32 9.40 49.07
C THR A 245 20.39 9.89 47.63
N SER A 246 21.59 10.09 47.12
CA SER A 246 21.76 10.63 45.78
C SER A 246 23.16 10.28 45.33
N TYR A 247 23.40 10.39 44.03
CA TYR A 247 24.74 10.11 43.53
C TYR A 247 25.72 11.21 43.93
N TYR A 248 25.35 12.47 43.75
CA TYR A 248 26.15 13.61 44.19
C TYR A 248 25.44 14.31 45.35
N ASP A 249 26.21 14.75 46.34
CA ASP A 249 25.60 15.56 47.38
C ASP A 249 25.49 17.02 46.91
N GLY A 250 24.75 17.81 47.68
CA GLY A 250 24.64 19.23 47.37
C GLY A 250 23.43 19.63 46.57
N TRP A 251 22.49 18.71 46.34
CA TRP A 251 21.25 19.04 45.65
C TRP A 251 20.39 20.02 46.46
N ALA A 252 20.50 20.00 47.79
CA ALA A 252 19.67 20.87 48.62
C ALA A 252 20.09 22.33 48.49
N ALA A 253 21.40 22.60 48.41
CA ALA A 253 21.87 23.97 48.21
C ALA A 253 21.37 24.52 46.89
N GLU A 254 21.40 23.71 45.84
CA GLU A 254 20.70 24.02 44.60
C GLU A 254 19.20 23.80 44.80
N ASN A 255 18.43 23.94 43.73
CA ASN A 255 16.98 23.88 43.84
C ASN A 255 16.41 22.65 43.14
N LYS A 256 17.10 21.52 43.24
CA LYS A 256 16.61 20.28 42.68
C LYS A 256 16.47 19.22 43.77
N MET A 257 16.00 18.03 43.35
CA MET A 257 15.75 16.85 44.16
C MET A 257 16.87 15.85 44.00
N PRO A 258 17.05 14.95 44.98
CA PRO A 258 18.13 13.96 44.87
C PRO A 258 17.89 13.01 43.72
N THR A 259 18.97 12.49 43.16
CA THR A 259 18.83 11.60 42.03
C THR A 259 20.00 10.64 42.00
N GLY A 260 19.76 9.44 41.48
CA GLY A 260 20.78 8.43 41.46
C GLY A 260 20.91 7.59 42.71
N GLY A 261 20.03 7.75 43.68
CA GLY A 261 20.08 7.00 44.91
C GLY A 261 19.49 5.61 44.79
N GLY A 262 19.31 4.96 45.94
CA GLY A 262 18.87 3.57 45.88
C GLY A 262 19.30 2.81 47.12
N GLU A 263 19.33 1.48 47.00
CA GLU A 263 19.66 0.59 48.09
C GLU A 263 20.81 -0.30 47.66
N PHE A 264 21.75 -0.55 48.55
CA PHE A 264 22.97 -1.27 48.22
C PHE A 264 23.22 -2.37 49.23
N ILE A 265 23.88 -3.44 48.77
CA ILE A 265 24.20 -4.60 49.62
C ILE A 265 25.69 -4.86 49.57
N SER A 266 26.30 -5.09 50.73
CA SER A 266 27.75 -5.24 50.82
C SER A 266 28.19 -6.67 50.55
N SER A 267 29.43 -6.80 50.09
CA SER A 267 30.07 -8.09 49.91
C SER A 267 31.54 -7.96 50.27
N ILE A 268 32.11 -9.04 50.80
CA ILE A 268 33.53 -9.11 51.16
C ILE A 268 34.26 -9.84 50.03
N GLY A 269 35.27 -9.21 49.47
CA GLY A 269 35.98 -9.74 48.32
C GLY A 269 36.47 -8.60 47.44
N THR A 270 36.75 -8.93 46.18
CA THR A 270 37.19 -7.95 45.21
C THR A 270 36.28 -7.98 43.99
N ALA A 271 35.96 -6.79 43.48
CA ALA A 271 35.20 -6.67 42.24
C ALA A 271 35.62 -5.39 41.55
N THR A 272 35.39 -5.35 40.24
CA THR A 272 35.77 -4.21 39.43
C THR A 272 34.78 -3.08 39.64
N ASP A 273 35.29 -1.92 40.07
CA ASP A 273 34.42 -0.77 40.25
C ASP A 273 33.79 -0.37 38.93
N ASP A 274 32.54 0.06 39.00
CA ASP A 274 31.76 0.41 37.83
C ASP A 274 31.40 1.89 37.76
N GLY A 275 31.35 2.59 38.88
CA GLY A 275 30.73 3.90 38.94
C GLY A 275 29.23 3.87 39.04
N GLY A 276 28.60 2.76 38.67
CA GLY A 276 27.16 2.58 38.78
C GLY A 276 26.78 1.41 39.67
N TYR A 277 26.68 0.26 39.03
CA TYR A 277 26.28 -0.98 39.69
C TYR A 277 27.08 -1.26 40.95
N ILE A 278 28.41 -1.18 40.88
CA ILE A 278 29.29 -1.65 41.94
C ILE A 278 30.19 -0.53 42.42
N ALA A 279 30.16 -0.27 43.73
CA ALA A 279 31.05 0.69 44.40
C ALA A 279 32.08 -0.09 45.20
N ALA A 280 33.32 -0.11 44.72
CA ALA A 280 34.33 -0.94 45.35
C ALA A 280 35.23 -0.12 46.27
N GLY A 281 35.67 -0.74 47.35
CA GLY A 281 36.68 -0.18 48.21
C GLY A 281 37.82 -1.16 48.31
N PRO A 282 38.71 -0.97 49.30
CA PRO A 282 39.77 -1.96 49.53
C PRO A 282 39.30 -3.19 50.31
N GLY A 283 39.10 -4.31 49.62
CA GLY A 283 38.70 -5.55 50.25
C GLY A 283 37.21 -5.77 50.42
N TYR A 284 36.37 -4.94 49.81
CA TYR A 284 34.92 -5.07 49.91
C TYR A 284 34.29 -4.35 48.72
N TYR A 285 32.98 -4.48 48.59
CA TYR A 285 32.27 -3.68 47.60
C TYR A 285 30.78 -3.66 47.94
N TRP A 286 30.06 -2.81 47.20
CA TRP A 286 28.62 -2.66 47.36
C TRP A 286 27.96 -2.77 45.99
N THR A 287 26.77 -3.39 45.94
CA THR A 287 26.06 -3.64 44.69
C THR A 287 24.65 -3.07 44.77
N ARG A 288 24.13 -2.54 43.65
CA ARG A 288 22.80 -1.90 43.67
C ARG A 288 21.70 -2.93 43.62
N VAL A 289 20.60 -2.63 44.31
CA VAL A 289 19.38 -3.39 44.12
C VAL A 289 18.62 -2.77 42.96
N VAL A 290 18.44 -3.53 41.88
CA VAL A 290 17.78 -3.08 40.65
C VAL A 290 16.35 -3.60 40.65
N ASN A 291 15.39 -2.72 40.37
CA ASN A 291 13.97 -3.08 40.39
C ASN A 291 13.38 -3.08 38.97
N ASN A 292 12.59 -4.10 38.67
CA ASN A 292 11.91 -4.23 37.39
C ASN A 292 12.90 -4.35 36.22
N ASN A 293 14.10 -4.88 36.47
CA ASN A 293 15.12 -5.02 35.42
C ASN A 293 15.37 -3.72 34.67
N SER A 294 15.42 -2.59 35.37
CA SER A 294 15.58 -1.32 34.69
C SER A 294 16.31 -0.34 35.60
N PHE A 295 17.01 0.63 35.01
CA PHE A 295 17.76 1.62 35.77
C PHE A 295 17.87 2.90 34.95
N THR A 296 18.23 4.01 35.61
CA THR A 296 18.35 5.31 34.94
C THR A 296 19.82 5.68 34.78
N ALA A 297 20.09 6.61 33.87
CA ALA A 297 21.48 6.96 33.64
C ALA A 297 22.05 7.78 34.78
N GLU A 298 21.19 8.47 35.54
CA GLU A 298 21.64 9.19 36.73
C GLU A 298 22.35 8.28 37.72
N ASP A 299 22.03 6.98 37.71
CA ASP A 299 22.66 6.00 38.57
C ASP A 299 24.14 5.86 38.30
N PHE A 300 24.62 6.34 37.15
CA PHE A 300 26.02 6.25 36.78
C PHE A 300 26.73 7.58 36.84
N GLY A 301 26.04 8.63 37.27
CA GLY A 301 26.66 9.89 37.50
C GLY A 301 26.46 10.90 36.40
N CYS A 302 25.61 10.59 35.44
CA CYS A 302 25.28 11.49 34.35
C CYS A 302 24.48 12.69 34.86
N LYS A 303 24.67 13.83 34.19
CA LYS A 303 24.02 15.08 34.57
C LYS A 303 23.31 15.65 33.35
N THR A 304 22.17 16.30 33.59
CA THR A 304 21.46 16.99 32.52
C THR A 304 21.45 18.51 32.78
N THR A 305 21.20 19.27 31.72
CA THR A 305 21.14 20.72 31.83
C THR A 305 20.07 21.24 30.88
N ALA A 306 20.00 22.58 30.77
CA ALA A 306 18.98 23.22 29.95
C ALA A 306 19.33 23.11 28.48
N THR A 307 18.32 22.80 27.67
CA THR A 307 18.52 22.57 26.25
C THR A 307 18.76 23.89 25.52
N PRO A 308 19.83 24.01 24.74
CA PRO A 308 20.07 25.25 24.01
C PRO A 308 19.12 25.34 22.82
N PRO A 309 19.08 26.49 22.16
CA PRO A 309 18.34 26.58 20.88
C PRO A 309 19.12 25.90 19.77
N PRO A 310 18.48 25.63 18.63
CA PRO A 310 19.18 25.06 17.46
C PRO A 310 20.03 26.03 16.63
N ASN A 311 20.41 27.20 17.15
CA ASN A 311 21.24 28.11 16.37
C ASN A 311 22.65 27.53 16.16
N PHE A 312 23.41 28.15 15.25
CA PHE A 312 24.54 27.46 14.62
C PHE A 312 25.64 27.09 15.62
N ASN A 313 26.35 28.04 16.19
CA ASN A 313 27.50 27.66 17.00
C ASN A 313 27.21 27.76 18.51
N VAL A 314 26.00 27.39 18.93
CA VAL A 314 25.52 27.65 20.28
C VAL A 314 25.69 26.40 21.14
N LEU A 315 26.34 26.55 22.31
CA LEU A 315 26.58 25.49 23.27
C LEU A 315 25.66 25.62 24.48
N PRO A 316 25.37 24.52 25.20
CA PRO A 316 24.59 24.66 26.43
C PRO A 316 25.36 25.45 27.47
N ALA A 317 24.63 25.85 28.52
CA ALA A 317 25.16 26.76 29.53
C ALA A 317 26.16 26.07 30.46
N GLU A 318 25.97 24.78 30.76
CA GLU A 318 26.87 24.01 31.63
C GLU A 318 27.46 22.86 30.83
N LEU A 319 28.78 22.68 30.94
CA LEU A 319 29.51 21.78 30.05
C LEU A 319 30.19 20.67 30.87
N PHE A 320 29.45 19.61 31.17
CA PHE A 320 29.97 18.42 31.83
C PHE A 320 29.91 17.26 30.85
N ASP A 321 31.03 16.59 30.61
CA ASP A 321 31.12 15.57 29.56
C ASP A 321 30.63 14.22 30.08
N ASN A 322 29.60 13.67 29.45
CA ASN A 322 28.97 12.45 29.95
C ASN A 322 29.49 11.18 29.27
N THR A 323 30.49 11.27 28.38
CA THR A 323 30.75 10.17 27.47
C THR A 323 31.14 8.90 28.21
N ALA A 324 32.02 9.01 29.20
CA ALA A 324 32.54 7.82 29.88
C ALA A 324 31.50 7.22 30.81
N ARG A 325 30.72 8.06 31.49
CA ARG A 325 29.66 7.54 32.34
C ARG A 325 28.52 6.94 31.52
N MET A 326 28.18 7.53 30.38
CA MET A 326 27.13 6.93 29.55
C MET A 326 27.62 5.65 28.89
N GLN A 327 28.93 5.54 28.64
CA GLN A 327 29.43 4.28 28.09
C GLN A 327 29.40 3.19 29.13
N ALA A 328 29.68 3.52 30.40
CA ALA A 328 29.51 2.52 31.45
C ALA A 328 28.06 2.08 31.55
N ALA A 329 27.10 3.02 31.47
CA ALA A 329 25.70 2.63 31.54
C ALA A 329 25.32 1.72 30.37
N PHE A 330 25.73 2.06 29.14
CA PHE A 330 25.46 1.16 28.02
C PHE A 330 26.05 -0.21 28.25
N ASN A 331 27.27 -0.27 28.77
CA ASN A 331 27.87 -1.59 28.99
C ASN A 331 27.05 -2.40 29.98
N LEU A 332 26.60 -1.77 31.07
CA LEU A 332 25.81 -2.53 32.04
C LEU A 332 24.47 -2.99 31.43
N ALA A 333 23.81 -2.13 30.66
CA ALA A 333 22.54 -2.52 30.06
C ALA A 333 22.71 -3.66 29.06
N ILE A 334 23.81 -3.67 28.30
CA ILE A 334 24.02 -4.78 27.36
C ILE A 334 24.39 -6.05 28.11
N SER A 335 25.22 -5.94 29.15
CA SER A 335 25.74 -7.13 29.84
C SER A 335 24.67 -7.81 30.67
N LYS A 336 23.92 -7.04 31.48
CA LYS A 336 22.91 -7.62 32.36
C LYS A 336 21.51 -7.68 31.75
N SER A 337 21.31 -7.11 30.56
CA SER A 337 19.99 -7.05 29.91
C SER A 337 18.96 -6.33 30.77
N PHE A 338 19.36 -5.22 31.37
CA PHE A 338 18.42 -4.26 31.96
C PHE A 338 18.02 -3.23 30.92
N LYS A 339 16.84 -2.63 31.11
CA LYS A 339 16.43 -1.51 30.29
C LYS A 339 17.06 -0.23 30.81
N LEU A 340 17.49 0.66 29.91
CA LEU A 340 18.08 1.93 30.31
C LEU A 340 17.06 3.03 30.13
N ASN A 341 16.77 3.77 31.20
CA ASN A 341 15.81 4.88 31.18
C ASN A 341 16.54 6.21 31.25
N LEU A 342 16.13 7.16 30.42
CA LEU A 342 16.79 8.46 30.32
C LEU A 342 15.81 9.56 30.68
N SER A 343 16.27 10.58 31.40
CA SER A 343 15.39 11.66 31.79
C SER A 343 15.43 12.78 30.75
N ALA A 344 14.42 13.65 30.78
CA ALA A 344 14.46 14.83 29.92
C ALA A 344 15.65 15.70 30.27
N GLY A 345 15.90 16.73 29.46
CA GLY A 345 17.09 17.55 29.57
C GLY A 345 18.10 17.16 28.50
N THR A 346 19.21 17.91 28.46
CA THR A 346 20.30 17.62 27.53
C THR A 346 21.48 17.00 28.27
N TYR A 347 22.01 15.92 27.70
CA TYR A 347 23.29 15.39 28.12
C TYR A 347 24.37 15.90 27.15
N TYR A 348 25.41 16.51 27.68
CA TYR A 348 26.49 17.05 26.89
C TYR A 348 27.58 15.99 26.67
N PHE A 349 28.12 15.91 25.46
CA PHE A 349 29.18 14.96 25.12
C PHE A 349 30.30 15.69 24.41
N GLU A 350 31.51 15.67 24.97
CA GLU A 350 32.64 16.27 24.25
C GLU A 350 33.91 15.49 24.58
N SER A 351 34.20 14.49 23.76
CA SER A 351 35.31 13.57 24.00
C SER A 351 35.84 13.02 22.69
N SER A 352 37.12 12.63 22.67
CA SER A 352 37.72 12.03 21.48
C SER A 352 37.20 10.62 21.18
N ASP A 353 36.54 9.96 22.12
CA ASP A 353 35.99 8.62 21.91
C ASP A 353 34.56 8.69 21.39
N THR A 354 34.18 7.66 20.63
CA THR A 354 32.83 7.57 20.09
C THR A 354 31.99 6.66 20.99
N LEU A 355 30.72 7.04 21.19
CA LEU A 355 29.84 6.25 22.04
C LEU A 355 29.41 4.99 21.30
N ARG A 356 29.67 3.81 21.87
CA ARG A 356 29.46 2.54 21.18
C ARG A 356 28.34 1.75 21.83
N ILE A 357 27.43 1.22 21.01
CA ILE A 357 26.47 0.19 21.41
C ILE A 357 26.92 -1.12 20.77
N THR A 358 27.21 -2.12 21.59
CA THR A 358 27.84 -3.33 21.10
C THR A 358 27.03 -4.62 21.29
N GLY A 359 25.75 -4.54 21.57
CA GLY A 359 24.92 -5.71 21.62
C GLY A 359 23.49 -5.30 21.84
N PRO A 360 22.59 -6.27 21.95
CA PRO A 360 21.16 -5.93 22.07
C PRO A 360 20.86 -5.17 23.36
N ILE A 361 19.93 -4.23 23.27
CA ILE A 361 19.71 -3.27 24.35
C ILE A 361 18.30 -2.70 24.23
N HIS A 362 17.70 -2.35 25.37
CA HIS A 362 16.48 -1.53 25.38
C HIS A 362 16.83 -0.14 25.92
N ILE A 363 16.47 0.90 25.19
CA ILE A 363 16.71 2.27 25.64
C ILE A 363 15.43 3.05 25.47
N GLU A 364 15.01 3.73 26.53
CA GLU A 364 13.78 4.49 26.48
C GLU A 364 14.06 5.88 27.03
N GLY A 365 13.77 6.92 26.24
CA GLY A 365 13.92 8.29 26.68
C GLY A 365 12.57 8.92 27.00
N ARG A 366 12.60 10.22 27.30
CA ARG A 366 11.38 10.97 27.53
C ARG A 366 11.26 12.06 26.47
N PRO A 367 10.06 12.58 26.22
CA PRO A 367 9.96 13.73 25.31
C PRO A 367 10.79 14.87 25.90
N GLY A 368 11.83 15.26 25.19
CA GLY A 368 12.76 16.24 25.70
C GLY A 368 14.12 15.68 26.04
N THR A 369 14.32 14.38 25.94
CA THR A 369 15.66 13.82 26.04
C THR A 369 16.48 14.27 24.84
N VAL A 370 17.63 14.92 25.09
CA VAL A 370 18.51 15.43 24.06
C VAL A 370 19.93 14.92 24.34
N PHE A 371 20.66 14.53 23.30
CA PHE A 371 22.09 14.23 23.36
C PHE A 371 22.82 15.26 22.52
N TYR A 372 23.67 16.08 23.12
CA TYR A 372 24.30 17.19 22.40
C TYR A 372 25.78 16.88 22.21
N HIS A 373 26.28 16.95 20.98
CA HIS A 373 27.64 16.51 20.71
C HIS A 373 28.54 17.67 20.26
N ASN A 374 29.59 17.93 21.03
CA ASN A 374 30.58 18.91 20.65
C ASN A 374 31.77 18.21 19.97
N PRO A 375 32.04 18.43 18.67
CA PRO A 375 33.10 17.66 18.00
C PRO A 375 34.50 18.25 18.17
N SER A 376 34.73 19.11 19.17
CA SER A 376 35.99 19.84 19.24
C SER A 376 37.18 18.95 19.54
N ASN A 377 36.99 17.91 20.36
CA ASN A 377 38.08 17.02 20.74
C ASN A 377 38.26 15.84 19.78
N LYS A 378 37.51 15.76 18.70
CA LYS A 378 37.62 14.61 17.82
C LYS A 378 38.90 14.74 16.99
N ALA A 379 39.45 13.60 16.56
CA ALA A 379 40.66 13.67 15.75
C ALA A 379 40.38 14.18 14.34
N ASN A 380 39.27 13.74 13.74
CA ASN A 380 38.78 14.29 12.47
C ASN A 380 37.37 14.81 12.72
N PRO A 381 37.21 16.08 13.10
CA PRO A 381 35.85 16.55 13.43
C PRO A 381 34.90 16.45 12.26
N LYS A 382 35.39 16.45 11.02
CA LYS A 382 34.47 16.49 9.90
C LYS A 382 33.82 15.15 9.63
N THR A 383 34.45 14.04 10.02
CA THR A 383 34.00 12.72 9.61
C THR A 383 33.85 11.74 10.76
N ASP A 384 34.23 12.11 11.98
CA ASP A 384 34.14 11.19 13.10
C ASP A 384 32.71 11.02 13.57
N ALA A 385 32.34 9.79 13.89
CA ALA A 385 30.98 9.47 14.31
C ALA A 385 30.76 9.83 15.76
N PHE A 386 29.55 10.26 16.09
CA PHE A 386 29.18 10.49 17.48
C PHE A 386 28.80 9.19 18.18
N MET A 387 27.91 8.39 17.56
CA MET A 387 27.43 7.10 18.07
C MET A 387 27.63 6.04 17.01
N ASN A 388 28.11 4.88 17.45
CA ASN A 388 28.32 3.72 16.61
C ASN A 388 27.42 2.61 17.14
N ILE A 389 26.68 1.94 16.28
CA ILE A 389 25.82 0.85 16.69
C ILE A 389 26.20 -0.40 15.91
N SER A 390 26.39 -1.51 16.61
CA SER A 390 26.76 -2.74 15.92
C SER A 390 26.38 -3.94 16.77
N GLY A 391 25.94 -5.02 16.13
CA GLY A 391 25.58 -6.22 16.84
C GLY A 391 24.29 -6.17 17.63
N CYS A 392 23.45 -5.17 17.40
CA CYS A 392 22.31 -4.91 18.26
C CYS A 392 21.05 -5.60 17.73
N SER A 393 21.06 -6.92 17.73
CA SER A 393 19.90 -7.69 17.27
C SER A 393 18.74 -7.62 18.27
N MET A 394 17.53 -7.45 17.75
CA MET A 394 16.32 -7.50 18.59
C MET A 394 16.28 -6.40 19.63
N GLY A 395 17.09 -5.36 19.45
CA GLY A 395 17.07 -4.25 20.39
C GLY A 395 16.01 -3.25 20.04
N ARG A 396 15.80 -2.30 20.95
CA ARG A 396 14.85 -1.22 20.73
C ARG A 396 15.42 0.07 21.29
N ILE A 397 15.39 1.16 20.51
CA ILE A 397 15.89 2.46 20.94
C ILE A 397 14.79 3.48 20.68
N SER A 398 14.47 4.33 21.66
CA SER A 398 13.32 5.17 21.39
C SER A 398 13.38 6.51 22.11
N SER A 399 12.80 7.51 21.45
CA SER A 399 12.55 8.83 22.01
C SER A 399 13.85 9.53 22.46
N ILE A 400 14.78 9.70 21.53
CA ILE A 400 16.02 10.45 21.73
C ILE A 400 16.16 11.51 20.65
N ASN A 401 16.75 12.66 20.97
CA ASN A 401 16.99 13.73 19.98
C ASN A 401 18.46 14.12 20.00
N CYS A 402 19.22 13.68 18.99
CA CYS A 402 20.64 14.01 18.89
C CYS A 402 20.80 15.26 18.05
N PHE A 403 21.58 16.24 18.53
CA PHE A 403 22.00 17.26 17.59
C PHE A 403 23.33 17.88 18.02
N SER A 404 23.94 18.60 17.08
CA SER A 404 25.34 19.02 17.21
C SER A 404 25.56 20.51 16.98
N ASN A 405 24.68 21.17 16.23
CA ASN A 405 24.82 22.58 15.84
C ASN A 405 26.19 22.87 15.27
N SER A 406 26.65 22.03 14.35
CA SER A 406 27.98 22.28 13.81
C SER A 406 28.11 21.98 12.34
N TYR A 407 27.25 21.16 11.76
CA TYR A 407 27.45 20.68 10.40
C TYR A 407 28.74 19.89 10.27
N LEU A 408 29.17 19.19 11.34
CA LEU A 408 30.34 18.31 11.30
C LEU A 408 30.02 16.96 11.94
N GLY A 409 30.62 15.88 11.41
CA GLY A 409 30.51 14.56 12.01
C GLY A 409 29.36 13.75 11.43
N LYS A 410 29.30 12.47 11.84
CA LYS A 410 28.19 11.56 11.57
C LYS A 410 27.34 11.43 12.81
N GLY A 411 26.03 11.33 12.64
CA GLY A 411 25.19 11.33 13.83
C GLY A 411 25.10 9.97 14.47
N ILE A 412 24.69 8.99 13.69
CA ILE A 412 24.64 7.61 14.11
C ILE A 412 25.21 6.77 12.99
N ASN A 413 26.25 6.00 13.27
CA ASN A 413 26.94 5.19 12.28
C ASN A 413 26.61 3.72 12.54
N PHE A 414 26.07 3.05 11.54
CA PHE A 414 25.72 1.64 11.65
C PHE A 414 26.84 0.83 11.07
N ASP A 415 27.23 -0.22 11.77
CA ASP A 415 28.51 -0.87 11.52
C ASP A 415 28.33 -2.38 11.61
N ARG A 416 29.37 -3.11 11.21
CA ARG A 416 29.42 -4.55 11.39
C ARG A 416 30.69 -4.96 12.09
N SER A 417 31.14 -4.15 13.05
CA SER A 417 32.35 -4.45 13.79
C SER A 417 32.13 -5.56 14.82
N VAL A 418 30.87 -5.78 15.23
CA VAL A 418 30.51 -6.86 16.13
C VAL A 418 29.57 -7.86 15.46
N GLY A 419 28.67 -7.38 14.60
CA GLY A 419 27.75 -8.26 13.90
C GLY A 419 26.61 -7.46 13.32
N ASP A 420 25.69 -8.18 12.70
CA ASP A 420 24.53 -7.57 12.05
C ASP A 420 23.52 -7.04 13.08
N ASN A 421 22.90 -5.90 12.78
CA ASN A 421 21.79 -5.37 13.59
C ASN A 421 20.49 -5.96 13.06
N ARG A 422 20.23 -7.21 13.42
CA ARG A 422 19.31 -8.02 12.63
C ARG A 422 17.87 -7.54 12.70
N LYS A 423 17.36 -7.19 13.86
CA LYS A 423 15.99 -6.68 13.84
C LYS A 423 15.85 -5.50 14.76
N LEU A 424 16.79 -4.57 14.69
CA LEU A 424 16.78 -3.42 15.56
C LEU A 424 15.63 -2.50 15.17
N VAL A 425 14.95 -1.92 16.15
CA VAL A 425 13.82 -1.01 15.90
C VAL A 425 14.13 0.36 16.48
N LEU A 426 14.11 1.40 15.65
CA LEU A 426 14.26 2.77 16.13
C LEU A 426 12.93 3.50 16.04
N GLU A 427 12.51 4.16 17.12
CA GLU A 427 11.18 4.76 17.15
C GLU A 427 11.27 6.13 17.82
N HIS A 428 10.85 7.18 17.11
CA HIS A 428 11.01 8.56 17.58
C HIS A 428 12.45 8.91 17.93
N VAL A 429 13.39 8.65 17.02
CA VAL A 429 14.77 9.09 17.17
C VAL A 429 15.05 10.17 16.14
N TYR A 430 15.55 11.31 16.59
CA TYR A 430 15.80 12.46 15.73
C TYR A 430 17.30 12.74 15.64
N VAL A 431 17.78 13.15 14.46
CA VAL A 431 19.20 13.49 14.34
C VAL A 431 19.31 14.76 13.52
N ASP A 432 19.93 15.81 14.08
CA ASP A 432 19.89 17.15 13.48
C ASP A 432 21.27 17.84 13.50
N THR A 433 21.55 18.62 12.46
CA THR A 433 22.71 19.52 12.32
C THR A 433 24.08 18.86 12.48
N PHE A 434 24.21 17.62 12.02
CA PHE A 434 25.49 16.99 11.80
C PHE A 434 25.86 17.15 10.32
N ARG A 435 26.90 16.44 9.86
CA ARG A 435 27.15 16.43 8.42
C ARG A 435 26.29 15.39 7.74
N TRP A 436 26.13 14.20 8.35
CA TRP A 436 25.19 13.19 7.89
C TRP A 436 24.39 12.73 9.08
N GLY A 437 23.10 12.49 8.92
CA GLY A 437 22.35 12.06 10.07
C GLY A 437 22.52 10.59 10.42
N PHE A 438 22.04 9.72 9.53
CA PHE A 438 22.18 8.28 9.66
C PHE A 438 23.14 7.84 8.58
N TYR A 439 24.23 7.17 8.96
CA TYR A 439 25.24 6.75 8.01
C TYR A 439 25.35 5.24 8.03
N VAL A 440 25.32 4.62 6.86
CA VAL A 440 25.71 3.23 6.69
C VAL A 440 26.70 3.16 5.53
N GLY A 441 27.83 2.49 5.74
CA GLY A 441 28.86 2.45 4.73
C GLY A 441 29.43 1.08 4.40
N GLU A 442 28.81 -0.02 4.83
CA GLU A 442 29.33 -1.34 4.51
C GLU A 442 28.16 -2.33 4.43
N PRO A 443 28.35 -3.46 3.75
CA PRO A 443 27.25 -4.37 3.49
C PRO A 443 26.88 -5.25 4.69
N GLU A 444 25.70 -5.84 4.60
CA GLU A 444 25.23 -6.87 5.54
C GLU A 444 25.22 -6.39 6.98
N CYS A 445 24.85 -5.14 7.24
CA CYS A 445 24.83 -4.72 8.63
C CYS A 445 23.52 -4.10 9.08
N ILE A 446 22.53 -3.92 8.23
CA ILE A 446 21.26 -3.39 8.70
C ILE A 446 20.12 -4.24 8.20
N ASN A 447 20.36 -5.54 8.01
CA ASN A 447 19.32 -6.43 7.54
C ASN A 447 18.07 -6.31 8.42
N GLN A 448 16.93 -6.16 7.80
CA GLN A 448 15.66 -6.13 8.50
C GLN A 448 15.54 -5.01 9.51
N ILE A 449 16.34 -3.94 9.40
CA ILE A 449 16.21 -2.86 10.37
C ILE A 449 14.89 -2.11 10.15
N GLU A 450 14.37 -1.47 11.19
CA GLU A 450 13.12 -0.71 11.12
C GLU A 450 13.30 0.72 11.65
N PHE A 451 12.82 1.71 10.89
CA PHE A 451 12.76 3.10 11.34
C PHE A 451 11.30 3.53 11.46
N HIS A 452 10.83 3.76 12.67
CA HIS A 452 9.45 4.20 12.87
C HIS A 452 9.46 5.62 13.37
N SER A 453 8.78 6.51 12.65
CA SER A 453 8.60 7.87 13.12
C SER A 453 9.92 8.56 13.45
N CYS A 454 10.96 8.36 12.66
CA CYS A 454 12.25 9.02 12.90
C CYS A 454 12.34 10.33 12.11
N ARG A 455 13.38 11.11 12.38
CA ARG A 455 13.54 12.37 11.66
C ARG A 455 15.01 12.66 11.46
N ALA A 456 15.38 13.12 10.26
CA ALA A 456 16.72 13.65 10.01
C ALA A 456 16.55 15.05 9.47
N GLN A 457 17.20 16.05 10.06
CA GLN A 457 16.85 17.42 9.73
C GLN A 457 18.05 18.36 9.79
N SER A 458 18.22 19.18 8.78
CA SER A 458 19.22 20.25 8.76
C SER A 458 20.65 19.73 8.85
N ASN A 459 20.96 18.56 8.28
CA ASN A 459 22.33 18.08 8.19
C ASN A 459 22.99 18.65 6.95
N TYR A 460 24.32 18.63 6.91
CA TYR A 460 24.99 19.37 5.86
C TYR A 460 24.83 18.68 4.52
N PHE A 461 25.13 17.38 4.43
CA PHE A 461 25.00 16.74 3.14
C PHE A 461 23.71 15.96 2.98
N GLN A 462 23.46 14.96 3.83
CA GLN A 462 22.30 14.10 3.65
C GLN A 462 21.68 13.83 5.01
N GLY A 463 20.40 13.49 5.00
CA GLY A 463 19.76 13.08 6.23
C GLY A 463 19.98 11.61 6.47
N ILE A 464 19.80 10.82 5.42
CA ILE A 464 20.02 9.38 5.40
C ILE A 464 21.04 9.09 4.32
N PHE A 465 22.14 8.41 4.67
CA PHE A 465 23.16 8.07 3.68
C PHE A 465 23.46 6.59 3.78
N ILE A 466 23.00 5.79 2.82
CA ILE A 466 23.28 4.36 2.85
C ILE A 466 24.07 4.02 1.62
N GLU A 467 25.25 3.43 1.79
CA GLU A 467 26.05 3.09 0.62
C GLU A 467 26.80 1.79 0.90
N SER A 468 26.28 0.67 0.38
CA SER A 468 26.87 -0.62 0.71
C SER A 468 28.27 -0.78 0.14
N PHE A 469 28.51 -0.27 -1.07
CA PHE A 469 29.82 -0.45 -1.66
C PHE A 469 30.07 0.67 -2.64
N LYS A 470 31.33 1.10 -2.73
CA LYS A 470 31.74 2.13 -3.66
C LYS A 470 32.05 1.54 -5.03
N GLU A 471 32.29 2.41 -5.99
CA GLU A 471 32.68 1.95 -7.32
C GLU A 471 34.06 1.31 -7.29
N GLY A 472 34.16 0.13 -7.89
CA GLY A 472 35.41 -0.61 -7.88
C GLY A 472 35.58 -1.58 -6.73
N GLN A 473 34.50 -1.94 -6.06
CA GLN A 473 34.56 -2.86 -4.92
C GLN A 473 33.62 -4.02 -5.12
N GLU A 474 33.89 -5.13 -4.44
CA GLU A 474 33.06 -6.32 -4.58
C GLU A 474 31.63 -6.00 -4.16
N TYR A 475 30.68 -6.51 -4.92
CA TYR A 475 29.27 -6.28 -4.65
C TYR A 475 28.75 -6.89 -3.36
N GLY A 476 27.87 -6.15 -2.69
CA GLY A 476 27.24 -6.60 -1.46
C GLY A 476 25.98 -5.78 -1.24
N HIS A 477 25.16 -6.23 -0.30
CA HIS A 477 23.93 -5.51 -0.02
C HIS A 477 23.41 -5.88 1.35
N SER A 478 22.45 -5.10 1.83
CA SER A 478 21.75 -5.45 3.05
C SER A 478 20.25 -5.40 2.75
N ALA A 479 19.51 -6.42 3.22
CA ALA A 479 18.14 -6.57 2.72
C ALA A 479 17.32 -7.45 3.63
N PRO A 480 16.04 -7.13 3.90
CA PRO A 480 15.32 -5.92 3.51
C PRO A 480 15.56 -4.68 4.38
N VAL A 481 15.00 -3.52 4.01
CA VAL A 481 15.08 -2.32 4.83
C VAL A 481 13.72 -1.65 4.82
N HIS A 482 13.23 -1.27 6.00
CA HIS A 482 11.87 -0.78 6.12
C HIS A 482 11.86 0.59 6.78
N PHE A 483 11.26 1.59 6.12
CA PHE A 483 11.03 2.89 6.75
C PHE A 483 9.52 3.09 6.86
N PHE A 484 9.05 3.52 8.03
CA PHE A 484 7.62 3.73 8.28
C PHE A 484 7.44 5.12 8.88
N ASN A 485 6.80 6.04 8.14
CA ASN A 485 6.52 7.42 8.62
C ASN A 485 7.76 8.17 9.10
N THR A 486 8.84 8.09 8.34
CA THR A 486 10.07 8.81 8.65
C THR A 486 10.16 10.06 7.79
N ILE A 487 10.76 11.13 8.31
CA ILE A 487 10.88 12.38 7.54
C ILE A 487 12.32 12.81 7.42
N CYS A 488 12.76 13.15 6.20
CA CYS A 488 14.00 13.88 5.96
C CYS A 488 13.64 15.26 5.47
N ASN A 489 14.19 16.29 6.09
CA ASN A 489 13.74 17.64 5.75
C ASN A 489 14.84 18.66 5.96
N GLY A 490 15.14 19.48 4.96
CA GLY A 490 16.08 20.57 5.17
C GLY A 490 17.54 20.23 5.05
N ASN A 491 17.90 18.94 4.89
CA ASN A 491 19.28 18.53 4.68
C ASN A 491 19.84 19.06 3.36
N GLY A 492 21.15 19.31 3.34
CA GLY A 492 21.78 19.91 2.19
C GLY A 492 22.44 21.24 2.55
N PRO A 493 23.48 21.63 1.80
CA PRO A 493 24.21 22.87 2.10
C PRO A 493 23.39 24.09 1.71
N THR A 494 23.00 24.89 2.70
CA THR A 494 22.40 26.20 2.49
C THR A 494 23.49 27.24 2.23
N SER A 495 23.09 28.46 1.89
CA SER A 495 24.07 29.52 1.64
C SER A 495 24.77 29.94 2.93
N PHE A 496 24.03 30.00 4.04
CA PHE A 496 24.65 30.31 5.32
C PHE A 496 25.68 29.25 5.68
N ALA A 497 25.31 27.98 5.55
CA ALA A 497 26.24 26.90 5.85
C ALA A 497 27.48 26.95 4.97
N LEU A 498 27.30 27.25 3.67
CA LEU A 498 28.46 27.36 2.79
C LEU A 498 29.41 28.44 3.26
N GLY A 499 28.89 29.56 3.76
CA GLY A 499 29.79 30.59 4.25
C GLY A 499 30.26 30.48 5.69
N ALA A 500 29.88 29.43 6.41
CA ALA A 500 30.07 29.40 7.84
C ALA A 500 31.45 28.86 8.22
N THR A 501 31.88 29.22 9.44
CA THR A 501 33.13 28.73 10.01
C THR A 501 32.87 28.36 11.46
N TYR A 502 33.09 27.09 11.81
CA TYR A 502 32.84 26.61 13.16
C TYR A 502 34.02 26.93 14.05
N LYS A 503 33.75 27.52 15.21
CA LYS A 503 34.79 27.83 16.20
C LYS A 503 34.72 26.83 17.34
N THR A 504 35.85 26.14 17.61
CA THR A 504 35.85 25.08 18.60
C THR A 504 36.11 25.65 20.00
N THR A 505 36.08 24.77 21.03
CA THR A 505 36.33 25.20 22.39
C THR A 505 37.81 25.42 22.69
N LYS A 506 38.71 25.03 21.79
CA LYS A 506 40.12 25.37 21.88
C LYS A 506 40.47 26.56 20.98
N ASN A 507 39.47 27.36 20.58
CA ASN A 507 39.64 28.53 19.73
C ASN A 507 40.28 28.17 18.39
N GLU A 508 39.88 27.05 17.82
CA GLU A 508 40.23 26.68 16.45
C GLU A 508 39.08 27.04 15.53
N TYR A 509 39.39 27.18 14.25
CA TYR A 509 38.39 27.51 13.25
C TYR A 509 38.40 26.40 12.20
N ILE A 510 37.21 25.98 11.80
CA ILE A 510 37.06 24.93 10.80
C ILE A 510 36.10 25.42 9.73
N LYS A 511 36.52 25.35 8.47
CA LYS A 511 35.60 25.68 7.40
C LYS A 511 34.54 24.61 7.29
N VAL A 512 33.27 25.03 7.35
CA VAL A 512 32.20 24.05 7.22
C VAL A 512 32.20 23.42 5.84
N MET A 513 32.52 24.19 4.78
CA MET A 513 32.33 23.66 3.44
C MET A 513 33.56 22.88 2.99
N ASP A 514 33.35 21.98 2.03
CA ASP A 514 34.45 21.28 1.36
C ASP A 514 34.88 21.97 0.08
N SER A 515 33.92 22.44 -0.71
CA SER A 515 34.16 23.18 -1.94
C SER A 515 33.03 24.18 -2.11
N VAL A 516 33.27 25.21 -2.93
CA VAL A 516 32.26 26.26 -3.04
C VAL A 516 31.07 25.83 -3.89
N ASN A 517 31.11 24.59 -4.43
CA ASN A 517 30.10 24.03 -5.31
C ASN A 517 29.36 22.86 -4.68
N ASP A 518 29.24 22.85 -3.35
CA ASP A 518 28.72 21.69 -2.63
C ASP A 518 27.22 21.55 -2.85
N VAL A 519 26.76 20.32 -3.06
CA VAL A 519 25.34 20.02 -3.20
C VAL A 519 25.05 18.75 -2.41
N GLY A 520 23.78 18.53 -2.08
CA GLY A 520 23.39 17.35 -1.33
C GLY A 520 22.02 16.85 -1.75
N CYS A 521 21.37 16.01 -0.95
CA CYS A 521 19.99 15.60 -1.18
C CYS A 521 19.40 15.19 0.16
N GLN A 522 18.16 14.76 0.18
CA GLN A 522 17.62 14.42 1.48
C GLN A 522 17.98 13.00 1.86
N ALA A 523 17.86 12.06 0.93
CA ALA A 523 18.14 10.67 1.23
C ALA A 523 18.91 10.03 0.08
N TYR A 524 19.93 9.24 0.41
CA TYR A 524 20.77 8.58 -0.59
C TYR A 524 20.76 7.09 -0.33
N PHE A 525 20.36 6.29 -1.31
CA PHE A 525 20.29 4.83 -1.16
C PHE A 525 21.14 4.18 -2.23
N GLN A 526 22.13 3.37 -1.80
CA GLN A 526 22.95 2.63 -2.77
C GLN A 526 23.16 1.19 -2.32
N GLY A 527 23.01 0.25 -3.25
CA GLY A 527 23.31 -1.15 -3.03
C GLY A 527 22.45 -1.81 -1.96
N LEU A 528 21.14 -1.77 -2.13
CA LEU A 528 20.23 -2.35 -1.17
C LEU A 528 19.27 -3.26 -1.92
N SER A 529 18.35 -3.89 -1.19
CA SER A 529 17.38 -4.74 -1.85
C SER A 529 16.12 -4.82 -0.99
N ASN A 530 14.95 -4.85 -1.63
CA ASN A 530 13.66 -4.97 -0.93
C ASN A 530 13.47 -3.84 0.07
N VAL A 531 13.49 -2.60 -0.41
CA VAL A 531 13.36 -1.41 0.43
C VAL A 531 11.96 -0.85 0.29
N GLN A 532 11.32 -0.58 1.43
CA GLN A 532 9.97 -0.03 1.46
C GLN A 532 10.01 1.30 2.19
N TYR A 533 9.49 2.36 1.56
CA TYR A 533 9.40 3.67 2.18
C TYR A 533 7.91 3.99 2.34
N ILE A 534 7.32 3.77 3.53
CA ILE A 534 5.87 3.84 3.71
C ILE A 534 5.52 5.18 4.35
N GLY A 535 4.70 5.99 3.70
CA GLY A 535 4.37 7.26 4.34
C GLY A 535 5.58 8.16 4.52
N GLY A 536 5.50 9.10 5.45
CA GLY A 536 6.63 9.95 5.72
C GLY A 536 6.66 11.17 4.82
N GLN A 537 7.83 11.81 4.75
CA GLN A 537 7.96 13.03 3.99
C GLN A 537 9.41 13.16 3.54
N LEU A 538 9.64 13.76 2.38
CA LEU A 538 10.98 14.22 1.97
C LEU A 538 10.81 15.64 1.45
N SER A 539 11.41 16.64 2.11
CA SER A 539 11.16 18.02 1.70
C SER A 539 12.38 18.90 1.90
N GLY A 540 12.54 19.88 1.01
CA GLY A 540 13.62 20.84 1.16
C GLY A 540 13.25 22.18 1.75
N HIS A 541 12.59 22.22 2.90
CA HIS A 541 12.27 23.51 3.50
C HIS A 541 13.54 24.22 3.93
N GLY A 542 13.66 25.50 3.58
CA GLY A 542 14.82 26.28 3.94
C GLY A 542 15.79 26.46 2.81
N SER A 543 15.48 25.92 1.63
CA SER A 543 16.22 26.16 0.40
C SER A 543 17.68 25.69 0.46
N PRO A 544 17.96 24.44 0.83
CA PRO A 544 19.30 23.91 0.61
C PRO A 544 19.53 23.59 -0.84
N ARG A 545 20.80 23.41 -1.19
CA ARG A 545 21.17 23.10 -2.56
C ARG A 545 21.07 21.59 -2.77
N ASN A 546 20.09 21.14 -3.54
CA ASN A 546 19.88 19.71 -3.71
C ASN A 546 19.98 19.28 -5.17
N THR A 547 20.59 18.12 -5.40
CA THR A 547 20.44 17.53 -6.72
C THR A 547 19.09 16.83 -6.86
N SER A 548 18.57 16.25 -5.78
CA SER A 548 17.27 15.60 -5.82
C SER A 548 16.72 15.58 -4.40
N LEU A 549 15.48 15.09 -4.26
CA LEU A 549 15.00 14.79 -2.91
C LEU A 549 15.44 13.40 -2.46
N ALA A 550 15.47 12.43 -3.37
CA ALA A 550 15.89 11.07 -3.08
C ALA A 550 16.64 10.53 -4.27
N THR A 551 17.82 9.95 -4.03
CA THR A 551 18.64 9.35 -5.07
C THR A 551 18.76 7.86 -4.81
N ILE A 552 18.44 7.04 -5.81
CA ILE A 552 18.39 5.59 -5.65
C ILE A 552 19.29 4.98 -6.70
N THR A 553 20.34 4.25 -6.29
CA THR A 553 21.27 3.70 -7.28
C THR A 553 21.54 2.24 -6.99
N GLN A 554 21.49 1.38 -7.99
CA GLN A 554 21.92 -0.01 -7.85
C GLN A 554 21.18 -0.75 -6.75
N CYS A 555 19.85 -0.71 -6.79
CA CYS A 555 18.96 -1.39 -5.86
C CYS A 555 18.03 -2.33 -6.61
N ASN A 556 17.57 -3.37 -5.92
CA ASN A 556 16.51 -4.23 -6.43
C ASN A 556 15.25 -4.01 -5.61
N SER A 557 14.17 -3.57 -6.27
CA SER A 557 12.88 -3.40 -5.60
C SER A 557 12.92 -2.31 -4.53
N PHE A 558 12.91 -1.05 -4.96
CA PHE A 558 12.61 0.10 -4.10
C PHE A 558 11.16 0.53 -4.30
N ILE A 559 10.36 0.53 -3.24
CA ILE A 559 8.93 0.84 -3.37
C ILE A 559 8.54 1.99 -2.47
N ILE A 560 7.81 2.96 -3.01
CA ILE A 560 7.38 4.15 -2.27
C ILE A 560 5.86 4.13 -2.15
N TYR A 561 5.33 4.17 -0.91
CA TYR A 561 3.88 4.14 -0.70
C TYR A 561 3.40 5.48 -0.14
N GLY A 562 2.85 6.34 -0.99
CA GLY A 562 2.23 7.55 -0.47
C GLY A 562 3.12 8.57 0.24
N THR A 563 4.40 8.67 -0.09
CA THR A 563 5.27 9.63 0.62
C THR A 563 5.06 11.06 0.15
N ASP A 564 5.08 11.99 1.08
CA ASP A 564 4.93 13.40 0.75
C ASP A 564 6.23 13.97 0.22
N LEU A 565 6.19 14.60 -0.95
CA LEU A 565 7.39 15.12 -1.59
C LEU A 565 7.17 16.59 -1.91
N GLU A 566 8.07 17.47 -1.52
CA GLU A 566 7.79 18.87 -1.82
C GLU A 566 9.02 19.74 -1.73
N ASP A 567 8.98 20.88 -2.42
CA ASP A 567 9.88 21.99 -2.13
C ASP A 567 11.35 21.58 -2.32
N ILE A 568 11.76 21.43 -3.58
CA ILE A 568 13.16 21.20 -3.93
C ILE A 568 13.70 22.42 -4.66
N ASN A 569 15.00 22.71 -4.43
CA ASN A 569 15.75 23.80 -5.07
C ASN A 569 16.82 23.15 -5.93
N GLY A 570 16.62 23.13 -7.25
CA GLY A 570 17.37 22.20 -8.08
C GLY A 570 18.76 22.70 -8.45
N PHE A 571 19.72 21.79 -8.37
CA PHE A 571 21.11 21.99 -8.81
C PHE A 571 21.57 20.74 -9.52
N THR A 572 22.52 20.87 -10.46
CA THR A 572 23.16 19.69 -11.03
C THR A 572 24.26 19.19 -10.09
N THR A 573 24.91 18.08 -10.46
CA THR A 573 25.98 17.56 -9.61
C THR A 573 27.16 18.55 -9.55
N ASP A 574 27.43 19.25 -10.65
CA ASP A 574 28.50 20.24 -10.70
C ASP A 574 28.28 21.38 -9.74
N GLY A 575 27.03 21.75 -9.48
CA GLY A 575 26.70 22.95 -8.76
C GLY A 575 26.00 24.01 -9.58
N THR A 576 25.54 23.68 -10.78
CA THR A 576 24.87 24.63 -11.66
C THR A 576 23.39 24.73 -11.29
N ALA A 577 22.89 25.95 -11.04
CA ALA A 577 21.48 26.07 -10.67
C ALA A 577 20.58 25.74 -11.86
N ILE A 578 19.54 24.94 -11.61
CA ILE A 578 18.60 24.56 -12.65
C ILE A 578 17.42 25.52 -12.57
N THR A 579 17.35 26.47 -13.51
CA THR A 579 16.26 27.44 -13.55
C THR A 579 15.51 27.30 -14.86
N ALA A 580 14.41 28.05 -14.98
CA ALA A 580 13.65 28.05 -16.23
C ALA A 580 14.48 28.56 -17.40
N ASP A 581 15.21 29.66 -17.19
CA ASP A 581 15.89 30.33 -18.29
C ASP A 581 16.93 29.45 -18.98
N ASN A 582 17.50 28.48 -18.28
CA ASN A 582 18.49 27.59 -18.88
C ASN A 582 18.02 26.14 -18.99
N ILE A 583 16.72 25.90 -18.82
CA ILE A 583 16.26 24.51 -18.68
C ILE A 583 16.67 23.68 -19.88
N ASP A 584 16.50 24.21 -21.10
CA ASP A 584 16.82 23.44 -22.31
C ASP A 584 18.29 23.09 -22.36
N THR A 585 19.16 24.04 -22.01
CA THR A 585 20.59 23.77 -21.97
C THR A 585 20.89 22.60 -21.04
N ILE A 586 20.24 22.57 -19.87
CA ILE A 586 20.48 21.47 -18.94
C ILE A 586 20.17 20.14 -19.61
N GLU A 587 19.00 20.07 -20.28
CA GLU A 587 18.57 18.81 -20.88
C GLU A 587 19.55 18.29 -21.91
N SER A 588 20.40 19.17 -22.49
CA SER A 588 21.39 18.72 -23.46
C SER A 588 22.70 18.30 -22.80
N ASN A 589 23.15 19.02 -21.77
CA ASN A 589 24.50 18.84 -21.28
C ASN A 589 24.58 17.96 -20.06
N TYR A 590 23.46 17.67 -19.40
CA TYR A 590 23.50 16.90 -18.18
C TYR A 590 22.53 15.73 -18.21
N LEU A 591 22.35 15.14 -19.40
CA LEU A 591 21.46 14.01 -19.52
C LEU A 591 21.95 12.81 -18.72
N LYS A 592 23.26 12.57 -18.68
CA LYS A 592 23.81 11.41 -17.97
C LYS A 592 24.20 11.74 -16.54
N ASP A 593 23.81 12.92 -16.06
CA ASP A 593 24.14 13.35 -14.71
C ASP A 593 23.10 12.83 -13.75
N ILE A 594 23.54 12.43 -12.56
CA ILE A 594 22.62 11.84 -11.58
C ILE A 594 22.06 13.00 -10.76
N SER A 595 21.09 13.68 -11.36
CA SER A 595 20.44 14.87 -10.80
C SER A 595 19.35 15.30 -11.77
N GLY A 596 18.56 16.27 -11.36
CA GLY A 596 17.59 16.86 -12.27
C GLY A 596 16.16 16.46 -12.00
N ALA A 597 15.84 15.98 -10.81
CA ALA A 597 14.48 15.53 -10.56
C ALA A 597 14.27 15.46 -9.07
N ALA A 598 13.01 15.35 -8.66
CA ALA A 598 12.74 15.08 -7.25
C ALA A 598 13.10 13.66 -6.85
N ILE A 599 12.92 12.66 -7.72
CA ILE A 599 13.34 11.28 -7.44
C ILE A 599 14.22 10.83 -8.59
N VAL A 600 15.50 10.58 -8.34
CA VAL A 600 16.41 10.09 -9.39
C VAL A 600 16.66 8.61 -9.21
N VAL A 601 16.43 7.81 -10.26
CA VAL A 601 16.49 6.37 -10.13
C VAL A 601 17.47 5.83 -11.16
N SER A 602 18.57 5.23 -10.72
CA SER A 602 19.61 4.76 -11.62
C SER A 602 19.93 3.29 -11.34
N SER A 603 19.78 2.42 -12.35
CA SER A 603 20.12 0.99 -12.27
C SER A 603 19.32 0.25 -11.22
N CYS A 604 18.01 0.42 -11.24
CA CYS A 604 17.18 -0.08 -10.15
C CYS A 604 16.14 -1.01 -10.74
N LEU A 605 16.07 -2.22 -10.22
CA LEU A 605 15.05 -3.17 -10.63
C LEU A 605 13.78 -2.94 -9.81
N GLY A 606 12.64 -3.13 -10.45
CA GLY A 606 11.45 -3.16 -9.63
C GLY A 606 11.19 -1.89 -8.86
N PHE A 607 11.42 -0.72 -9.48
CA PHE A 607 11.05 0.54 -8.85
C PHE A 607 9.54 0.75 -8.96
N LYS A 608 8.91 1.22 -7.88
CA LYS A 608 7.48 1.52 -7.96
C LYS A 608 7.11 2.71 -7.10
N ILE A 609 6.28 3.62 -7.63
CA ILE A 609 5.72 4.72 -6.85
C ILE A 609 4.22 4.84 -7.13
N ASP A 610 3.42 5.04 -6.06
CA ASP A 610 1.97 5.18 -6.21
C ASP A 610 1.61 6.65 -6.39
N SER A 611 0.44 7.10 -5.93
CA SER A 611 0.05 8.48 -6.27
C SER A 611 0.10 9.52 -5.16
N PRO A 612 1.28 9.94 -4.68
CA PRO A 612 1.32 10.98 -3.65
C PRO A 612 1.14 12.37 -4.22
N HIS A 613 0.95 13.32 -3.31
CA HIS A 613 0.80 14.72 -3.67
C HIS A 613 2.17 15.36 -3.64
N ILE A 614 2.48 16.10 -4.68
CA ILE A 614 3.79 16.69 -4.88
C ILE A 614 3.60 18.15 -5.22
N PHE A 615 4.41 19.03 -4.65
CA PHE A 615 4.26 20.40 -5.11
C PHE A 615 5.55 21.18 -4.90
N LYS A 616 5.66 22.27 -5.64
CA LYS A 616 6.76 23.23 -5.54
C LYS A 616 8.10 22.58 -5.87
N ILE A 617 8.20 22.04 -7.08
CA ILE A 617 9.36 21.31 -7.57
C ILE A 617 10.07 22.23 -8.55
N LYS A 618 11.15 22.84 -8.10
CA LYS A 618 11.90 23.78 -8.93
C LYS A 618 13.12 23.09 -9.52
N THR A 619 12.86 22.03 -10.28
CA THR A 619 13.90 21.32 -11.02
C THR A 619 13.24 20.79 -12.30
N LEU A 620 14.00 20.05 -13.09
CA LEU A 620 13.63 19.82 -14.49
C LEU A 620 12.41 18.92 -14.59
N SER A 621 12.34 17.90 -13.73
CA SER A 621 11.39 16.81 -13.84
C SER A 621 11.00 16.31 -12.47
N THR A 622 9.92 15.55 -12.41
CA THR A 622 9.52 15.01 -11.11
C THR A 622 10.12 13.65 -10.82
N ILE A 623 10.24 12.77 -11.82
CA ILE A 623 10.98 11.53 -11.71
C ILE A 623 11.92 11.40 -12.89
N LYS A 624 13.16 10.98 -12.62
CA LYS A 624 14.13 10.69 -13.68
C LYS A 624 14.56 9.24 -13.59
N LEU A 625 14.61 8.55 -14.73
CA LEU A 625 14.97 7.13 -14.78
C LEU A 625 16.16 6.94 -15.68
N MET A 626 17.19 6.24 -15.22
CA MET A 626 18.38 6.13 -16.06
C MET A 626 19.13 4.86 -15.75
N ASN A 627 20.08 4.53 -16.63
CA ASN A 627 21.06 3.46 -16.42
C ASN A 627 20.41 2.08 -16.25
N ASN A 628 19.57 1.71 -17.21
CA ASN A 628 18.99 0.37 -17.26
C ASN A 628 18.08 0.11 -16.07
N THR A 629 17.09 0.97 -15.94
CA THR A 629 15.98 0.79 -15.02
C THR A 629 14.83 0.29 -15.87
N TYR A 630 14.55 -1.01 -15.85
CA TYR A 630 13.80 -1.53 -16.98
C TYR A 630 12.44 -2.14 -16.72
N ASN A 631 11.92 -2.11 -15.51
CA ASN A 631 10.56 -2.56 -15.28
C ASN A 631 9.88 -1.66 -14.28
N TYR A 632 9.96 -0.34 -14.49
CA TYR A 632 9.37 0.55 -13.50
C TYR A 632 7.86 0.62 -13.67
N GLU A 633 7.21 1.21 -12.66
CA GLU A 633 5.76 1.39 -12.68
C GLU A 633 5.41 2.67 -11.94
N ILE A 634 4.80 3.61 -12.63
CA ILE A 634 4.59 4.95 -12.09
C ILE A 634 3.11 5.19 -11.94
N GLY A 635 2.67 5.48 -10.71
CA GLY A 635 1.26 5.74 -10.43
C GLY A 635 0.95 7.21 -10.63
N GLY A 636 -0.31 7.57 -10.43
CA GLY A 636 -0.61 8.92 -10.84
C GLY A 636 -0.47 9.98 -9.78
N PHE A 637 0.73 10.56 -9.67
CA PHE A 637 0.96 11.61 -8.69
C PHE A 637 0.48 12.95 -9.23
N THR A 638 0.65 14.03 -8.46
CA THR A 638 0.18 15.33 -8.93
C THR A 638 0.93 15.76 -10.19
N PRO A 639 0.24 16.03 -11.31
CA PRO A 639 0.94 16.43 -12.54
C PRO A 639 1.28 17.91 -12.60
N ASP A 640 2.29 18.22 -13.44
CA ASP A 640 2.64 19.60 -13.82
C ASP A 640 3.20 20.40 -12.65
N GLU A 641 4.11 19.81 -11.88
CA GLU A 641 4.74 20.53 -10.80
C GLU A 641 6.18 20.92 -11.08
N ALA A 642 6.88 20.20 -11.94
CA ALA A 642 8.27 20.47 -12.28
C ALA A 642 8.36 21.61 -13.31
N LEU A 643 9.55 21.74 -13.92
CA LEU A 643 9.80 22.79 -14.91
C LEU A 643 9.59 22.33 -16.36
N LYS A 644 9.97 21.09 -16.70
CA LYS A 644 9.82 20.64 -18.08
C LYS A 644 8.94 19.41 -18.24
N TYR A 645 9.17 18.33 -17.47
CA TYR A 645 8.48 17.05 -17.70
C TYR A 645 7.82 16.57 -16.42
N ASN A 646 7.00 15.52 -16.55
CA ASN A 646 6.55 14.72 -15.41
C ASN A 646 7.40 13.46 -15.20
N VAL A 647 7.76 12.77 -16.28
CA VAL A 647 8.67 11.63 -16.25
C VAL A 647 9.73 11.85 -17.29
N TRP A 648 10.98 11.73 -16.91
CA TRP A 648 12.11 11.98 -17.79
C TRP A 648 12.92 10.70 -17.83
N ASP A 649 12.91 10.02 -18.94
CA ASP A 649 13.61 8.77 -19.13
C ASP A 649 14.92 9.07 -19.83
N ALA A 650 16.04 8.62 -19.26
CA ALA A 650 17.37 8.83 -19.83
C ALA A 650 18.09 7.51 -20.09
N ASN A 651 17.35 6.40 -20.18
CA ASN A 651 17.95 5.12 -20.54
C ASN A 651 18.46 5.18 -21.98
N GLY A 652 19.74 4.87 -22.20
CA GLY A 652 20.34 5.04 -23.51
C GLY A 652 21.36 4.04 -24.02
N LEU A 653 21.23 2.76 -23.65
CA LEU A 653 22.13 1.71 -24.13
C LEU A 653 21.40 0.78 -25.09
N ALA A 654 22.09 0.39 -26.17
CA ALA A 654 21.45 -0.39 -27.22
C ALA A 654 21.07 -1.80 -26.76
N THR A 655 21.76 -2.36 -25.77
CA THR A 655 21.50 -3.74 -25.39
C THR A 655 20.44 -3.87 -24.30
N ASN A 656 19.90 -2.76 -23.81
CA ASN A 656 18.84 -2.75 -22.81
C ASN A 656 17.48 -2.93 -23.45
N ARG A 657 16.55 -3.49 -22.67
CA ARG A 657 15.17 -3.66 -23.12
C ARG A 657 14.28 -3.18 -21.99
N ILE A 658 13.71 -1.98 -22.16
CA ILE A 658 12.97 -1.27 -21.12
C ILE A 658 11.48 -1.46 -21.40
N SER A 659 10.68 -1.51 -20.33
CA SER A 659 9.24 -1.68 -20.47
C SER A 659 8.59 -1.13 -19.21
N GLY A 660 8.01 0.07 -19.28
CA GLY A 660 7.39 0.62 -18.09
C GLY A 660 5.88 0.76 -18.20
N VAL A 661 5.24 1.07 -17.09
CA VAL A 661 3.81 1.37 -17.02
C VAL A 661 3.70 2.77 -16.41
N ILE A 662 3.00 3.68 -17.07
CA ILE A 662 2.84 5.06 -16.61
C ILE A 662 1.35 5.39 -16.55
N HIS A 663 0.90 6.00 -15.45
CA HIS A 663 -0.53 6.32 -15.36
C HIS A 663 -0.93 7.23 -16.52
N PRO A 664 -2.06 7.01 -17.19
CA PRO A 664 -2.32 7.77 -18.41
C PRO A 664 -2.47 9.26 -18.21
N ARG A 665 -2.91 9.73 -17.04
CA ARG A 665 -3.20 11.15 -16.88
C ARG A 665 -1.95 12.02 -16.76
N LEU A 666 -0.77 11.40 -16.64
CA LEU A 666 0.48 12.14 -16.67
C LEU A 666 0.92 12.47 -18.09
N VAL A 667 0.39 11.76 -19.08
CA VAL A 667 0.88 11.90 -20.45
C VAL A 667 0.17 13.02 -21.18
N ASN A 668 -1.12 13.22 -20.96
CA ASN A 668 -1.80 14.36 -21.59
C ASN A 668 -1.93 15.52 -20.62
N SER A 669 -0.83 16.04 -20.09
CA SER A 669 -0.88 17.14 -19.15
C SER A 669 -0.05 18.30 -19.70
N ARG A 670 0.00 19.40 -18.96
CA ARG A 670 0.66 20.59 -19.49
C ARG A 670 2.13 20.33 -19.81
N LEU A 671 2.77 19.41 -19.09
CA LEU A 671 4.18 19.09 -19.31
C LEU A 671 4.40 17.73 -19.98
N GLY A 672 3.55 16.74 -19.70
CA GLY A 672 3.65 15.45 -20.36
C GLY A 672 4.98 14.80 -20.02
N ILE A 673 5.39 13.83 -20.86
CA ILE A 673 6.58 13.02 -20.68
C ILE A 673 7.46 13.16 -21.91
N ASN A 674 8.74 12.78 -21.80
CA ASN A 674 9.63 13.08 -22.92
C ASN A 674 9.53 11.99 -23.97
N SER A 675 10.28 12.10 -25.08
CA SER A 675 10.09 11.14 -26.17
C SER A 675 10.50 9.71 -25.80
N VAL A 676 11.59 9.53 -25.04
CA VAL A 676 12.07 8.20 -24.66
C VAL A 676 11.09 7.51 -23.71
N ALA A 677 10.46 8.29 -22.81
CA ALA A 677 9.53 7.67 -21.88
C ALA A 677 8.32 7.11 -22.62
N PHE A 678 7.81 7.83 -23.61
CA PHE A 678 6.74 7.31 -24.47
C PHE A 678 7.23 6.12 -25.28
N ASP A 679 8.47 6.17 -25.75
CA ASP A 679 9.04 4.99 -26.40
C ASP A 679 8.87 3.76 -25.53
N ASN A 680 9.19 3.89 -24.25
CA ASN A 680 9.26 2.76 -23.34
C ASN A 680 7.96 2.50 -22.58
N MET A 681 6.87 3.17 -22.95
CA MET A 681 5.59 3.08 -22.24
C MET A 681 4.79 1.97 -22.87
N SER A 682 4.71 0.84 -22.19
CA SER A 682 4.07 -0.31 -22.80
C SER A 682 2.56 -0.11 -22.94
N ASN A 683 1.95 0.72 -22.09
CA ASN A 683 0.50 0.93 -22.23
C ASN A 683 0.17 2.17 -23.05
N LYS A 684 0.93 2.45 -24.11
CA LYS A 684 0.79 3.74 -24.79
C LYS A 684 -0.53 3.86 -25.51
N LEU A 685 -1.20 2.76 -25.83
CA LEU A 685 -2.49 2.78 -26.51
C LEU A 685 -3.64 3.17 -25.57
N ASP A 686 -3.34 3.56 -24.33
CA ASP A 686 -4.35 4.03 -23.41
C ASP A 686 -4.54 5.54 -23.49
N VAL A 687 -3.67 6.24 -24.20
CA VAL A 687 -3.72 7.69 -24.24
C VAL A 687 -3.71 8.15 -25.68
N SER A 688 -3.46 7.24 -26.61
CA SER A 688 -3.22 7.63 -28.00
C SER A 688 -3.79 6.62 -28.96
N SER A 689 -3.91 7.01 -30.22
CA SER A 689 -4.16 6.08 -31.29
C SER A 689 -3.34 6.53 -32.49
N LEU A 690 -3.05 5.58 -33.39
CA LEU A 690 -2.30 5.87 -34.60
C LEU A 690 -3.10 6.71 -35.59
N ILE A 691 -2.53 7.84 -36.01
CA ILE A 691 -3.10 8.57 -37.14
C ILE A 691 -2.36 8.36 -38.45
N HIS A 692 -1.27 7.59 -38.46
CA HIS A 692 -0.62 7.20 -39.69
C HIS A 692 0.24 5.99 -39.37
N ASN A 693 0.05 4.91 -40.13
CA ASN A 693 0.85 3.70 -39.96
C ASN A 693 1.20 3.14 -41.31
N GLU A 694 2.49 2.92 -41.55
CA GLU A 694 2.90 2.54 -42.90
C GLU A 694 4.21 1.78 -42.83
N THR A 695 4.35 0.74 -43.66
CA THR A 695 5.59 -0.02 -43.76
C THR A 695 5.79 -0.42 -45.22
N SER A 696 6.93 -1.02 -45.54
CA SER A 696 7.20 -1.37 -46.92
C SER A 696 6.65 -2.75 -47.29
N GLN A 697 6.31 -2.93 -48.56
CA GLN A 697 5.78 -4.21 -49.06
C GLN A 697 6.82 -5.32 -48.97
N ILE A 698 6.38 -6.54 -49.26
CA ILE A 698 7.25 -7.72 -49.25
C ILE A 698 7.85 -7.98 -50.63
N ILE A 699 7.05 -7.84 -51.69
CA ILE A 699 7.47 -8.13 -53.06
C ILE A 699 7.52 -6.82 -53.81
N GLY A 700 8.71 -6.48 -54.34
CA GLY A 700 8.87 -5.21 -55.00
C GLY A 700 8.15 -5.16 -56.33
N LEU A 701 7.63 -3.98 -56.66
CA LEU A 701 6.95 -3.76 -57.93
C LEU A 701 7.96 -3.46 -59.03
N THR A 702 7.51 -3.68 -60.28
CA THR A 702 8.34 -3.49 -61.47
C THR A 702 8.32 -2.02 -61.89
N PRO A 703 9.49 -1.39 -62.14
CA PRO A 703 10.84 -1.95 -61.95
C PRO A 703 11.51 -1.55 -60.64
N SER A 704 12.30 -2.45 -60.06
CA SER A 704 12.94 -2.18 -58.78
C SER A 704 14.14 -3.09 -58.62
N THR A 705 15.00 -2.74 -57.65
CA THR A 705 16.15 -3.55 -57.31
C THR A 705 16.12 -4.03 -55.86
N GLY A 706 14.96 -3.96 -55.21
CA GLY A 706 14.87 -4.30 -53.80
C GLY A 706 13.49 -3.96 -53.31
N SER A 707 13.25 -4.31 -52.05
CA SER A 707 11.93 -4.06 -51.44
C SER A 707 12.08 -3.47 -50.05
N ASN A 708 12.90 -2.43 -49.91
CA ASN A 708 13.13 -1.82 -48.61
C ASN A 708 12.26 -0.60 -48.31
N VAL A 709 11.72 0.10 -49.31
CA VAL A 709 10.90 1.28 -49.08
C VAL A 709 9.56 1.10 -49.81
N PRO A 710 8.55 1.88 -49.45
CA PRO A 710 7.30 1.86 -50.21
C PRO A 710 7.52 2.20 -51.69
N HIS A 711 6.86 1.45 -52.57
CA HIS A 711 7.03 1.63 -54.02
C HIS A 711 5.88 2.38 -54.68
N THR A 712 4.87 2.81 -53.93
CA THR A 712 3.79 3.63 -54.45
C THR A 712 3.53 4.80 -53.51
N ARG A 713 2.77 5.78 -54.01
CA ARG A 713 2.40 6.97 -53.26
C ARG A 713 0.98 6.85 -52.74
N ILE A 714 0.56 5.62 -52.44
CA ILE A 714 -0.82 5.32 -52.09
C ILE A 714 -1.25 6.03 -50.80
N MET A 715 -0.35 6.23 -49.81
CA MET A 715 -0.66 6.84 -48.50
C MET A 715 -0.57 8.37 -48.51
N TRP A 716 -0.21 9.03 -49.62
CA TRP A 716 0.12 10.46 -49.57
C TRP A 716 -0.67 11.28 -50.58
N SER A 717 -1.14 12.45 -50.16
CA SER A 717 -1.97 13.29 -51.02
C SER A 717 -1.17 14.18 -51.97
N ASN A 718 0.12 14.38 -51.74
CA ASN A 718 0.90 15.22 -52.64
C ASN A 718 2.26 14.57 -52.88
N GLY A 719 2.93 14.99 -53.95
CA GLY A 719 4.31 14.60 -54.19
C GLY A 719 4.44 13.55 -55.25
N ALA A 720 5.58 12.86 -55.25
CA ALA A 720 5.83 11.92 -56.33
C ALA A 720 6.93 10.95 -55.93
N MET A 721 7.16 9.95 -56.77
CA MET A 721 8.27 9.02 -56.56
C MET A 721 9.51 9.55 -57.24
N TYR A 722 10.66 9.21 -56.69
CA TYR A 722 11.90 9.84 -57.13
C TYR A 722 12.19 9.52 -58.59
N SER A 723 12.19 8.24 -58.92
CA SER A 723 12.51 7.80 -60.25
C SER A 723 11.59 6.64 -60.60
N SER A 724 11.07 6.68 -61.81
CA SER A 724 10.14 5.69 -62.32
C SER A 724 10.83 4.51 -63.00
N THR A 725 12.17 4.47 -63.02
CA THR A 725 12.95 3.34 -63.50
C THR A 725 13.54 2.48 -62.38
N ASP A 726 13.59 2.97 -61.15
CA ASP A 726 13.97 2.17 -59.99
C ASP A 726 13.10 2.63 -58.84
N LEU A 727 12.02 1.90 -58.58
CA LEU A 727 11.10 2.33 -57.55
C LEU A 727 11.69 2.20 -56.16
N ASN A 728 12.78 1.46 -56.00
CA ASN A 728 13.35 1.28 -54.66
C ASN A 728 14.12 2.48 -54.18
N ASN A 729 14.19 3.55 -54.97
CA ASN A 729 14.76 4.79 -54.48
C ASN A 729 13.84 5.46 -53.47
N GLY A 730 12.54 5.25 -53.60
CA GLY A 730 11.59 5.77 -52.64
C GLY A 730 10.99 7.09 -53.09
N PHE A 731 10.49 7.83 -52.10
CA PHE A 731 9.83 9.11 -52.35
C PHE A 731 10.82 10.16 -52.85
N ARG A 732 10.29 11.17 -53.53
CA ARG A 732 11.07 12.33 -53.96
C ARG A 732 11.01 13.39 -52.88
N LEU A 733 12.18 13.87 -52.45
CA LEU A 733 12.30 14.89 -51.41
C LEU A 733 12.65 16.23 -52.06
N ASN A 734 11.75 17.19 -52.00
CA ASN A 734 11.99 18.48 -52.62
C ASN A 734 12.54 19.47 -51.61
N TYR A 735 13.16 20.53 -52.12
CA TYR A 735 13.83 21.49 -51.26
C TYR A 735 12.83 22.37 -50.54
N LEU A 736 13.05 22.57 -49.24
CA LEU A 736 12.34 23.57 -48.45
C LEU A 736 13.36 24.30 -47.59
N SER A 737 13.28 25.63 -47.54
CA SER A 737 14.37 26.38 -46.91
C SER A 737 14.35 26.27 -45.38
N ASN A 738 13.17 26.32 -44.78
CA ASN A 738 13.04 26.20 -43.33
C ASN A 738 11.68 25.63 -42.99
N HIS A 739 11.57 25.07 -41.79
CA HIS A 739 10.37 24.30 -41.47
C HIS A 739 9.11 25.14 -41.33
N ASN A 740 9.20 26.47 -41.35
CA ASN A 740 8.01 27.30 -41.23
C ASN A 740 7.54 27.84 -42.57
N GLU A 741 8.13 27.38 -43.66
CA GLU A 741 7.76 27.84 -45.00
C GLU A 741 6.51 27.10 -45.48
N PRO A 742 5.78 27.68 -46.44
CA PRO A 742 4.60 26.98 -46.97
C PRO A 742 4.98 25.77 -47.81
N LEU A 743 4.22 24.69 -47.64
CA LEU A 743 4.42 23.47 -48.42
C LEU A 743 3.58 23.54 -49.70
N THR A 744 4.18 23.16 -50.83
CA THR A 744 3.56 23.21 -52.14
C THR A 744 3.12 21.81 -52.58
N PRO A 745 2.28 21.69 -53.62
CA PRO A 745 1.90 20.35 -54.10
C PRO A 745 3.06 19.54 -54.68
N MET A 746 4.26 20.11 -54.76
CA MET A 746 5.43 19.33 -55.16
C MET A 746 6.04 18.54 -54.01
N HIS A 747 5.74 18.93 -52.77
CA HIS A 747 6.33 18.28 -51.61
C HIS A 747 5.46 17.13 -51.16
N LEU A 748 6.08 16.09 -50.62
CA LEU A 748 5.37 14.91 -50.15
C LEU A 748 4.76 15.21 -48.78
N TYR A 749 3.44 15.39 -48.71
CA TYR A 749 2.84 15.75 -47.43
C TYR A 749 1.35 15.41 -47.39
N ASN A 750 0.79 15.43 -46.17
CA ASN A 750 -0.61 15.16 -45.92
C ASN A 750 -1.15 16.22 -45.00
N GLU A 751 -2.47 16.41 -45.00
CA GLU A 751 -3.10 17.43 -44.19
C GLU A 751 -4.41 16.93 -43.59
N PHE A 752 -4.66 17.26 -42.32
CA PHE A 752 -6.00 16.95 -41.78
C PHE A 752 -6.42 17.99 -40.76
N SER A 753 -7.71 18.02 -40.43
CA SER A 753 -8.24 19.07 -39.56
C SER A 753 -8.69 18.53 -38.22
N VAL A 754 -8.56 19.35 -37.17
CA VAL A 754 -8.80 18.97 -35.78
C VAL A 754 -9.69 19.99 -35.07
N SER A 755 -10.38 19.52 -34.00
CA SER A 755 -11.26 20.33 -33.14
C SER A 755 -12.33 21.06 -33.95
N GLU A 756 -13.26 20.28 -34.49
CA GLU A 756 -14.37 20.84 -35.28
C GLU A 756 -15.65 20.81 -34.44
N PHE A 757 -15.97 21.94 -33.82
CA PHE A 757 -17.19 22.09 -33.04
C PHE A 757 -18.09 23.14 -33.68
N GLY A 758 -19.40 23.02 -33.40
CA GLY A 758 -20.39 23.84 -34.06
C GLY A 758 -20.47 25.23 -33.50
N GLY A 759 -21.40 26.00 -34.06
CA GLY A 759 -21.51 27.40 -33.67
C GLY A 759 -22.24 27.64 -32.36
N SER A 760 -22.86 26.62 -31.81
CA SER A 760 -23.59 26.70 -30.55
C SER A 760 -22.70 26.41 -29.35
N VAL A 761 -21.43 26.09 -29.57
CA VAL A 761 -20.49 25.69 -28.54
C VAL A 761 -19.41 26.75 -28.45
N THR A 762 -19.18 27.27 -27.26
CA THR A 762 -18.06 28.18 -27.06
C THR A 762 -16.75 27.39 -27.01
N GLU A 763 -15.68 28.02 -27.49
CA GLU A 763 -14.39 27.34 -27.54
C GLU A 763 -13.86 27.06 -26.14
N SER A 764 -14.23 27.89 -25.16
CA SER A 764 -13.82 27.67 -23.77
C SER A 764 -14.38 26.37 -23.21
N ASN A 765 -15.52 25.94 -23.74
CA ASN A 765 -16.16 24.70 -23.28
C ASN A 765 -15.72 23.46 -24.05
N ALA A 766 -15.68 23.57 -25.39
CA ALA A 766 -15.32 22.43 -26.24
C ALA A 766 -13.90 21.89 -26.05
N LEU A 767 -12.93 22.81 -25.93
CA LEU A 767 -11.49 22.56 -25.72
C LEU A 767 -10.74 22.05 -26.96
N ASP A 768 -9.45 21.78 -26.79
CA ASP A 768 -8.59 21.27 -27.86
C ASP A 768 -8.80 19.76 -28.07
N GLU A 769 -8.43 19.27 -29.25
CA GLU A 769 -8.60 17.85 -29.55
C GLU A 769 -7.32 17.01 -29.41
N ILE A 770 -6.19 17.53 -29.85
CA ILE A 770 -4.94 16.78 -29.77
C ILE A 770 -3.94 17.64 -29.00
N LYS A 771 -3.28 17.03 -28.01
CA LYS A 771 -2.33 17.71 -27.16
C LYS A 771 -0.90 17.53 -27.65
N TYR A 772 -0.46 16.30 -27.86
CA TYR A 772 0.88 16.02 -28.33
C TYR A 772 0.79 15.08 -29.51
N ILE A 773 1.85 15.08 -30.32
CA ILE A 773 1.97 14.12 -31.41
C ILE A 773 3.35 13.50 -31.31
N PHE A 774 3.42 12.17 -31.41
CA PHE A 774 4.68 11.45 -31.32
C PHE A 774 4.96 10.75 -32.64
N ILE A 775 6.17 10.94 -33.18
CA ILE A 775 6.53 10.32 -34.45
C ILE A 775 7.68 9.32 -34.31
N GLN A 776 7.49 8.12 -34.85
CA GLN A 776 8.53 7.10 -34.81
C GLN A 776 8.99 6.78 -36.22
N THR A 777 10.29 6.86 -36.45
CA THR A 777 10.85 6.58 -37.76
C THR A 777 12.21 5.90 -37.63
N THR A 778 12.66 5.24 -38.70
CA THR A 778 13.94 4.56 -38.66
C THR A 778 15.10 5.54 -38.46
N TYR A 779 16.24 4.99 -37.99
CA TYR A 779 17.45 5.73 -37.65
C TYR A 779 18.47 5.66 -38.78
N ALA A 780 19.24 6.76 -38.95
CA ALA A 780 20.39 6.78 -39.83
C ALA A 780 21.38 7.78 -39.24
N ASN A 781 22.65 7.64 -39.61
CA ASN A 781 23.65 8.48 -38.98
C ASN A 781 23.73 9.88 -39.57
N SER A 782 23.27 10.07 -40.81
CA SER A 782 23.37 11.36 -41.46
C SER A 782 22.40 11.41 -42.64
N GLY A 783 22.18 12.61 -43.14
CA GLY A 783 21.40 12.82 -44.34
C GLY A 783 20.74 14.18 -44.29
N ASP A 784 20.41 14.69 -45.47
CA ASP A 784 19.83 16.02 -45.61
C ASP A 784 18.31 16.03 -45.60
N GLY A 785 17.66 14.87 -45.71
CA GLY A 785 16.21 14.83 -45.66
C GLY A 785 15.68 15.14 -44.27
N ARG A 786 14.45 15.60 -44.22
CA ARG A 786 13.84 15.99 -42.96
C ARG A 786 12.41 15.49 -42.93
N PHE A 787 11.96 15.07 -41.76
CA PHE A 787 10.54 14.88 -41.51
C PHE A 787 9.98 16.17 -40.94
N ILE A 788 8.93 16.71 -41.54
CA ILE A 788 8.43 18.03 -41.17
C ILE A 788 7.01 17.91 -40.66
N ILE A 789 6.67 18.68 -39.63
CA ILE A 789 5.30 18.73 -39.15
C ILE A 789 4.94 20.16 -38.76
N GLN A 790 3.73 20.58 -39.14
CA GLN A 790 3.27 21.96 -38.96
C GLN A 790 1.86 21.99 -38.36
N ALA A 791 1.62 22.90 -37.43
CA ALA A 791 0.29 23.19 -36.91
C ALA A 791 -0.14 24.58 -37.38
N LEU A 792 -1.33 24.64 -37.99
CA LEU A 792 -1.82 25.82 -38.68
C LEU A 792 -3.16 26.24 -38.10
N ASP A 793 -3.40 27.54 -38.11
CA ASP A 793 -4.67 28.07 -37.64
C ASP A 793 -5.66 28.06 -38.79
N ALA A 794 -6.82 28.70 -38.59
CA ALA A 794 -7.89 28.60 -39.58
C ALA A 794 -7.47 29.19 -40.91
N SER A 795 -6.83 30.37 -40.90
CA SER A 795 -6.45 31.04 -42.14
C SER A 795 -5.05 30.66 -42.60
N GLY A 796 -4.76 29.36 -42.63
CA GLY A 796 -3.53 28.87 -43.25
C GLY A 796 -2.21 29.25 -42.60
N SER A 797 -2.20 30.22 -41.69
CA SER A 797 -0.96 30.71 -41.12
C SER A 797 -0.37 29.69 -40.15
N VAL A 798 0.96 29.60 -40.12
CA VAL A 798 1.65 28.58 -39.33
C VAL A 798 1.74 29.05 -37.88
N LEU A 799 1.01 28.37 -36.98
CA LEU A 799 1.17 28.66 -35.55
C LEU A 799 2.48 28.07 -35.03
N SER A 800 2.81 26.84 -35.44
CA SER A 800 4.01 26.20 -34.92
C SER A 800 4.50 25.16 -35.94
N SER A 801 5.77 24.77 -35.82
CA SER A 801 6.30 23.87 -36.83
C SER A 801 7.63 23.32 -36.35
N ASN A 802 8.11 22.29 -37.03
CA ASN A 802 9.38 21.70 -36.62
C ASN A 802 9.78 20.66 -37.64
N TRP A 803 11.07 20.38 -37.72
CA TRP A 803 11.47 19.23 -38.51
C TRP A 803 12.59 18.48 -37.84
N TYR A 804 12.84 17.28 -38.35
CA TYR A 804 13.68 16.32 -37.66
C TYR A 804 14.57 15.59 -38.65
N SER A 805 15.78 15.40 -38.28
CA SER A 805 16.84 14.83 -39.07
C SER A 805 16.89 13.33 -38.85
N PRO A 806 17.52 12.56 -39.73
CA PRO A 806 17.57 11.10 -39.49
C PRO A 806 18.12 10.72 -38.12
N GLN A 807 19.18 11.39 -37.63
CA GLN A 807 19.79 11.04 -36.35
C GLN A 807 19.04 11.60 -35.16
N SER A 808 17.97 12.37 -35.39
CA SER A 808 17.09 12.74 -34.29
C SER A 808 16.31 11.55 -33.78
N PHE A 809 16.07 10.55 -34.64
CA PHE A 809 15.23 9.40 -34.29
C PHE A 809 16.10 8.32 -33.66
N ASN A 810 16.56 8.56 -32.44
CA ASN A 810 17.58 7.67 -31.89
C ASN A 810 17.29 7.25 -30.46
N SER A 811 16.04 7.31 -30.01
CA SER A 811 15.71 6.84 -28.68
C SER A 811 15.85 5.34 -28.55
N THR A 812 15.92 4.59 -29.66
CA THR A 812 16.23 3.15 -29.68
C THR A 812 17.33 2.87 -30.70
N PHE A 813 18.40 3.66 -30.64
CA PHE A 813 19.60 3.42 -31.42
C PHE A 813 19.99 1.95 -31.38
N PRO A 814 20.37 1.32 -32.51
CA PRO A 814 20.54 1.90 -33.85
C PRO A 814 19.44 1.61 -34.86
N ILE A 815 18.23 1.36 -34.40
CA ILE A 815 17.18 0.92 -35.29
C ILE A 815 16.22 2.07 -35.58
N SER A 816 15.56 2.58 -34.54
CA SER A 816 14.48 3.53 -34.75
C SER A 816 14.44 4.50 -33.58
N GLY A 817 13.48 5.43 -33.61
CA GLY A 817 13.26 6.28 -32.45
C GLY A 817 12.02 7.14 -32.57
N PHE A 818 11.72 7.84 -31.46
CA PHE A 818 10.59 8.76 -31.34
C PHE A 818 11.06 10.21 -31.22
N VAL A 819 10.19 11.14 -31.66
CA VAL A 819 10.30 12.56 -31.35
C VAL A 819 8.91 13.08 -30.99
N ARG A 820 8.86 14.16 -30.21
CA ARG A 820 7.60 14.70 -29.71
C ARG A 820 7.33 16.08 -30.28
N PHE A 821 6.08 16.35 -30.66
CA PHE A 821 5.68 17.65 -31.15
C PHE A 821 4.54 18.18 -30.30
N ASP A 822 4.63 19.47 -29.97
CA ASP A 822 3.65 20.15 -29.11
C ASP A 822 2.65 20.90 -29.96
N VAL A 823 1.38 20.51 -29.92
CA VAL A 823 0.34 21.16 -30.71
C VAL A 823 -0.11 22.42 -29.96
N PRO A 824 0.13 23.62 -30.51
CA PRO A 824 -0.31 24.83 -29.81
C PRO A 824 -1.82 24.95 -29.74
N THR A 825 -2.30 25.66 -28.72
CA THR A 825 -3.73 25.86 -28.58
C THR A 825 -4.26 26.79 -29.69
N GLY A 826 -5.44 26.47 -30.22
CA GLY A 826 -6.01 27.19 -31.33
C GLY A 826 -5.67 26.64 -32.71
N ALA A 827 -4.94 25.52 -32.79
CA ALA A 827 -4.65 24.89 -34.07
C ALA A 827 -5.92 24.33 -34.70
N LYS A 828 -6.08 24.56 -36.01
CA LYS A 828 -7.20 23.99 -36.76
C LYS A 828 -6.78 22.95 -37.79
N LYS A 829 -5.52 22.93 -38.21
CA LYS A 829 -5.07 21.96 -39.21
C LYS A 829 -3.67 21.47 -38.85
N ILE A 830 -3.33 20.29 -39.35
CA ILE A 830 -2.00 19.70 -39.16
C ILE A 830 -1.50 19.21 -40.52
N ARG A 831 -0.27 19.56 -40.88
CA ARG A 831 0.38 19.06 -42.09
C ARG A 831 1.62 18.28 -41.72
N TYR A 832 1.90 17.17 -42.39
CA TYR A 832 3.11 16.41 -42.06
C TYR A 832 3.65 15.74 -43.31
N GLY A 833 4.95 15.45 -43.34
CA GLY A 833 5.50 14.90 -44.58
C GLY A 833 7.01 14.85 -44.54
N PHE A 834 7.62 14.65 -45.72
CA PHE A 834 9.08 14.57 -45.88
C PHE A 834 9.57 15.59 -46.89
N VAL A 835 10.69 16.25 -46.60
CA VAL A 835 11.25 17.27 -47.50
C VAL A 835 12.77 17.17 -47.45
N ASN A 836 13.42 18.05 -48.21
CA ASN A 836 14.87 18.11 -48.25
C ASN A 836 15.34 19.45 -47.71
N SER A 837 16.37 19.43 -46.89
CA SER A 837 16.83 20.68 -46.31
C SER A 837 17.94 21.34 -47.13
N ALA A 838 18.50 20.66 -48.12
CA ALA A 838 19.49 21.24 -49.01
C ALA A 838 18.91 21.41 -50.41
N ASN A 839 19.57 22.21 -51.24
CA ASN A 839 18.97 22.71 -52.48
C ASN A 839 19.25 21.78 -53.65
N TYR A 840 18.73 20.57 -53.56
CA TYR A 840 18.67 19.65 -54.68
C TYR A 840 17.56 18.65 -54.39
N THR A 841 17.13 17.95 -55.43
CA THR A 841 16.10 16.92 -55.27
C THR A 841 16.72 15.62 -54.80
N GLY A 842 16.29 15.13 -53.64
CA GLY A 842 16.80 13.89 -53.07
C GLY A 842 15.77 12.76 -53.08
N SER A 843 16.21 11.60 -52.59
CA SER A 843 15.41 10.40 -52.54
C SER A 843 15.43 9.83 -51.14
N LEU A 844 14.40 9.11 -50.76
CA LEU A 844 14.33 8.58 -49.41
C LEU A 844 15.45 7.59 -49.14
N ARG A 845 15.87 6.85 -50.16
CA ARG A 845 16.90 5.85 -49.94
C ARG A 845 18.21 6.48 -49.49
N SER A 846 18.71 7.44 -50.27
CA SER A 846 20.05 7.94 -50.09
C SER A 846 20.14 9.22 -49.28
N HIS A 847 19.03 9.89 -48.98
CA HIS A 847 19.07 11.12 -48.20
C HIS A 847 18.30 11.08 -46.91
N PHE A 848 17.64 9.98 -46.58
CA PHE A 848 17.04 9.82 -45.27
C PHE A 848 17.40 8.48 -44.68
N MET A 849 17.58 7.44 -45.50
CA MET A 849 17.91 6.14 -44.98
C MET A 849 19.36 5.75 -45.17
N SER A 850 20.19 6.65 -45.72
CA SER A 850 21.63 6.45 -45.83
C SER A 850 21.94 5.12 -46.53
N GLY A 851 21.23 4.83 -47.61
CA GLY A 851 21.49 3.62 -48.39
C GLY A 851 21.27 2.32 -47.65
N PHE A 852 20.30 2.28 -46.74
CA PHE A 852 19.93 1.08 -45.99
C PHE A 852 21.09 0.52 -45.18
N ALA A 853 21.91 1.40 -44.61
CA ALA A 853 23.04 0.96 -43.82
C ALA A 853 22.65 0.50 -42.41
N TYR A 854 21.44 0.84 -41.94
CA TYR A 854 21.03 0.55 -40.56
C TYR A 854 19.70 -0.19 -40.48
N ASN A 855 18.77 0.09 -41.39
CA ASN A 855 17.44 -0.52 -41.52
C ASN A 855 17.14 -0.98 -42.93
N LYS A 856 16.66 -2.21 -43.04
CA LYS A 856 16.27 -2.81 -44.30
C LYS A 856 14.78 -2.73 -44.54
N ARG A 857 14.00 -2.16 -43.61
CA ARG A 857 12.55 -2.07 -43.77
C ARG A 857 12.08 -0.71 -43.25
N PHE A 858 11.66 0.18 -44.15
CA PHE A 858 11.21 1.49 -43.74
C PHE A 858 9.82 1.42 -43.11
N PHE A 859 9.62 2.19 -42.04
CA PHE A 859 8.29 2.31 -41.47
C PHE A 859 8.11 3.70 -40.86
N LEU A 860 6.85 4.15 -40.81
CA LEU A 860 6.48 5.41 -40.19
C LEU A 860 5.22 5.21 -39.34
N LYS A 861 5.25 5.63 -38.08
CA LYS A 861 4.09 5.55 -37.21
C LYS A 861 3.94 6.87 -36.48
N ILE A 862 2.73 7.41 -36.46
CA ILE A 862 2.46 8.71 -35.87
C ILE A 862 1.34 8.55 -34.87
N TYR A 863 1.61 8.85 -33.60
CA TYR A 863 0.65 8.68 -32.54
C TYR A 863 0.09 10.02 -32.09
N ALA A 864 -1.23 10.14 -32.00
CA ALA A 864 -1.85 11.35 -31.46
C ALA A 864 -2.24 11.13 -30.01
N VAL A 865 -1.72 11.93 -29.09
CA VAL A 865 -2.22 11.93 -27.72
C VAL A 865 -3.38 12.91 -27.63
N TYR A 866 -4.57 12.41 -27.27
CA TYR A 866 -5.75 13.26 -27.21
C TYR A 866 -5.77 14.09 -25.94
N ASN A 867 -6.25 15.33 -26.06
CA ASN A 867 -6.37 16.20 -24.89
C ASN A 867 -7.31 15.61 -23.85
N ASP A 868 -8.33 14.89 -24.30
CA ASP A 868 -9.34 14.21 -23.49
C ASP A 868 -9.66 12.91 -24.21
N LEU A 869 -9.74 11.80 -23.48
CA LEU A 869 -9.58 10.47 -24.10
C LEU A 869 -10.30 10.33 -25.45
N GLY A 870 -11.61 10.51 -25.46
CA GLY A 870 -12.33 10.20 -26.69
C GLY A 870 -13.44 11.20 -26.89
N ARG A 871 -13.21 12.43 -26.42
CA ARG A 871 -14.25 13.44 -26.44
C ARG A 871 -14.78 13.63 -27.85
N TYR A 872 -13.87 13.76 -28.82
CA TYR A 872 -14.19 13.94 -30.23
C TYR A 872 -14.22 12.64 -31.02
N GLY A 873 -13.94 11.50 -30.39
CA GLY A 873 -13.88 10.23 -31.08
C GLY A 873 -12.47 9.96 -31.58
N GLN A 874 -11.87 8.86 -31.13
CA GLN A 874 -10.55 8.46 -31.62
C GLN A 874 -10.60 8.12 -33.10
N PHE A 875 -9.44 8.25 -33.74
CA PHE A 875 -9.26 7.89 -35.15
C PHE A 875 -8.70 6.48 -35.25
N GLU A 876 -9.34 5.65 -36.08
CA GLU A 876 -8.90 4.27 -36.32
C GLU A 876 -9.67 3.67 -37.48
N PRO A 877 -9.16 2.62 -38.13
CA PRO A 877 -9.73 2.21 -39.41
C PRO A 877 -11.16 1.77 -39.24
N PRO A 878 -12.00 1.94 -40.26
CA PRO A 878 -13.43 1.61 -40.10
C PRO A 878 -13.66 0.11 -40.02
N TYR A 879 -14.78 -0.28 -39.42
CA TYR A 879 -15.07 -1.69 -39.27
C TYR A 879 -16.53 -1.90 -38.95
N SER A 880 -17.07 -3.03 -39.40
CA SER A 880 -18.37 -3.45 -38.90
C SER A 880 -18.46 -4.96 -38.85
N VAL A 881 -18.87 -5.50 -37.71
CA VAL A 881 -19.00 -6.94 -37.60
C VAL A 881 -20.11 -7.49 -38.49
N ALA A 882 -21.02 -6.65 -38.98
CA ALA A 882 -22.15 -7.14 -39.75
C ALA A 882 -21.94 -7.08 -41.27
N ILE A 883 -20.94 -6.34 -41.76
CA ILE A 883 -20.67 -6.17 -43.20
C ILE A 883 -19.50 -7.06 -43.61
N ASP A 884 -19.69 -7.85 -44.68
CA ASP A 884 -18.63 -8.77 -45.08
C ASP A 884 -17.45 -8.05 -45.72
N ARG A 885 -17.66 -6.84 -46.25
CA ARG A 885 -16.55 -6.13 -46.86
C ARG A 885 -15.50 -5.76 -45.83
N PHE A 886 -15.92 -5.50 -44.58
CA PHE A 886 -15.04 -5.13 -43.47
C PHE A 886 -14.76 -6.27 -42.52
N ARG A 887 -15.66 -7.25 -42.45
CA ARG A 887 -15.45 -8.39 -41.57
C ARG A 887 -14.42 -9.36 -42.14
N VAL A 888 -14.46 -9.65 -43.44
CA VAL A 888 -13.53 -10.61 -44.04
C VAL A 888 -12.64 -10.00 -45.10
N GLY A 889 -13.01 -8.90 -45.73
CA GLY A 889 -12.19 -8.27 -46.74
C GLY A 889 -12.85 -8.36 -48.11
N ASP A 890 -12.22 -7.73 -49.09
CA ASP A 890 -12.75 -7.69 -50.45
C ASP A 890 -12.15 -8.84 -51.25
N ASN A 891 -12.99 -9.67 -51.91
CA ASN A 891 -12.46 -10.85 -52.60
C ASN A 891 -12.07 -10.64 -54.07
N THR A 892 -12.00 -9.40 -54.57
CA THR A 892 -11.60 -9.27 -55.96
C THR A 892 -10.11 -9.63 -56.13
N THR A 893 -9.78 -10.16 -57.31
CA THR A 893 -8.42 -10.55 -57.67
C THR A 893 -8.05 -9.90 -59.00
N GLN A 894 -6.75 -9.71 -59.22
CA GLN A 894 -6.27 -9.07 -60.46
C GLN A 894 -6.54 -9.97 -61.66
N MET A 895 -6.85 -9.36 -62.75
CA MET A 895 -7.30 -10.09 -63.93
C MET A 895 -6.09 -10.52 -64.76
N PRO A 896 -6.15 -11.71 -65.41
CA PRO A 896 -5.06 -12.10 -66.31
C PRO A 896 -4.96 -11.13 -67.47
N SER A 897 -3.73 -10.96 -67.97
CA SER A 897 -3.49 -9.98 -69.03
C SER A 897 -4.19 -10.43 -70.31
N ILE A 898 -4.98 -9.53 -70.89
CA ILE A 898 -5.65 -9.73 -72.16
C ILE A 898 -4.90 -8.93 -73.22
N PRO A 899 -4.25 -9.56 -74.19
CA PRO A 899 -3.46 -8.81 -75.17
C PRO A 899 -4.34 -7.91 -76.02
N ALA A 900 -3.79 -6.77 -76.41
CA ALA A 900 -4.51 -5.84 -77.27
C ALA A 900 -4.87 -6.54 -78.59
N SER A 901 -6.12 -6.39 -78.99
CA SER A 901 -6.69 -7.16 -80.09
C SER A 901 -6.94 -6.28 -81.30
N SER A 902 -6.58 -6.81 -82.49
CA SER A 902 -6.87 -6.18 -83.78
C SER A 902 -7.52 -7.24 -84.67
N ALA A 903 -8.83 -7.43 -84.50
CA ALA A 903 -9.63 -8.31 -85.32
C ALA A 903 -10.86 -7.54 -85.77
N THR A 904 -11.15 -7.57 -87.07
CA THR A 904 -12.06 -6.57 -87.61
C THR A 904 -13.06 -7.10 -88.63
N ASP A 905 -13.38 -8.38 -88.53
CA ASP A 905 -14.31 -9.06 -89.43
C ASP A 905 -15.72 -9.10 -88.86
N VAL A 906 -15.92 -8.30 -87.80
CA VAL A 906 -17.15 -8.11 -87.02
C VAL A 906 -17.40 -9.20 -85.99
N ALA A 907 -16.44 -10.11 -85.81
CA ALA A 907 -16.60 -11.13 -84.78
C ALA A 907 -15.41 -11.25 -83.83
N GLY A 908 -14.21 -10.87 -84.26
CA GLY A 908 -13.09 -10.83 -83.33
C GLY A 908 -13.33 -9.87 -82.19
N VAL A 909 -13.92 -8.71 -82.50
CA VAL A 909 -14.28 -7.73 -81.47
C VAL A 909 -15.31 -8.32 -80.51
N ASN A 910 -16.31 -9.03 -81.06
CA ASN A 910 -17.32 -9.66 -80.20
C ASN A 910 -16.71 -10.71 -79.28
N GLU A 911 -15.79 -11.52 -79.80
CA GLU A 911 -15.13 -12.53 -78.98
C GLU A 911 -14.27 -11.90 -77.89
N VAL A 912 -13.56 -10.81 -78.22
CA VAL A 912 -12.76 -10.12 -77.21
C VAL A 912 -13.64 -9.54 -76.12
N ILE A 913 -14.79 -8.95 -76.51
CA ILE A 913 -15.72 -8.41 -75.51
C ILE A 913 -16.26 -9.51 -74.62
N ASN A 914 -16.63 -10.66 -75.21
CA ASN A 914 -17.12 -11.78 -74.40
C ASN A 914 -16.06 -12.29 -73.45
N SER A 915 -14.79 -12.37 -73.90
CA SER A 915 -13.70 -12.77 -73.03
C SER A 915 -13.51 -11.77 -71.88
N LEU A 916 -13.59 -10.47 -72.17
CA LEU A 916 -13.44 -9.46 -71.14
C LEU A 916 -14.54 -9.57 -70.10
N LEU A 917 -15.79 -9.73 -70.54
CA LEU A 917 -16.90 -9.87 -69.60
C LEU A 917 -16.79 -11.15 -68.79
N ALA A 918 -16.33 -12.24 -69.42
CA ALA A 918 -16.13 -13.48 -68.69
C ALA A 918 -15.08 -13.31 -67.60
N SER A 919 -13.97 -12.63 -67.91
CA SER A 919 -12.94 -12.41 -66.90
C SER A 919 -13.44 -11.49 -65.78
N LEU A 920 -14.18 -10.44 -66.13
CA LEU A 920 -14.79 -9.58 -65.10
C LEU A 920 -15.68 -10.38 -64.17
N LYS A 921 -16.54 -11.23 -64.72
CA LYS A 921 -17.40 -12.05 -63.88
C LYS A 921 -16.60 -13.05 -63.05
N ALA A 922 -15.50 -13.56 -63.60
CA ALA A 922 -14.72 -14.58 -62.92
C ALA A 922 -13.93 -14.03 -61.76
N ASN A 923 -13.44 -12.80 -61.86
CA ASN A 923 -12.50 -12.26 -60.88
C ASN A 923 -13.12 -11.31 -59.88
N GLY A 924 -14.45 -11.29 -59.75
CA GLY A 924 -15.12 -10.63 -58.65
C GLY A 924 -15.81 -9.33 -59.01
N PHE A 925 -15.35 -8.64 -60.05
CA PHE A 925 -15.97 -7.37 -60.41
C PHE A 925 -17.38 -7.57 -60.95
N MET A 926 -17.60 -8.65 -61.70
CA MET A 926 -18.92 -9.03 -62.21
C MET A 926 -19.60 -7.92 -63.01
N ASP B 173 -22.80 31.33 75.20
CA ASP B 173 -22.75 30.22 74.25
C ASP B 173 -21.30 29.84 73.95
N ASN B 174 -20.39 30.79 74.20
CA ASN B 174 -18.98 30.55 73.97
C ASN B 174 -18.45 29.43 74.85
N ALA B 175 -18.88 29.39 76.12
CA ALA B 175 -18.46 28.32 77.02
C ALA B 175 -18.94 26.96 76.54
N LYS B 176 -20.20 26.88 76.10
CA LYS B 176 -20.74 25.63 75.58
C LYS B 176 -20.04 25.21 74.29
N SER B 177 -19.56 26.16 73.50
CA SER B 177 -18.82 25.81 72.29
C SER B 177 -17.41 25.31 72.61
N SER B 178 -16.71 25.96 73.55
CA SER B 178 -15.34 25.58 73.89
C SER B 178 -15.28 24.31 74.74
N GLU B 179 -16.38 23.93 75.40
CA GLU B 179 -16.41 22.69 76.15
C GLU B 179 -16.11 21.49 75.26
N ASN B 180 -16.69 21.47 74.06
CA ASN B 180 -16.46 20.37 73.13
C ASN B 180 -15.01 20.32 72.68
N ALA B 181 -14.38 21.48 72.44
CA ALA B 181 -12.96 21.51 72.08
C ALA B 181 -12.10 20.98 73.22
N ALA B 182 -12.43 21.34 74.46
CA ALA B 182 -11.70 20.81 75.61
C ALA B 182 -11.83 19.29 75.70
N LYS B 183 -13.04 18.77 75.46
CA LYS B 183 -13.24 17.32 75.47
C LYS B 183 -12.46 16.64 74.34
N ASN B 184 -12.38 17.29 73.17
CA ASN B 184 -11.58 16.75 72.07
C ASN B 184 -10.10 16.68 72.45
N SER B 185 -9.59 17.72 73.13
CA SER B 185 -8.22 17.67 73.62
C SER B 185 -8.02 16.53 74.62
N GLU B 186 -8.99 16.34 75.52
CA GLU B 186 -8.93 15.22 76.46
C GLU B 186 -8.82 13.89 75.74
N VAL B 187 -9.70 13.65 74.75
CA VAL B 187 -9.71 12.39 74.03
C VAL B 187 -8.41 12.19 73.28
N ALA B 188 -7.89 13.26 72.66
CA ALA B 188 -6.61 13.15 71.95
C ALA B 188 -5.48 12.77 72.90
N ALA B 189 -5.43 13.39 74.08
CA ALA B 189 -4.38 13.07 75.04
C ALA B 189 -4.48 11.63 75.51
N GLU B 190 -5.71 11.17 75.79
CA GLU B 190 -5.90 9.79 76.22
C GLU B 190 -5.48 8.81 75.14
N THR B 191 -5.84 9.10 73.88
CA THR B 191 -5.44 8.22 72.78
C THR B 191 -3.92 8.19 72.63
N THR B 192 -3.27 9.35 72.78
CA THR B 192 -1.81 9.37 72.74
C THR B 192 -1.22 8.45 73.80
N ARG B 193 -1.69 8.60 75.05
CA ARG B 193 -1.24 7.72 76.12
C ARG B 193 -1.46 6.26 75.77
N ASP B 194 -2.58 5.95 75.12
CA ASP B 194 -2.86 4.57 74.72
C ASP B 194 -1.85 4.06 73.69
N GLN B 195 -1.47 4.90 72.71
CA GLN B 195 -0.47 4.44 71.74
C GLN B 195 0.88 4.19 72.40
N ILE B 196 1.32 5.09 73.29
CA ILE B 196 2.60 4.84 73.96
C ILE B 196 2.53 3.57 74.81
N GLN B 197 1.40 3.35 75.49
CA GLN B 197 1.26 2.12 76.26
C GLN B 197 1.31 0.89 75.37
N GLN B 198 0.68 0.96 74.19
CA GLN B 198 0.70 -0.17 73.26
C GLN B 198 2.12 -0.48 72.80
N ILE B 199 2.89 0.56 72.47
CA ILE B 199 4.28 0.37 72.06
C ILE B 199 5.08 -0.30 73.17
N ILE B 200 4.95 0.20 74.40
CA ILE B 200 5.74 -0.36 75.49
C ILE B 200 5.34 -1.81 75.75
N ASP B 201 4.04 -2.11 75.70
CA ASP B 201 3.59 -3.48 75.92
C ASP B 201 4.11 -4.42 74.84
N ASN B 202 4.03 -4.01 73.57
CA ASN B 202 4.53 -4.85 72.49
C ASN B 202 6.04 -5.06 72.57
N ALA B 203 6.75 -4.05 73.05
CA ALA B 203 8.20 -4.13 73.18
C ALA B 203 8.64 -5.19 74.20
N GLY B 204 7.93 -5.24 75.32
CA GLY B 204 8.21 -6.19 76.38
C GLY B 204 9.59 -6.03 76.99
N ASP B 205 10.17 -7.15 77.42
CA ASP B 205 11.49 -7.20 78.03
C ASP B 205 12.62 -6.79 77.08
N GLN B 206 12.49 -7.17 75.81
CA GLN B 206 13.51 -6.91 74.80
C GLN B 206 13.84 -5.44 74.53
N SER B 207 15.12 -5.21 74.27
CA SER B 207 15.66 -3.87 73.98
C SER B 207 15.27 -3.38 72.59
N THR B 208 15.47 -2.08 72.35
CA THR B 208 15.07 -1.49 71.08
C THR B 208 15.79 -2.11 69.88
N LEU B 209 17.08 -2.38 70.04
CA LEU B 209 17.85 -2.97 68.96
C LEU B 209 17.31 -4.35 68.63
N VAL B 210 16.97 -5.13 69.65
CA VAL B 210 16.42 -6.47 69.43
C VAL B 210 15.09 -6.41 68.69
N VAL B 211 14.26 -5.43 69.07
CA VAL B 211 12.97 -5.25 68.44
C VAL B 211 13.17 -4.93 66.96
N LEU B 212 14.13 -4.05 66.67
CA LEU B 212 14.44 -3.70 65.28
C LEU B 212 14.94 -4.90 64.49
N ALA B 213 15.75 -5.71 65.17
CA ALA B 213 16.34 -6.94 64.66
C ALA B 213 15.28 -7.98 64.29
N GLN B 214 14.16 -8.02 65.02
CA GLN B 214 13.13 -9.02 64.72
C GLN B 214 12.66 -8.89 63.26
N PRO B 215 12.46 -10.03 62.58
CA PRO B 215 12.08 -10.08 61.16
C PRO B 215 10.94 -9.14 60.79
N ASP B 216 10.13 -8.71 61.75
CA ASP B 216 9.04 -7.77 61.50
C ASP B 216 9.34 -6.38 62.08
N GLY B 217 10.62 -6.04 62.20
CA GLY B 217 11.01 -4.78 62.81
C GLY B 217 10.64 -3.55 62.02
N PHE B 218 10.46 -3.70 60.71
CA PHE B 218 10.11 -2.56 59.86
C PHE B 218 8.78 -1.93 60.27
N ASP B 219 7.93 -2.66 61.00
CA ASP B 219 6.68 -2.07 61.45
C ASP B 219 6.86 -1.05 62.56
N SER B 220 8.03 -1.01 63.21
CA SER B 220 8.20 -0.06 64.29
C SER B 220 8.64 1.32 63.79
N ILE B 221 8.48 1.57 62.49
CA ILE B 221 8.82 2.87 61.91
C ILE B 221 7.52 3.62 61.60
N GLY B 222 7.42 4.84 62.14
CA GLY B 222 6.24 5.67 61.95
C GLY B 222 5.99 6.17 60.53
N ARG B 223 4.71 6.25 60.16
CA ARG B 223 4.31 6.71 58.83
C ARG B 223 3.11 7.66 58.86
N VAL B 224 3.05 8.58 57.90
CA VAL B 224 1.93 9.51 57.77
C VAL B 224 0.73 8.70 57.29
N SER B 225 -0.48 9.09 57.68
CA SER B 225 -1.64 8.28 57.29
C SER B 225 -2.26 8.72 55.97
N SER B 226 -2.25 10.01 55.63
CA SER B 226 -2.89 10.49 54.41
C SER B 226 -2.23 11.80 53.97
N PHE B 227 -2.59 12.25 52.75
CA PHE B 227 -1.97 13.45 52.20
C PHE B 227 -2.32 14.70 53.02
N ALA B 228 -3.55 14.78 53.54
CA ALA B 228 -3.90 15.92 54.38
C ALA B 228 -3.08 15.94 55.66
N ALA B 229 -2.89 14.76 56.27
CA ALA B 229 -2.04 14.68 57.45
C ALA B 229 -0.64 15.17 57.14
N LEU B 230 -0.13 14.84 55.95
CA LEU B 230 1.19 15.33 55.54
C LEU B 230 1.18 16.85 55.37
N ARG B 231 0.10 17.41 54.87
CA ARG B 231 0.00 18.86 54.79
C ARG B 231 0.08 19.50 56.16
N ASN B 232 -0.41 18.82 57.20
CA ASN B 232 -0.40 19.37 58.56
C ASN B 232 0.87 19.06 59.35
N LEU B 233 1.81 18.30 58.81
CA LEU B 233 2.97 17.80 59.56
C LEU B 233 4.11 18.79 59.45
N LYS B 234 4.50 19.39 60.57
CA LYS B 234 5.46 20.47 60.52
C LYS B 234 6.86 19.93 60.67
N PRO B 235 7.74 20.18 59.69
CA PRO B 235 9.12 19.66 59.75
C PRO B 235 10.05 20.53 60.60
N LYS B 236 10.78 19.91 61.51
CA LYS B 236 11.71 20.64 62.37
C LYS B 236 12.84 21.28 61.58
N LYS B 237 13.38 20.54 60.61
CA LYS B 237 14.47 21.03 59.78
C LYS B 237 14.33 20.54 58.33
N SER B 238 14.72 21.38 57.36
CA SER B 238 14.63 21.00 55.96
C SER B 238 15.54 19.83 55.65
N GLY B 239 15.08 18.92 54.80
CA GLY B 239 15.87 17.75 54.44
C GLY B 239 15.46 16.44 55.10
N GLN B 240 14.33 16.39 55.80
CA GLN B 240 13.89 15.15 56.42
C GLN B 240 13.15 14.28 55.41
N HIS B 241 13.33 12.97 55.54
CA HIS B 241 12.61 12.01 54.71
C HIS B 241 11.52 11.35 55.54
N VAL B 242 10.30 11.31 55.01
CA VAL B 242 9.19 10.63 55.68
C VAL B 242 8.45 9.74 54.69
N LEU B 243 7.68 8.81 55.24
CA LEU B 243 6.89 7.85 54.48
C LEU B 243 5.40 8.20 54.56
N LEU B 244 4.71 8.09 53.45
CA LEU B 244 3.27 8.26 53.39
C LEU B 244 2.68 6.94 52.96
N THR B 245 1.77 6.40 53.79
CA THR B 245 1.17 5.10 53.49
C THR B 245 0.27 5.16 52.26
N SER B 246 -0.62 6.14 52.21
CA SER B 246 -1.59 6.22 51.12
C SER B 246 -2.09 7.65 51.03
N TYR B 247 -2.65 7.99 49.87
CA TYR B 247 -3.20 9.32 49.70
C TYR B 247 -4.42 9.54 50.61
N TYR B 248 -5.31 8.56 50.69
CA TYR B 248 -6.47 8.62 51.58
C TYR B 248 -6.33 7.54 52.65
N ASP B 249 -6.85 7.82 53.84
CA ASP B 249 -6.88 6.79 54.87
C ASP B 249 -8.20 6.03 54.80
N GLY B 250 -8.24 4.90 55.47
CA GLY B 250 -9.45 4.10 55.51
C GLY B 250 -9.52 3.00 54.49
N TRP B 251 -8.42 2.72 53.79
CA TRP B 251 -8.39 1.62 52.83
C TRP B 251 -8.60 0.27 53.50
N ALA B 252 -8.24 0.16 54.79
CA ALA B 252 -8.35 -1.14 55.45
C ALA B 252 -9.79 -1.51 55.80
N ALA B 253 -10.66 -0.53 56.03
CA ALA B 253 -12.06 -0.84 56.28
C ALA B 253 -12.71 -1.41 55.03
N GLU B 254 -12.71 -0.63 53.95
CA GLU B 254 -12.81 -1.14 52.59
C GLU B 254 -11.84 -2.29 52.40
N ASN B 255 -12.13 -3.20 51.48
CA ASN B 255 -11.31 -4.40 51.33
C ASN B 255 -10.11 -4.20 50.42
N LYS B 256 -9.72 -2.97 50.14
CA LYS B 256 -8.64 -2.70 49.20
C LYS B 256 -7.35 -2.31 49.92
N MET B 257 -6.25 -2.20 49.12
CA MET B 257 -4.89 -1.95 49.55
C MET B 257 -4.53 -0.48 49.39
N PRO B 258 -3.52 0.02 50.12
CA PRO B 258 -3.18 1.44 50.03
C PRO B 258 -2.67 1.81 48.65
N THR B 259 -2.87 3.07 48.28
CA THR B 259 -2.43 3.53 46.99
C THR B 259 -2.19 5.03 47.04
N GLY B 260 -1.20 5.48 46.31
CA GLY B 260 -0.85 6.87 46.27
C GLY B 260 0.25 7.29 47.23
N GLY B 261 0.81 6.37 48.00
CA GLY B 261 1.81 6.71 48.98
C GLY B 261 3.19 6.85 48.37
N GLY B 262 4.18 6.97 49.25
CA GLY B 262 5.55 7.13 48.78
C GLY B 262 6.44 7.75 49.85
N GLU B 263 7.46 8.46 49.40
CA GLU B 263 8.45 9.11 50.25
C GLU B 263 8.48 10.60 49.95
N PHE B 264 8.62 11.41 50.98
CA PHE B 264 8.61 12.85 50.80
C PHE B 264 9.79 13.48 51.51
N ILE B 265 10.27 14.60 51.00
CA ILE B 265 11.39 15.34 51.57
C ILE B 265 10.97 16.76 51.87
N SER B 266 11.37 17.28 53.03
CA SER B 266 10.89 18.57 53.50
C SER B 266 11.77 19.70 53.03
N SER B 267 11.17 20.90 52.94
CA SER B 267 11.89 22.12 52.60
C SER B 267 11.27 23.29 53.35
N ILE B 268 12.11 24.23 53.77
CA ILE B 268 11.65 25.42 54.51
C ILE B 268 11.55 26.57 53.52
N GLY B 269 10.37 27.16 53.43
CA GLY B 269 10.12 28.21 52.47
C GLY B 269 8.68 28.15 52.01
N THR B 270 8.44 28.72 50.83
CA THR B 270 7.09 28.78 50.25
C THR B 270 7.09 28.16 48.86
N ALA B 271 6.04 27.40 48.57
CA ALA B 271 5.88 26.81 47.25
C ALA B 271 4.39 26.62 47.00
N THR B 272 4.05 26.56 45.72
CA THR B 272 2.65 26.45 45.32
C THR B 272 2.19 25.01 45.50
N ASP B 273 1.12 24.82 46.28
CA ASP B 273 0.59 23.49 46.51
C ASP B 273 0.10 22.89 45.21
N ASP B 274 0.09 21.57 45.16
CA ASP B 274 -0.23 20.85 43.93
C ASP B 274 -1.35 19.84 44.13
N GLY B 275 -1.43 19.25 45.32
CA GLY B 275 -2.29 18.11 45.55
C GLY B 275 -1.64 16.78 45.23
N GLY B 276 -0.52 16.80 44.55
CA GLY B 276 0.28 15.64 44.18
C GLY B 276 1.72 15.74 44.61
N TYR B 277 2.49 16.39 43.74
CA TYR B 277 3.93 16.52 43.88
C TYR B 277 4.32 17.25 45.15
N ILE B 278 3.61 18.32 45.51
CA ILE B 278 4.02 19.21 46.58
C ILE B 278 2.86 19.41 47.55
N ALA B 279 3.12 19.15 48.83
CA ALA B 279 2.16 19.39 49.92
C ALA B 279 2.65 20.58 50.73
N ALA B 280 1.89 21.67 50.71
CA ALA B 280 2.40 22.91 51.27
C ALA B 280 1.66 23.25 52.55
N GLY B 281 2.41 23.72 53.54
CA GLY B 281 1.84 24.28 54.74
C GLY B 281 2.36 25.70 54.92
N PRO B 282 2.06 26.32 56.07
CA PRO B 282 2.59 27.66 56.35
C PRO B 282 4.09 27.68 56.67
N GLY B 283 4.91 28.13 55.72
CA GLY B 283 6.35 28.24 55.90
C GLY B 283 7.16 26.98 55.64
N TYR B 284 6.55 25.91 55.13
CA TYR B 284 7.26 24.67 54.84
C TYR B 284 6.51 23.93 53.74
N TYR B 285 7.18 22.96 53.13
CA TYR B 285 6.48 22.08 52.20
C TYR B 285 7.21 20.76 52.07
N TRP B 286 6.50 19.78 51.52
CA TRP B 286 7.03 18.45 51.28
C TRP B 286 6.94 18.14 49.79
N THR B 287 8.00 17.52 49.26
CA THR B 287 8.10 17.19 47.85
C THR B 287 8.23 15.69 47.65
N ARG B 288 7.48 15.14 46.70
CA ARG B 288 7.44 13.69 46.51
C ARG B 288 8.69 13.20 45.80
N VAL B 289 9.16 12.01 46.15
CA VAL B 289 10.31 11.42 45.47
C VAL B 289 9.80 10.52 44.36
N VAL B 290 10.18 10.85 43.12
CA VAL B 290 9.65 10.20 41.92
C VAL B 290 10.72 9.25 41.39
N ASN B 291 10.32 8.02 41.08
CA ASN B 291 11.25 6.98 40.63
C ASN B 291 11.06 6.67 39.16
N ASN B 292 12.17 6.53 38.45
CA ASN B 292 12.19 6.11 37.05
C ASN B 292 11.47 7.12 36.16
N ASN B 293 11.44 8.38 36.56
CA ASN B 293 10.79 9.42 35.75
C ASN B 293 9.33 9.09 35.44
N SER B 294 8.62 8.48 36.38
CA SER B 294 7.24 8.11 36.13
C SER B 294 6.46 8.10 37.43
N PHE B 295 5.13 8.25 37.32
CA PHE B 295 4.25 8.32 38.49
C PHE B 295 2.84 7.92 38.06
N THR B 296 1.97 7.69 39.04
CA THR B 296 0.61 7.24 38.72
C THR B 296 -0.42 8.31 39.08
N ALA B 297 -1.65 8.09 38.66
CA ALA B 297 -2.66 9.11 38.87
C ALA B 297 -3.19 9.11 40.30
N GLU B 298 -3.21 7.95 40.96
CA GLU B 298 -3.51 7.85 42.39
C GLU B 298 -2.64 8.76 43.25
N ASP B 299 -1.38 9.00 42.83
CA ASP B 299 -0.51 9.97 43.48
C ASP B 299 -1.12 11.37 43.55
N PHE B 300 -2.23 11.62 42.88
CA PHE B 300 -2.81 12.95 42.82
C PHE B 300 -4.22 12.95 43.38
N GLY B 301 -4.68 11.82 43.90
CA GLY B 301 -5.95 11.76 44.59
C GLY B 301 -7.09 11.24 43.76
N CYS B 302 -6.82 10.72 42.57
CA CYS B 302 -7.85 10.17 41.71
C CYS B 302 -8.29 8.80 42.20
N LYS B 303 -9.56 8.46 41.90
CA LYS B 303 -10.16 7.21 42.34
C LYS B 303 -10.73 6.48 41.15
N THR B 304 -10.78 5.15 41.25
CA THR B 304 -11.41 4.35 40.22
C THR B 304 -12.64 3.66 40.78
N THR B 305 -13.38 2.99 39.89
CA THR B 305 -14.55 2.24 40.32
C THR B 305 -14.88 1.21 39.24
N ALA B 306 -15.89 0.39 39.52
CA ALA B 306 -16.25 -0.66 38.59
C ALA B 306 -16.86 -0.08 37.32
N THR B 307 -16.61 -0.76 36.20
CA THR B 307 -16.98 -0.27 34.88
C THR B 307 -18.46 -0.55 34.58
N PRO B 308 -19.24 0.46 34.24
CA PRO B 308 -20.64 0.23 33.87
C PRO B 308 -20.72 -0.49 32.54
N PRO B 309 -21.86 -1.12 32.24
CA PRO B 309 -22.08 -1.66 30.88
C PRO B 309 -22.23 -0.53 29.88
N PRO B 310 -22.12 -0.82 28.59
CA PRO B 310 -22.27 0.23 27.56
C PRO B 310 -23.71 0.62 27.23
N ASN B 311 -24.69 0.28 28.06
CA ASN B 311 -26.07 0.66 27.78
C ASN B 311 -26.24 2.18 27.81
N PHE B 312 -27.40 2.65 27.37
CA PHE B 312 -27.57 4.06 27.00
C PHE B 312 -27.37 5.03 28.15
N ASN B 313 -28.24 5.05 29.16
CA ASN B 313 -28.14 6.10 30.17
C ASN B 313 -27.55 5.61 31.49
N VAL B 314 -26.61 4.65 31.42
CA VAL B 314 -26.16 3.93 32.61
C VAL B 314 -24.90 4.61 33.14
N LEU B 315 -24.93 5.01 34.44
CA LEU B 315 -23.81 5.64 35.12
C LEU B 315 -23.08 4.63 36.00
N PRO B 316 -21.81 4.88 36.33
CA PRO B 316 -21.10 3.95 37.23
C PRO B 316 -21.69 4.04 38.63
N ALA B 317 -21.29 3.05 39.44
CA ALA B 317 -21.94 2.85 40.74
C ALA B 317 -21.76 4.05 41.65
N GLU B 318 -20.58 4.67 41.64
CA GLU B 318 -20.22 5.70 42.59
C GLU B 318 -19.49 6.83 41.87
N LEU B 319 -19.86 8.06 42.18
CA LEU B 319 -19.62 9.20 41.28
C LEU B 319 -18.71 10.24 41.93
N PHE B 320 -17.40 10.07 41.76
CA PHE B 320 -16.42 11.02 42.26
C PHE B 320 -15.74 11.69 41.06
N ASP B 321 -15.84 13.01 40.98
CA ASP B 321 -15.37 13.74 39.79
C ASP B 321 -13.86 13.90 39.82
N ASN B 322 -13.17 13.39 38.80
CA ASN B 322 -11.73 13.37 38.81
C ASN B 322 -11.10 14.49 37.99
N THR B 323 -11.88 15.46 37.53
CA THR B 323 -11.38 16.36 36.50
C THR B 323 -10.23 17.22 36.99
N ALA B 324 -10.38 17.85 38.15
CA ALA B 324 -9.36 18.81 38.59
C ALA B 324 -8.06 18.11 39.01
N ARG B 325 -8.18 16.92 39.61
CA ARG B 325 -6.99 16.18 40.00
C ARG B 325 -6.27 15.59 38.79
N MET B 326 -7.02 15.06 37.81
CA MET B 326 -6.39 14.60 36.57
C MET B 326 -5.78 15.76 35.80
N GLN B 327 -6.40 16.95 35.84
CA GLN B 327 -5.77 18.09 35.19
C GLN B 327 -4.45 18.43 35.85
N ALA B 328 -4.39 18.43 37.18
CA ALA B 328 -3.11 18.66 37.85
C ALA B 328 -2.07 17.60 37.47
N ALA B 329 -2.51 16.33 37.33
CA ALA B 329 -1.58 15.27 36.94
C ALA B 329 -0.99 15.50 35.56
N PHE B 330 -1.85 15.86 34.58
CA PHE B 330 -1.35 16.24 33.25
C PHE B 330 -0.39 17.41 33.34
N ASN B 331 -0.70 18.41 34.15
CA ASN B 331 0.22 19.54 34.22
C ASN B 331 1.59 19.10 34.72
N LEU B 332 1.63 18.22 35.72
CA LEU B 332 2.94 17.77 36.20
C LEU B 332 3.67 16.97 35.13
N ALA B 333 2.95 16.07 34.42
CA ALA B 333 3.62 15.25 33.40
C ALA B 333 4.17 16.10 32.26
N ILE B 334 3.43 17.11 31.82
CA ILE B 334 3.96 18.00 30.79
C ILE B 334 5.13 18.81 31.33
N SER B 335 5.00 19.37 32.54
CA SER B 335 6.01 20.31 33.04
C SER B 335 7.33 19.63 33.37
N LYS B 336 7.30 18.52 34.10
CA LYS B 336 8.53 17.84 34.52
C LYS B 336 8.98 16.73 33.56
N SER B 337 8.19 16.43 32.52
CA SER B 337 8.45 15.34 31.57
C SER B 337 8.61 13.99 32.27
N PHE B 338 7.63 13.65 33.10
CA PHE B 338 7.48 12.31 33.65
C PHE B 338 6.43 11.56 32.84
N LYS B 339 6.52 10.24 32.84
CA LYS B 339 5.48 9.42 32.23
C LYS B 339 4.33 9.22 33.21
N LEU B 340 3.09 9.33 32.73
CA LEU B 340 1.93 9.15 33.58
C LEU B 340 1.34 7.75 33.41
N ASN B 341 1.32 6.96 34.48
CA ASN B 341 0.76 5.61 34.47
C ASN B 341 -0.67 5.60 35.01
N LEU B 342 -1.57 4.87 34.36
CA LEU B 342 -2.96 4.83 34.78
C LEU B 342 -3.35 3.39 35.07
N SER B 343 -4.26 3.20 36.02
CA SER B 343 -4.62 1.85 36.43
C SER B 343 -5.92 1.41 35.76
N ALA B 344 -6.25 0.13 35.91
CA ALA B 344 -7.52 -0.37 35.42
C ALA B 344 -8.67 0.26 36.21
N GLY B 345 -9.88 0.14 35.68
CA GLY B 345 -11.07 0.71 36.31
C GLY B 345 -11.50 1.97 35.59
N THR B 346 -12.63 2.54 36.01
CA THR B 346 -13.11 3.77 35.40
C THR B 346 -12.74 4.97 36.25
N TYR B 347 -12.20 5.99 35.61
CA TYR B 347 -12.15 7.31 36.18
C TYR B 347 -13.38 8.08 35.73
N TYR B 348 -14.20 8.52 36.66
CA TYR B 348 -15.41 9.25 36.32
C TYR B 348 -15.14 10.74 36.24
N PHE B 349 -15.72 11.41 35.25
CA PHE B 349 -15.55 12.86 35.06
C PHE B 349 -16.90 13.50 34.89
N GLU B 350 -17.21 14.50 35.72
CA GLU B 350 -18.44 15.25 35.52
C GLU B 350 -18.17 16.69 35.95
N SER B 351 -17.76 17.52 34.99
CA SER B 351 -17.32 18.88 35.28
C SER B 351 -17.67 19.78 34.11
N SER B 352 -17.66 21.08 34.37
CA SER B 352 -17.92 22.03 33.29
C SER B 352 -16.67 22.41 32.51
N ASP B 353 -15.50 21.95 32.94
CA ASP B 353 -14.24 22.24 32.26
C ASP B 353 -13.80 21.05 31.43
N THR B 354 -13.16 21.32 30.30
CA THR B 354 -12.65 20.28 29.43
C THR B 354 -11.22 19.93 29.81
N LEU B 355 -10.89 18.65 29.72
CA LEU B 355 -9.58 18.16 30.15
C LEU B 355 -8.54 18.44 29.07
N ARG B 356 -7.52 19.23 29.38
CA ARG B 356 -6.60 19.72 28.35
C ARG B 356 -5.21 19.13 28.50
N ILE B 357 -4.68 18.62 27.40
CA ILE B 357 -3.26 18.37 27.23
C ILE B 357 -2.67 19.54 26.44
N THR B 358 -1.59 20.15 26.95
CA THR B 358 -1.06 21.35 26.32
C THR B 358 0.44 21.23 25.99
N GLY B 359 0.97 20.03 25.88
CA GLY B 359 2.39 19.90 25.63
C GLY B 359 2.73 18.44 25.48
N PRO B 360 3.95 18.14 25.09
CA PRO B 360 4.33 16.73 24.87
C PRO B 360 4.24 15.91 26.16
N ILE B 361 3.85 14.64 26.04
CA ILE B 361 3.49 13.84 27.20
C ILE B 361 3.58 12.36 26.84
N HIS B 362 3.76 11.52 27.85
CA HIS B 362 3.62 10.07 27.71
C HIS B 362 2.52 9.61 28.65
N ILE B 363 1.48 8.99 28.12
CA ILE B 363 0.42 8.41 28.94
C ILE B 363 0.33 6.94 28.60
N GLU B 364 0.27 6.10 29.62
CA GLU B 364 0.27 4.66 29.41
C GLU B 364 -0.78 4.06 30.32
N GLY B 365 -1.82 3.45 29.74
CA GLY B 365 -2.90 2.87 30.50
C GLY B 365 -2.71 1.37 30.69
N ARG B 366 -3.76 0.71 31.15
CA ARG B 366 -3.77 -0.74 31.26
C ARG B 366 -4.97 -1.30 30.52
N PRO B 367 -4.96 -2.59 30.14
CA PRO B 367 -6.19 -3.16 29.58
C PRO B 367 -7.26 -3.08 30.65
N GLY B 368 -8.29 -2.29 30.40
CA GLY B 368 -9.30 -2.03 31.39
C GLY B 368 -9.41 -0.58 31.79
N THR B 369 -8.38 0.24 31.58
CA THR B 369 -8.50 1.67 31.83
C THR B 369 -9.68 2.27 31.08
N VAL B 370 -10.55 3.01 31.78
CA VAL B 370 -11.71 3.65 31.17
C VAL B 370 -11.80 5.09 31.67
N PHE B 371 -12.14 6.03 30.79
CA PHE B 371 -12.46 7.41 31.15
C PHE B 371 -13.94 7.59 30.88
N TYR B 372 -14.76 7.74 31.91
CA TYR B 372 -16.18 7.90 31.69
C TYR B 372 -16.54 9.36 31.81
N HIS B 373 -17.25 9.91 30.82
CA HIS B 373 -17.59 11.32 30.83
C HIS B 373 -19.09 11.52 31.00
N ASN B 374 -19.47 12.37 31.95
CA ASN B 374 -20.86 12.77 32.14
C ASN B 374 -21.05 14.21 31.69
N PRO B 375 -21.86 14.49 30.67
CA PRO B 375 -21.98 15.86 30.15
C PRO B 375 -23.01 16.73 30.86
N SER B 376 -23.46 16.35 32.06
CA SER B 376 -24.58 17.07 32.67
C SER B 376 -24.23 18.51 33.05
N ASN B 377 -22.98 18.78 33.41
CA ASN B 377 -22.57 20.10 33.87
C ASN B 377 -21.98 20.97 32.78
N LYS B 378 -21.87 20.46 31.56
CA LYS B 378 -21.32 21.26 30.47
C LYS B 378 -22.29 22.36 30.08
N ALA B 379 -21.75 23.47 29.58
CA ALA B 379 -22.61 24.58 29.16
C ALA B 379 -23.35 24.25 27.88
N ASN B 380 -22.71 23.51 26.97
CA ASN B 380 -23.30 23.06 25.71
C ASN B 380 -23.10 21.56 25.65
N PRO B 381 -23.99 20.78 26.26
CA PRO B 381 -23.74 19.34 26.37
C PRO B 381 -23.57 18.67 25.02
N LYS B 382 -24.19 19.21 23.97
CA LYS B 382 -24.17 18.53 22.69
C LYS B 382 -22.84 18.67 21.96
N THR B 383 -22.16 19.81 22.14
CA THR B 383 -20.98 20.14 21.35
C THR B 383 -19.70 20.29 22.15
N ASP B 384 -19.76 20.34 23.48
CA ASP B 384 -18.56 20.61 24.29
C ASP B 384 -17.66 19.40 24.35
N ALA B 385 -16.36 19.64 24.12
CA ALA B 385 -15.39 18.55 24.07
C ALA B 385 -15.11 17.99 25.46
N PHE B 386 -15.00 16.65 25.54
CA PHE B 386 -14.56 16.04 26.79
C PHE B 386 -13.08 16.29 27.03
N MET B 387 -12.25 16.14 26.00
CA MET B 387 -10.80 16.10 26.11
C MET B 387 -10.20 16.84 24.93
N ASN B 388 -9.16 17.62 25.19
CA ASN B 388 -8.64 18.54 24.20
C ASN B 388 -7.14 18.36 24.13
N ILE B 389 -6.59 18.21 22.92
CA ILE B 389 -5.16 17.94 22.76
C ILE B 389 -4.58 19.00 21.85
N SER B 390 -3.50 19.64 22.28
CA SER B 390 -2.89 20.69 21.48
C SER B 390 -1.41 20.78 21.85
N GLY B 391 -0.57 21.09 20.87
CA GLY B 391 0.86 21.23 21.11
C GLY B 391 1.60 19.95 21.43
N CYS B 392 0.94 18.81 21.36
CA CYS B 392 1.55 17.58 21.86
C CYS B 392 2.50 16.96 20.81
N SER B 393 3.60 17.66 20.53
CA SER B 393 4.61 17.14 19.60
C SER B 393 5.39 15.99 20.23
N MET B 394 5.59 14.91 19.49
CA MET B 394 6.40 13.77 19.93
C MET B 394 5.80 13.05 21.13
N GLY B 395 4.52 13.22 21.40
CA GLY B 395 3.91 12.55 22.52
C GLY B 395 3.53 11.13 22.17
N ARG B 396 3.06 10.39 23.17
CA ARG B 396 2.60 9.02 22.96
C ARG B 396 1.50 8.75 23.97
N ILE B 397 0.32 8.39 23.52
CA ILE B 397 -0.81 8.14 24.39
C ILE B 397 -1.31 6.75 24.08
N SER B 398 -1.45 5.90 25.10
CA SER B 398 -1.81 4.52 24.75
C SER B 398 -2.79 3.91 25.74
N SER B 399 -3.55 2.95 25.24
CA SER B 399 -4.37 2.02 26.01
C SER B 399 -5.38 2.72 26.94
N ILE B 400 -6.24 3.53 26.35
CA ILE B 400 -7.30 4.21 27.09
C ILE B 400 -8.62 3.96 26.36
N ASN B 401 -9.72 3.87 27.13
CA ASN B 401 -11.05 3.65 26.56
C ASN B 401 -11.98 4.74 27.08
N CYS B 402 -12.29 5.74 26.26
CA CYS B 402 -13.17 6.84 26.63
C CYS B 402 -14.58 6.48 26.18
N PHE B 403 -15.56 6.53 27.09
CA PHE B 403 -16.91 6.53 26.58
C PHE B 403 -17.84 7.30 27.49
N SER B 404 -19.00 7.65 26.94
CA SER B 404 -19.89 8.59 27.61
C SER B 404 -21.32 8.12 27.71
N ASN B 405 -21.76 7.12 26.94
CA ASN B 405 -23.15 6.63 26.98
C ASN B 405 -24.16 7.75 26.93
N SER B 406 -23.97 8.71 26.02
CA SER B 406 -24.97 9.78 25.92
C SER B 406 -25.30 10.22 24.51
N TYR B 407 -24.50 9.86 23.50
CA TYR B 407 -24.63 10.46 22.16
C TYR B 407 -24.49 11.97 22.20
N LEU B 408 -23.66 12.53 23.12
CA LEU B 408 -23.46 13.97 23.22
C LEU B 408 -21.97 14.30 23.36
N GLY B 409 -21.58 15.46 22.84
CA GLY B 409 -20.23 15.96 23.03
C GLY B 409 -19.23 15.34 22.06
N LYS B 410 -18.04 15.95 22.02
CA LYS B 410 -16.92 15.42 21.27
C LYS B 410 -16.05 14.58 22.19
N GLY B 411 -15.52 13.49 21.66
CA GLY B 411 -14.65 12.67 22.48
C GLY B 411 -13.31 13.33 22.70
N ILE B 412 -12.52 13.43 21.64
CA ILE B 412 -11.21 14.05 21.72
C ILE B 412 -11.14 15.09 20.61
N ASN B 413 -10.84 16.32 20.98
CA ASN B 413 -10.80 17.42 20.03
C ASN B 413 -9.36 17.90 19.87
N PHE B 414 -8.86 17.94 18.63
CA PHE B 414 -7.50 18.40 18.34
C PHE B 414 -7.54 19.83 17.85
N ASP B 415 -6.74 20.70 18.46
CA ASP B 415 -6.71 22.13 18.17
C ASP B 415 -5.30 22.60 17.89
N ARG B 416 -5.19 23.88 17.59
CA ARG B 416 -3.91 24.56 17.46
C ARG B 416 -3.79 25.70 18.46
N SER B 417 -4.56 25.64 19.57
CA SER B 417 -4.55 26.69 20.57
C SER B 417 -3.16 26.90 21.18
N VAL B 418 -2.38 25.83 21.29
CA VAL B 418 -1.00 25.92 21.76
C VAL B 418 -0.01 25.71 20.61
N GLY B 419 -0.31 24.80 19.70
CA GLY B 419 0.60 24.53 18.59
C GLY B 419 0.16 23.29 17.83
N ASP B 420 1.05 22.80 16.99
CA ASP B 420 0.75 21.63 16.18
C ASP B 420 1.15 20.35 16.91
N ASN B 421 0.37 19.30 16.71
CA ASN B 421 0.68 17.98 17.24
C ASN B 421 1.56 17.22 16.25
N ARG B 422 2.85 17.60 16.19
CA ARG B 422 3.62 17.33 14.98
C ARG B 422 3.96 15.86 14.75
N LYS B 423 4.25 15.04 15.74
CA LYS B 423 4.36 13.62 15.41
C LYS B 423 3.74 12.77 16.50
N LEU B 424 2.59 13.20 17.01
CA LEU B 424 1.93 12.52 18.10
C LEU B 424 1.46 11.14 17.66
N VAL B 425 1.57 10.15 18.53
CA VAL B 425 1.24 8.76 18.22
C VAL B 425 0.17 8.27 19.19
N LEU B 426 -0.92 7.73 18.67
CA LEU B 426 -1.93 7.13 19.54
C LEU B 426 -1.95 5.62 19.30
N GLU B 427 -2.02 4.83 20.37
CA GLU B 427 -2.12 3.37 20.24
C GLU B 427 -3.24 2.84 21.13
N HIS B 428 -4.09 2.00 20.59
CA HIS B 428 -5.09 1.37 21.42
C HIS B 428 -5.92 2.38 22.22
N VAL B 429 -6.30 3.49 21.59
CA VAL B 429 -7.18 4.49 22.19
C VAL B 429 -8.58 4.32 21.59
N TYR B 430 -9.60 4.02 22.41
CA TYR B 430 -10.96 3.72 21.95
C TYR B 430 -11.90 4.85 22.36
N VAL B 431 -12.81 5.25 21.48
CA VAL B 431 -13.74 6.32 21.84
C VAL B 431 -15.14 5.91 21.42
N ASP B 432 -16.08 5.87 22.37
CA ASP B 432 -17.37 5.25 22.11
C ASP B 432 -18.50 6.11 22.66
N THR B 433 -19.64 6.05 21.97
CA THR B 433 -20.93 6.66 22.37
C THR B 433 -20.86 8.15 22.71
N PHE B 434 -20.01 8.90 22.04
CA PHE B 434 -20.09 10.35 22.04
C PHE B 434 -20.97 10.81 20.86
N ARG B 435 -20.95 12.11 20.53
CA ARG B 435 -21.53 12.53 19.25
C ARG B 435 -20.52 12.42 18.13
N TRP B 436 -19.26 12.81 18.36
CA TRP B 436 -18.18 12.54 17.43
C TRP B 436 -17.04 11.91 18.20
N GLY B 437 -16.50 10.81 17.70
CA GLY B 437 -15.38 10.23 18.41
C GLY B 437 -14.14 11.09 18.37
N PHE B 438 -13.48 11.19 17.23
CA PHE B 438 -12.29 12.02 17.06
C PHE B 438 -12.68 13.20 16.20
N TYR B 439 -12.32 14.42 16.62
CA TYR B 439 -12.78 15.61 15.93
C TYR B 439 -11.62 16.53 15.64
N VAL B 440 -11.55 17.04 14.42
CA VAL B 440 -10.60 18.08 14.04
C VAL B 440 -11.35 19.11 13.22
N GLY B 441 -11.13 20.38 13.49
CA GLY B 441 -11.92 21.41 12.84
C GLY B 441 -11.17 22.67 12.45
N GLU B 442 -9.85 22.57 12.29
CA GLU B 442 -9.08 23.71 11.82
C GLU B 442 -7.80 23.19 11.17
N PRO B 443 -7.13 24.01 10.37
CA PRO B 443 -5.98 23.53 9.60
C PRO B 443 -4.70 23.49 10.41
N GLU B 444 -3.75 22.69 9.92
CA GLU B 444 -2.39 22.67 10.43
C GLU B 444 -2.31 22.29 11.90
N CYS B 445 -3.09 21.31 12.33
CA CYS B 445 -2.96 20.87 13.71
C CYS B 445 -2.84 19.37 13.89
N ILE B 446 -2.79 18.57 12.84
CA ILE B 446 -2.47 17.17 13.01
C ILE B 446 -1.38 16.72 12.03
N ASN B 447 -0.46 17.60 11.66
CA ASN B 447 0.57 17.22 10.70
C ASN B 447 1.30 15.97 11.17
N GLN B 448 1.37 14.97 10.33
CA GLN B 448 2.16 13.77 10.62
C GLN B 448 1.65 12.99 11.81
N ILE B 449 0.37 13.14 12.17
CA ILE B 449 -0.14 12.38 13.31
C ILE B 449 -0.28 10.91 12.94
N GLU B 450 -0.24 10.02 13.93
CA GLU B 450 -0.39 8.59 13.67
C GLU B 450 -1.44 7.96 14.58
N PHE B 451 -2.33 7.16 14.01
CA PHE B 451 -3.26 6.37 14.79
C PHE B 451 -2.92 4.90 14.59
N HIS B 452 -2.53 4.21 15.65
CA HIS B 452 -2.32 2.77 15.52
C HIS B 452 -3.37 2.03 16.32
N SER B 453 -4.04 1.09 15.69
CA SER B 453 -4.87 0.17 16.44
C SER B 453 -5.94 0.88 17.26
N CYS B 454 -6.43 2.03 16.78
CA CYS B 454 -7.45 2.78 17.50
C CYS B 454 -8.84 2.34 17.10
N ARG B 455 -9.87 2.87 17.77
CA ARG B 455 -11.23 2.44 17.49
C ARG B 455 -12.19 3.59 17.72
N ALA B 456 -13.23 3.72 16.90
CA ALA B 456 -14.29 4.70 17.19
C ALA B 456 -15.63 4.01 16.98
N GLN B 457 -16.44 3.90 18.01
CA GLN B 457 -17.56 2.99 17.91
C GLN B 457 -18.86 3.58 18.47
N SER B 458 -19.96 3.35 17.79
CA SER B 458 -21.28 3.70 18.31
C SER B 458 -21.44 5.19 18.64
N ASN B 459 -20.66 6.08 18.02
CA ASN B 459 -20.92 7.52 18.18
C ASN B 459 -22.16 7.92 17.41
N TYR B 460 -22.67 9.13 17.65
CA TYR B 460 -23.94 9.46 16.99
C TYR B 460 -23.77 9.87 15.54
N PHE B 461 -22.84 10.76 15.21
CA PHE B 461 -22.70 11.20 13.83
C PHE B 461 -21.53 10.49 13.16
N GLN B 462 -20.33 10.64 13.66
CA GLN B 462 -19.17 10.08 12.97
C GLN B 462 -18.19 9.54 13.99
N GLY B 463 -17.37 8.61 13.53
CA GLY B 463 -16.33 8.09 14.39
C GLY B 463 -15.10 8.95 14.24
N ILE B 464 -14.70 9.23 13.01
CA ILE B 464 -13.64 10.16 12.69
C ILE B 464 -14.26 11.34 11.93
N PHE B 465 -13.98 12.56 12.37
CA PHE B 465 -14.50 13.74 11.67
C PHE B 465 -13.38 14.74 11.50
N ILE B 466 -12.88 14.90 10.28
CA ILE B 466 -11.79 15.83 10.03
C ILE B 466 -12.29 16.88 9.06
N GLU B 467 -12.15 18.15 9.40
CA GLU B 467 -12.64 19.17 8.47
C GLU B 467 -11.79 20.42 8.63
N SER B 468 -10.77 20.56 7.77
CA SER B 468 -9.85 21.66 7.91
C SER B 468 -10.52 23.01 7.67
N PHE B 469 -11.44 23.10 6.72
CA PHE B 469 -12.06 24.38 6.47
C PHE B 469 -13.45 24.18 5.91
N LYS B 470 -14.32 25.14 6.17
CA LYS B 470 -15.70 25.10 5.71
C LYS B 470 -15.85 25.88 4.42
N GLU B 471 -17.06 25.93 3.90
CA GLU B 471 -17.25 26.46 2.56
C GLU B 471 -17.27 27.98 2.66
N GLY B 472 -16.55 28.64 1.73
CA GLY B 472 -16.36 30.07 1.79
C GLY B 472 -15.20 30.55 2.65
N GLN B 473 -14.65 29.65 3.45
CA GLN B 473 -13.52 29.95 4.32
C GLN B 473 -12.20 29.85 3.56
N GLU B 474 -11.15 30.45 4.12
CA GLU B 474 -9.84 30.41 3.50
C GLU B 474 -9.34 28.98 3.44
N TYR B 475 -8.70 28.62 2.34
CA TYR B 475 -8.17 27.26 2.15
C TYR B 475 -7.02 26.94 3.09
N GLY B 476 -6.96 25.68 3.53
CA GLY B 476 -5.91 25.22 4.42
C GLY B 476 -5.99 23.72 4.53
N HIS B 477 -4.94 23.12 5.08
CA HIS B 477 -4.90 21.66 5.16
C HIS B 477 -3.89 21.24 6.21
N SER B 478 -3.92 19.96 6.55
CA SER B 478 -2.88 19.37 7.37
C SER B 478 -2.41 18.07 6.70
N ALA B 479 -1.09 17.81 6.72
CA ALA B 479 -0.54 16.81 5.82
C ALA B 479 0.87 16.41 6.23
N PRO B 480 1.20 15.13 6.24
CA PRO B 480 0.36 13.96 5.94
C PRO B 480 -0.43 13.44 7.13
N VAL B 481 -1.28 12.44 6.95
CA VAL B 481 -2.04 11.84 8.04
C VAL B 481 -2.03 10.34 7.83
N HIS B 482 -1.79 9.59 8.90
CA HIS B 482 -1.52 8.15 8.78
C HIS B 482 -2.43 7.34 9.67
N PHE B 483 -3.14 6.35 9.12
CA PHE B 483 -3.94 5.44 9.94
C PHE B 483 -3.44 4.02 9.69
N PHE B 484 -3.23 3.26 10.76
CA PHE B 484 -2.71 1.90 10.62
C PHE B 484 -3.57 0.96 11.45
N ASN B 485 -4.23 0.03 10.79
CA ASN B 485 -5.00 -0.95 11.52
C ASN B 485 -6.02 -0.35 12.48
N THR B 486 -6.77 0.64 12.00
CA THR B 486 -7.82 1.31 12.76
C THR B 486 -9.15 0.89 12.18
N ILE B 487 -10.12 0.65 13.07
CA ILE B 487 -11.47 0.25 12.69
C ILE B 487 -12.54 1.21 13.22
N CYS B 488 -13.44 1.65 12.35
CA CYS B 488 -14.55 2.50 12.77
C CYS B 488 -15.81 1.67 12.60
N ASN B 489 -16.55 1.46 13.69
CA ASN B 489 -17.75 0.64 13.61
C ASN B 489 -18.99 1.15 14.38
N GLY B 490 -20.14 1.08 13.74
CA GLY B 490 -21.40 1.45 14.36
C GLY B 490 -21.78 2.91 14.48
N ASN B 491 -20.95 3.80 13.92
CA ASN B 491 -21.21 5.23 13.98
C ASN B 491 -22.42 5.63 13.13
N GLY B 492 -23.21 6.58 13.60
CA GLY B 492 -24.37 7.02 12.85
C GLY B 492 -25.64 6.82 13.65
N PRO B 493 -26.68 7.60 13.33
CA PRO B 493 -27.95 7.54 14.09
C PRO B 493 -28.73 6.27 13.82
N THR B 494 -28.97 5.48 14.87
CA THR B 494 -29.89 4.35 14.81
C THR B 494 -31.31 4.82 15.16
N SER B 495 -32.30 3.94 14.97
CA SER B 495 -33.68 4.32 15.26
C SER B 495 -33.89 4.54 16.75
N PHE B 496 -33.24 3.71 17.57
CA PHE B 496 -33.29 3.93 19.01
C PHE B 496 -32.67 5.29 19.38
N ALA B 497 -31.47 5.58 18.86
CA ALA B 497 -30.85 6.87 19.14
C ALA B 497 -31.72 8.04 18.66
N LEU B 498 -32.34 7.89 17.49
CA LEU B 498 -33.22 8.95 16.99
C LEU B 498 -34.37 9.21 17.95
N GLY B 499 -34.88 8.15 18.59
CA GLY B 499 -35.97 8.39 19.51
C GLY B 499 -35.59 8.62 20.95
N ALA B 500 -34.31 8.64 21.28
CA ALA B 500 -33.89 8.64 22.67
C ALA B 500 -33.87 10.05 23.24
N THR B 501 -34.00 10.11 24.57
CA THR B 501 -33.84 11.34 25.33
C THR B 501 -32.93 11.09 26.54
N TYR B 502 -31.87 11.89 26.66
CA TYR B 502 -30.92 11.76 27.75
C TYR B 502 -31.43 12.51 28.98
N LYS B 503 -31.27 11.87 30.14
CA LYS B 503 -31.65 12.43 31.43
C LYS B 503 -30.39 12.78 32.24
N THR B 504 -30.24 14.06 32.58
CA THR B 504 -29.06 14.51 33.31
C THR B 504 -29.21 14.27 34.81
N THR B 505 -28.09 14.40 35.53
CA THR B 505 -28.10 14.26 36.99
C THR B 505 -28.80 15.41 37.69
N LYS B 506 -29.01 16.53 37.01
CA LYS B 506 -29.84 17.62 37.52
C LYS B 506 -31.30 17.49 37.10
N ASN B 507 -31.70 16.32 36.58
CA ASN B 507 -33.07 16.02 36.16
C ASN B 507 -33.53 16.87 34.98
N GLU B 508 -32.62 17.17 34.06
CA GLU B 508 -32.98 17.78 32.79
C GLU B 508 -33.17 16.69 31.75
N TYR B 509 -33.81 17.05 30.65
CA TYR B 509 -34.00 16.15 29.52
C TYR B 509 -33.45 16.82 28.27
N ILE B 510 -32.59 16.10 27.55
CA ILE B 510 -31.98 16.60 26.33
C ILE B 510 -32.32 15.63 25.23
N LYS B 511 -32.93 16.15 24.16
CA LYS B 511 -33.24 15.30 23.03
C LYS B 511 -31.96 14.96 22.28
N VAL B 512 -31.75 13.68 22.01
CA VAL B 512 -30.52 13.27 21.35
C VAL B 512 -30.50 13.76 19.91
N MET B 513 -31.63 13.68 19.21
CA MET B 513 -31.65 13.95 17.78
C MET B 513 -31.67 15.46 17.50
N ASP B 514 -31.17 15.84 16.32
CA ASP B 514 -31.27 17.22 15.83
C ASP B 514 -32.55 17.44 15.02
N SER B 515 -32.79 16.58 14.03
CA SER B 515 -34.06 16.49 13.33
C SER B 515 -34.36 15.01 13.08
N VAL B 516 -35.59 14.73 12.65
CA VAL B 516 -36.00 13.36 12.39
C VAL B 516 -35.34 12.76 11.16
N ASN B 517 -34.63 13.58 10.37
CA ASN B 517 -33.97 13.14 9.13
C ASN B 517 -32.46 13.05 9.28
N ASP B 518 -31.97 12.72 10.46
CA ASP B 518 -30.54 12.74 10.72
C ASP B 518 -29.89 11.50 10.08
N VAL B 519 -28.73 11.71 9.45
CA VAL B 519 -27.91 10.63 8.92
C VAL B 519 -26.46 10.93 9.26
N GLY B 520 -25.61 9.90 9.22
CA GLY B 520 -24.19 10.09 9.50
C GLY B 520 -23.31 9.26 8.58
N CYS B 521 -22.05 8.99 8.95
CA CYS B 521 -21.21 8.04 8.22
C CYS B 521 -20.09 7.59 9.16
N GLN B 522 -19.35 6.56 8.76
CA GLN B 522 -18.34 6.06 9.69
C GLN B 522 -17.17 7.03 9.79
N ALA B 523 -16.65 7.51 8.66
CA ALA B 523 -15.53 8.46 8.70
C ALA B 523 -15.72 9.57 7.67
N TYR B 524 -15.22 10.76 7.99
CA TYR B 524 -15.44 11.93 7.13
C TYR B 524 -14.14 12.71 7.02
N PHE B 525 -13.58 12.81 5.80
CA PHE B 525 -12.29 13.47 5.61
C PHE B 525 -12.46 14.67 4.71
N GLN B 526 -12.10 15.86 5.19
CA GLN B 526 -12.18 17.04 4.34
C GLN B 526 -10.91 17.88 4.45
N GLY B 527 -10.42 18.36 3.32
CA GLY B 527 -9.31 19.29 3.28
C GLY B 527 -7.98 18.79 3.78
N LEU B 528 -7.61 17.56 3.46
CA LEU B 528 -6.37 16.96 3.91
C LEU B 528 -5.47 16.69 2.72
N SER B 529 -4.33 16.06 2.97
CA SER B 529 -3.44 15.77 1.86
C SER B 529 -2.47 14.65 2.27
N ASN B 530 -2.13 13.77 1.33
CA ASN B 530 -1.26 12.63 1.59
C ASN B 530 -1.76 11.76 2.74
N VAL B 531 -2.99 11.28 2.62
CA VAL B 531 -3.64 10.48 3.67
C VAL B 531 -3.50 9.01 3.30
N GLN B 532 -3.17 8.17 4.29
CA GLN B 532 -3.07 6.73 4.05
C GLN B 532 -3.92 5.99 5.04
N TYR B 533 -4.78 5.10 4.56
CA TYR B 533 -5.59 4.28 5.44
C TYR B 533 -5.14 2.82 5.27
N ILE B 534 -4.23 2.32 6.10
CA ILE B 534 -3.64 0.99 5.88
C ILE B 534 -4.39 -0.05 6.71
N GLY B 535 -4.92 -1.08 6.05
CA GLY B 535 -5.57 -2.11 6.87
C GLY B 535 -6.80 -1.56 7.60
N GLY B 536 -7.14 -2.19 8.72
CA GLY B 536 -8.23 -1.64 9.50
C GLY B 536 -9.57 -2.11 8.98
N GLN B 537 -10.63 -1.37 9.32
CA GLN B 537 -11.97 -1.81 8.98
C GLN B 537 -12.90 -0.60 9.04
N LEU B 538 -13.93 -0.57 8.19
CA LEU B 538 -15.00 0.43 8.29
C LEU B 538 -16.32 -0.32 8.11
N SER B 539 -17.14 -0.40 9.14
CA SER B 539 -18.32 -1.24 9.04
C SER B 539 -19.52 -0.56 9.66
N GLY B 540 -20.70 -1.10 9.39
CA GLY B 540 -21.92 -0.46 9.85
C GLY B 540 -22.79 -1.39 10.66
N HIS B 541 -22.19 -2.20 11.52
CA HIS B 541 -22.95 -3.17 12.31
C HIS B 541 -23.97 -2.45 13.19
N GLY B 542 -25.14 -3.07 13.37
CA GLY B 542 -26.19 -2.45 14.15
C GLY B 542 -27.15 -1.58 13.36
N SER B 543 -26.95 -1.41 12.05
CA SER B 543 -27.81 -0.71 11.11
C SER B 543 -28.05 0.76 11.44
N PRO B 544 -27.00 1.57 11.63
CA PRO B 544 -27.19 3.02 11.69
C PRO B 544 -27.57 3.57 10.33
N ARG B 545 -28.10 4.79 10.32
CA ARG B 545 -28.41 5.46 9.07
C ARG B 545 -27.14 6.11 8.51
N ASN B 546 -26.66 5.63 7.36
CA ASN B 546 -25.43 6.18 6.79
C ASN B 546 -25.63 6.66 5.36
N THR B 547 -25.02 7.79 5.02
CA THR B 547 -24.90 8.09 3.60
C THR B 547 -23.78 7.29 2.94
N SER B 548 -22.71 6.99 3.67
CA SER B 548 -21.61 6.22 3.12
C SER B 548 -20.82 5.57 4.25
N LEU B 549 -19.81 4.78 3.89
CA LEU B 549 -18.89 4.33 4.94
C LEU B 549 -17.79 5.35 5.16
N ALA B 550 -17.17 5.82 4.08
CA ALA B 550 -16.20 6.90 4.12
C ALA B 550 -16.65 7.99 3.16
N THR B 551 -16.42 9.23 3.54
CA THR B 551 -16.69 10.34 2.64
C THR B 551 -15.44 11.18 2.53
N ILE B 552 -15.01 11.49 1.31
CA ILE B 552 -13.74 12.16 1.11
C ILE B 552 -13.98 13.38 0.25
N THR B 553 -13.64 14.57 0.74
CA THR B 553 -13.88 15.76 -0.07
C THR B 553 -12.63 16.63 -0.08
N GLN B 554 -12.29 17.17 -1.23
CA GLN B 554 -11.27 18.21 -1.34
C GLN B 554 -9.89 17.79 -0.81
N CYS B 555 -9.56 16.50 -0.85
CA CYS B 555 -8.28 15.95 -0.45
C CYS B 555 -7.37 15.73 -1.65
N ASN B 556 -6.07 15.66 -1.39
CA ASN B 556 -5.09 15.32 -2.41
C ASN B 556 -4.39 14.04 -2.01
N SER B 557 -4.49 13.01 -2.84
CA SER B 557 -3.83 11.75 -2.58
C SER B 557 -4.36 11.11 -1.29
N PHE B 558 -5.55 10.56 -1.40
CA PHE B 558 -6.07 9.63 -0.41
C PHE B 558 -5.85 8.20 -0.92
N ILE B 559 -5.17 7.36 -0.15
CA ILE B 559 -4.87 6.01 -0.60
C ILE B 559 -5.36 4.98 0.41
N ILE B 560 -5.94 3.89 -0.07
CA ILE B 560 -6.51 2.86 0.80
C ILE B 560 -5.83 1.53 0.55
N TYR B 561 -5.23 0.95 1.57
CA TYR B 561 -4.50 -0.30 1.36
C TYR B 561 -5.23 -1.46 2.05
N GLY B 562 -6.00 -2.23 1.30
CA GLY B 562 -6.58 -3.44 1.90
C GLY B 562 -7.52 -3.29 3.07
N THR B 563 -8.40 -2.29 3.07
CA THR B 563 -9.29 -2.06 4.23
C THR B 563 -10.60 -2.82 4.12
N ASP B 564 -10.97 -3.51 5.19
CA ASP B 564 -12.23 -4.24 5.23
C ASP B 564 -13.41 -3.28 5.23
N LEU B 565 -14.34 -3.41 4.29
CA LEU B 565 -15.53 -2.57 4.27
C LEU B 565 -16.75 -3.47 4.19
N GLU B 566 -17.78 -3.19 4.98
CA GLU B 566 -18.89 -4.13 5.00
C GLU B 566 -20.12 -3.52 5.64
N ASP B 567 -21.28 -4.06 5.29
CA ASP B 567 -22.51 -3.83 6.04
C ASP B 567 -22.84 -2.34 6.16
N ILE B 568 -23.24 -1.74 5.03
CA ILE B 568 -23.80 -0.39 5.05
C ILE B 568 -25.30 -0.47 4.85
N ASN B 569 -26.02 0.43 5.52
CA ASN B 569 -27.47 0.62 5.37
C ASN B 569 -27.64 2.00 4.73
N GLY B 570 -28.12 2.04 3.50
CA GLY B 570 -27.97 3.22 2.67
C GLY B 570 -29.08 4.25 2.82
N PHE B 571 -28.68 5.52 2.87
CA PHE B 571 -29.58 6.67 2.89
C PHE B 571 -28.97 7.76 2.04
N THR B 572 -29.80 8.70 1.59
CA THR B 572 -29.28 9.92 0.96
C THR B 572 -29.03 10.98 2.02
N THR B 573 -28.43 12.10 1.59
CA THR B 573 -28.27 13.23 2.49
C THR B 573 -29.61 13.75 3.03
N ASP B 574 -30.68 13.68 2.23
CA ASP B 574 -31.99 14.15 2.66
C ASP B 574 -32.57 13.33 3.80
N GLY B 575 -32.13 12.07 3.94
CA GLY B 575 -32.77 11.12 4.82
C GLY B 575 -33.58 10.05 4.11
N THR B 576 -33.59 10.01 2.78
CA THR B 576 -34.39 9.06 2.01
C THR B 576 -33.70 7.71 1.96
N ALA B 577 -34.43 6.64 2.27
CA ALA B 577 -33.80 5.33 2.27
C ALA B 577 -33.57 4.85 0.85
N ILE B 578 -32.46 4.16 0.64
CA ILE B 578 -32.10 3.64 -0.67
C ILE B 578 -32.36 2.15 -0.65
N THR B 579 -33.41 1.72 -1.33
CA THR B 579 -33.77 0.31 -1.45
C THR B 579 -33.66 -0.11 -2.91
N ALA B 580 -34.04 -1.35 -3.20
CA ALA B 580 -34.09 -1.80 -4.58
C ALA B 580 -35.24 -1.15 -5.35
N ASP B 581 -36.43 -1.11 -4.73
CA ASP B 581 -37.63 -0.59 -5.37
C ASP B 581 -37.42 0.76 -6.03
N ASN B 582 -36.79 1.70 -5.33
CA ASN B 582 -36.63 3.05 -5.84
C ASN B 582 -35.26 3.31 -6.43
N ILE B 583 -34.47 2.27 -6.71
CA ILE B 583 -33.06 2.48 -7.03
C ILE B 583 -32.92 3.42 -8.23
N ASP B 584 -33.69 3.16 -9.30
CA ASP B 584 -33.60 4.01 -10.50
C ASP B 584 -33.92 5.46 -10.19
N THR B 585 -34.99 5.69 -9.42
CA THR B 585 -35.35 7.04 -9.01
C THR B 585 -34.18 7.75 -8.34
N ILE B 586 -33.49 7.05 -7.43
CA ILE B 586 -32.36 7.67 -6.74
C ILE B 586 -31.35 8.17 -7.77
N GLU B 587 -31.02 7.31 -8.74
CA GLU B 587 -29.98 7.64 -9.71
C GLU B 587 -30.36 8.88 -10.52
N SER B 588 -31.66 9.14 -10.67
CA SER B 588 -32.07 10.30 -11.44
C SER B 588 -32.11 11.57 -10.60
N ASN B 589 -32.43 11.47 -9.30
CA ASN B 589 -32.71 12.66 -8.52
C ASN B 589 -31.58 13.04 -7.58
N TYR B 590 -30.67 12.13 -7.30
CA TYR B 590 -29.62 12.43 -6.33
C TYR B 590 -28.26 12.22 -6.96
N LEU B 591 -28.13 12.57 -8.23
CA LEU B 591 -26.86 12.39 -8.90
C LEU B 591 -25.76 13.25 -8.27
N LYS B 592 -26.07 14.52 -7.98
CA LYS B 592 -25.08 15.44 -7.43
C LYS B 592 -25.04 15.42 -5.92
N ASP B 593 -25.80 14.54 -5.29
CA ASP B 593 -25.77 14.40 -3.85
C ASP B 593 -24.50 13.68 -3.41
N ILE B 594 -23.94 14.10 -2.29
CA ILE B 594 -22.71 13.47 -1.78
C ILE B 594 -23.15 12.31 -0.89
N SER B 595 -23.49 11.19 -1.56
CA SER B 595 -24.00 10.00 -0.89
C SER B 595 -24.18 8.86 -1.88
N GLY B 596 -24.63 7.70 -1.42
CA GLY B 596 -25.05 6.67 -2.34
C GLY B 596 -23.98 5.71 -2.72
N ALA B 597 -22.93 5.57 -1.92
CA ALA B 597 -21.97 4.51 -2.17
C ALA B 597 -21.29 4.15 -0.86
N ALA B 598 -20.60 3.00 -0.87
CA ALA B 598 -19.77 2.68 0.29
C ALA B 598 -18.68 3.72 0.49
N ILE B 599 -18.04 4.15 -0.59
CA ILE B 599 -17.00 5.18 -0.50
C ILE B 599 -17.37 6.29 -1.46
N VAL B 600 -17.52 7.50 -0.96
CA VAL B 600 -17.87 8.63 -1.81
C VAL B 600 -16.67 9.55 -1.96
N VAL B 601 -16.27 9.84 -3.18
CA VAL B 601 -15.09 10.65 -3.40
C VAL B 601 -15.50 11.88 -4.16
N SER B 602 -15.15 13.06 -3.64
CA SER B 602 -15.61 14.31 -4.25
C SER B 602 -14.49 15.35 -4.31
N SER B 603 -13.97 15.61 -5.49
CA SER B 603 -12.99 16.66 -5.72
C SER B 603 -11.62 16.28 -5.16
N CYS B 604 -11.23 15.03 -5.37
CA CYS B 604 -10.04 14.45 -4.75
C CYS B 604 -9.04 14.08 -5.83
N LEU B 605 -7.83 14.61 -5.73
CA LEU B 605 -6.77 14.25 -6.65
C LEU B 605 -6.10 12.99 -6.17
N GLY B 606 -5.66 12.16 -7.12
CA GLY B 606 -4.81 11.06 -6.72
C GLY B 606 -5.46 10.05 -5.78
N PHE B 607 -6.73 9.71 -6.02
CA PHE B 607 -7.39 8.68 -5.21
C PHE B 607 -6.96 7.28 -5.64
N LYS B 608 -6.87 6.35 -4.69
CA LYS B 608 -6.46 4.98 -5.05
C LYS B 608 -7.00 3.92 -4.09
N ILE B 609 -7.48 2.80 -4.62
CA ILE B 609 -7.89 1.70 -3.77
C ILE B 609 -7.43 0.38 -4.40
N ASP B 610 -6.79 -0.47 -3.61
CA ASP B 610 -6.42 -1.79 -4.11
C ASP B 610 -7.63 -2.70 -3.94
N SER B 611 -7.40 -3.98 -3.72
CA SER B 611 -8.48 -4.94 -3.84
C SER B 611 -8.94 -5.57 -2.52
N PRO B 612 -9.55 -4.83 -1.62
CA PRO B 612 -10.10 -5.44 -0.40
C PRO B 612 -11.36 -6.22 -0.70
N HIS B 613 -11.75 -7.02 0.29
CA HIS B 613 -12.99 -7.75 0.23
C HIS B 613 -14.11 -6.87 0.79
N ILE B 614 -15.15 -6.71 0.02
CA ILE B 614 -16.29 -5.89 0.39
C ILE B 614 -17.54 -6.75 0.33
N PHE B 615 -18.41 -6.67 1.32
CA PHE B 615 -19.67 -7.38 1.14
C PHE B 615 -20.79 -6.75 1.93
N LYS B 616 -22.02 -7.15 1.57
CA LYS B 616 -23.24 -6.72 2.25
C LYS B 616 -23.41 -5.21 2.20
N ILE B 617 -23.41 -4.68 0.98
CA ILE B 617 -23.56 -3.24 0.79
C ILE B 617 -24.96 -2.91 0.32
N LYS B 618 -25.77 -2.34 1.21
CA LYS B 618 -27.13 -1.93 0.87
C LYS B 618 -27.09 -0.50 0.36
N THR B 619 -26.53 -0.30 -0.82
CA THR B 619 -26.41 1.03 -1.41
C THR B 619 -26.38 0.93 -2.93
N LEU B 620 -26.55 2.05 -3.60
CA LEU B 620 -26.58 2.06 -5.06
C LEU B 620 -25.28 1.57 -5.71
N SER B 621 -24.14 1.92 -5.15
CA SER B 621 -22.88 1.50 -5.74
C SER B 621 -21.83 1.28 -4.67
N THR B 622 -20.71 0.68 -5.08
CA THR B 622 -19.61 0.44 -4.14
C THR B 622 -18.65 1.63 -4.05
N ILE B 623 -18.38 2.30 -5.16
CA ILE B 623 -17.56 3.50 -5.17
C ILE B 623 -18.27 4.55 -6.01
N LYS B 624 -18.21 5.80 -5.56
CA LYS B 624 -18.79 6.92 -6.30
C LYS B 624 -17.76 8.03 -6.53
N LEU B 625 -17.67 8.50 -7.77
CA LEU B 625 -16.72 9.56 -8.13
C LEU B 625 -17.45 10.81 -8.63
N MET B 626 -17.07 11.96 -8.09
CA MET B 626 -17.71 13.23 -8.45
C MET B 626 -16.85 14.45 -8.17
N ASN B 627 -17.30 15.61 -8.62
CA ASN B 627 -16.61 16.88 -8.39
C ASN B 627 -15.15 16.97 -8.82
N ASN B 628 -14.91 16.66 -10.09
CA ASN B 628 -13.58 16.70 -10.73
C ASN B 628 -12.48 15.76 -10.20
N THR B 629 -12.87 14.57 -9.78
CA THR B 629 -11.93 13.54 -9.35
C THR B 629 -11.34 12.95 -10.62
N TYR B 630 -10.14 13.37 -11.03
CA TYR B 630 -9.80 13.14 -12.43
C TYR B 630 -8.63 12.23 -12.72
N ASN B 631 -7.94 11.67 -11.74
CA ASN B 631 -6.90 10.72 -12.05
C ASN B 631 -6.98 9.55 -11.10
N TYR B 632 -8.18 9.00 -10.96
CA TYR B 632 -8.31 7.96 -9.96
C TYR B 632 -7.82 6.64 -10.50
N GLU B 633 -7.78 5.64 -9.63
CA GLU B 633 -7.33 4.31 -10.00
C GLU B 633 -7.96 3.29 -9.07
N ILE B 634 -8.56 2.26 -9.62
CA ILE B 634 -9.43 1.38 -8.86
C ILE B 634 -8.97 -0.05 -9.06
N GLY B 635 -8.61 -0.72 -7.98
CA GLY B 635 -8.14 -2.09 -8.06
C GLY B 635 -9.31 -3.04 -8.03
N GLY B 636 -9.00 -4.33 -8.11
CA GLY B 636 -10.14 -5.21 -8.22
C GLY B 636 -10.69 -5.74 -6.91
N PHE B 637 -11.66 -5.03 -6.33
CA PHE B 637 -12.31 -5.47 -5.11
C PHE B 637 -13.40 -6.48 -5.43
N THR B 638 -14.11 -6.98 -4.42
CA THR B 638 -15.13 -8.01 -4.70
C THR B 638 -16.29 -7.44 -5.51
N PRO B 639 -16.60 -7.98 -6.68
CA PRO B 639 -17.65 -7.38 -7.53
C PRO B 639 -19.06 -7.85 -7.19
N ASP B 640 -20.04 -7.05 -7.62
CA ASP B 640 -21.46 -7.42 -7.53
C ASP B 640 -21.95 -7.45 -6.09
N GLU B 641 -21.57 -6.47 -5.28
CA GLU B 641 -22.02 -6.40 -3.90
C GLU B 641 -23.09 -5.34 -3.65
N ALA B 642 -23.10 -4.25 -4.43
CA ALA B 642 -24.10 -3.20 -4.28
C ALA B 642 -25.41 -3.51 -5.00
N LEU B 643 -26.26 -2.49 -5.16
CA LEU B 643 -27.58 -2.69 -5.75
C LEU B 643 -27.61 -2.42 -7.25
N LYS B 644 -26.84 -1.45 -7.76
CA LYS B 644 -26.88 -1.13 -9.18
C LYS B 644 -25.53 -1.24 -9.87
N TYR B 645 -24.44 -0.70 -9.31
CA TYR B 645 -23.17 -0.65 -10.03
C TYR B 645 -22.02 -1.20 -9.17
N ASN B 646 -20.84 -1.33 -9.79
CA ASN B 646 -19.58 -1.43 -9.04
C ASN B 646 -18.90 -0.07 -8.92
N VAL B 647 -18.74 0.67 -10.01
CA VAL B 647 -18.21 2.04 -9.97
C VAL B 647 -19.22 2.97 -10.60
N TRP B 648 -19.53 4.07 -9.92
CA TRP B 648 -20.52 5.04 -10.37
C TRP B 648 -19.82 6.38 -10.48
N ASP B 649 -19.55 6.81 -11.69
CA ASP B 649 -18.90 8.08 -11.93
C ASP B 649 -19.98 9.13 -12.20
N ALA B 650 -19.94 10.23 -11.45
CA ALA B 650 -20.89 11.31 -11.59
C ALA B 650 -20.17 12.62 -11.89
N ASN B 651 -19.01 12.54 -12.51
CA ASN B 651 -18.33 13.74 -12.96
C ASN B 651 -19.11 14.36 -14.12
N GLY B 652 -19.42 15.66 -14.02
CA GLY B 652 -20.32 16.24 -15.02
C GLY B 652 -20.10 17.68 -15.46
N LEU B 653 -18.86 18.14 -15.54
CA LEU B 653 -18.57 19.49 -15.99
C LEU B 653 -17.81 19.44 -17.30
N ALA B 654 -18.06 20.42 -18.17
CA ALA B 654 -17.52 20.39 -19.52
C ALA B 654 -16.03 20.70 -19.58
N THR B 655 -15.48 21.43 -18.62
CA THR B 655 -14.07 21.78 -18.66
C THR B 655 -13.18 20.77 -17.95
N ASN B 656 -13.74 19.71 -17.40
CA ASN B 656 -12.97 18.68 -16.71
C ASN B 656 -12.42 17.67 -17.71
N ARG B 657 -11.27 17.08 -17.37
CA ARG B 657 -10.65 16.06 -18.20
C ARG B 657 -10.29 14.88 -17.31
N ILE B 658 -11.17 13.87 -17.30
CA ILE B 658 -11.06 12.72 -16.40
C ILE B 658 -10.38 11.58 -17.14
N SER B 659 -9.52 10.84 -16.43
CA SER B 659 -8.81 9.71 -17.01
C SER B 659 -8.49 8.70 -15.90
N GLY B 660 -9.31 7.66 -15.76
CA GLY B 660 -9.07 6.71 -14.68
C GLY B 660 -8.67 5.32 -15.15
N VAL B 661 -8.20 4.48 -14.24
CA VAL B 661 -7.85 3.08 -14.51
C VAL B 661 -8.80 2.25 -13.67
N ILE B 662 -9.43 1.24 -14.26
CA ILE B 662 -10.35 0.37 -13.52
C ILE B 662 -9.98 -1.07 -13.79
N HIS B 663 -10.00 -1.92 -12.76
CA HIS B 663 -9.65 -3.33 -12.99
C HIS B 663 -10.61 -3.94 -13.98
N PRO B 664 -10.14 -4.70 -14.99
CA PRO B 664 -11.07 -5.19 -16.02
C PRO B 664 -12.19 -6.05 -15.48
N ARG B 665 -11.93 -6.89 -14.47
CA ARG B 665 -12.91 -7.83 -13.98
C ARG B 665 -14.12 -7.16 -13.33
N LEU B 666 -14.09 -5.86 -13.09
CA LEU B 666 -15.25 -5.16 -12.56
C LEU B 666 -16.22 -4.78 -13.65
N VAL B 667 -15.82 -4.89 -14.91
CA VAL B 667 -16.62 -4.39 -16.02
C VAL B 667 -17.43 -5.49 -16.67
N ASN B 668 -16.90 -6.70 -16.75
CA ASN B 668 -17.74 -7.76 -17.28
C ASN B 668 -18.40 -8.55 -16.17
N SER B 669 -19.07 -7.90 -15.21
CA SER B 669 -19.64 -8.57 -14.05
C SER B 669 -21.14 -8.37 -14.04
N ARG B 670 -21.83 -8.95 -13.05
CA ARG B 670 -23.28 -8.95 -13.05
C ARG B 670 -23.85 -7.53 -12.95
N LEU B 671 -23.08 -6.60 -12.42
CA LEU B 671 -23.48 -5.21 -12.22
C LEU B 671 -22.70 -4.23 -13.10
N GLY B 672 -21.40 -4.40 -13.25
CA GLY B 672 -20.68 -3.60 -14.22
C GLY B 672 -20.63 -2.17 -13.75
N ILE B 673 -20.22 -1.27 -14.65
CA ILE B 673 -20.00 0.13 -14.33
C ILE B 673 -20.94 0.98 -15.17
N ASN B 674 -21.12 2.24 -14.78
CA ASN B 674 -22.13 3.00 -15.51
C ASN B 674 -21.53 3.59 -16.77
N SER B 675 -22.36 4.26 -17.59
CA SER B 675 -21.85 4.71 -18.88
C SER B 675 -20.76 5.78 -18.77
N VAL B 676 -20.74 6.59 -17.70
CA VAL B 676 -19.74 7.67 -17.58
C VAL B 676 -18.40 7.12 -17.12
N ALA B 677 -18.40 6.08 -16.27
CA ALA B 677 -17.15 5.45 -15.89
C ALA B 677 -16.49 4.82 -17.10
N PHE B 678 -17.25 4.13 -17.95
CA PHE B 678 -16.68 3.58 -19.18
C PHE B 678 -16.21 4.69 -20.10
N ASP B 679 -16.95 5.79 -20.15
CA ASP B 679 -16.45 6.94 -20.90
C ASP B 679 -15.05 7.31 -20.45
N ASN B 680 -14.82 7.37 -19.14
CA ASN B 680 -13.55 7.86 -18.60
C ASN B 680 -12.53 6.74 -18.36
N MET B 681 -12.85 5.48 -18.64
CA MET B 681 -11.93 4.37 -18.38
C MET B 681 -10.91 4.33 -19.48
N SER B 682 -9.68 4.71 -19.16
CA SER B 682 -8.67 4.80 -20.22
C SER B 682 -8.19 3.43 -20.68
N ASN B 683 -8.39 2.38 -19.91
CA ASN B 683 -7.93 1.06 -20.37
C ASN B 683 -9.08 0.24 -20.94
N LYS B 684 -10.01 0.89 -21.66
CA LYS B 684 -11.24 0.22 -22.06
C LYS B 684 -11.02 -0.87 -23.08
N LEU B 685 -9.90 -0.86 -23.81
CA LEU B 685 -9.62 -1.91 -24.79
C LEU B 685 -9.08 -3.17 -24.15
N ASP B 686 -9.11 -3.27 -22.82
CA ASP B 686 -8.75 -4.48 -22.10
C ASP B 686 -9.95 -5.40 -21.88
N VAL B 687 -11.16 -4.92 -22.12
CA VAL B 687 -12.35 -5.72 -21.88
C VAL B 687 -13.28 -5.67 -23.08
N SER B 688 -12.95 -4.86 -24.08
CA SER B 688 -13.87 -4.66 -25.19
C SER B 688 -13.11 -4.49 -26.50
N SER B 689 -13.85 -4.64 -27.60
CA SER B 689 -13.34 -4.29 -28.91
C SER B 689 -14.45 -3.61 -29.68
N LEU B 690 -14.08 -2.80 -30.66
CA LEU B 690 -15.06 -2.08 -31.48
C LEU B 690 -15.75 -3.04 -32.44
N ILE B 691 -17.07 -3.18 -32.33
CA ILE B 691 -17.80 -3.88 -33.37
C ILE B 691 -18.42 -2.96 -34.41
N HIS B 692 -18.32 -1.65 -34.27
CA HIS B 692 -18.69 -0.74 -35.34
C HIS B 692 -17.95 0.55 -35.14
N ASN B 693 -17.23 0.99 -36.16
CA ASN B 693 -16.50 2.24 -36.10
C ASN B 693 -16.69 2.96 -37.41
N GLU B 694 -17.25 4.17 -37.37
CA GLU B 694 -17.54 4.91 -38.59
C GLU B 694 -17.37 6.40 -38.33
N THR B 695 -16.79 7.12 -39.30
CA THR B 695 -16.66 8.57 -39.22
C THR B 695 -16.95 9.14 -40.62
N SER B 696 -16.94 10.47 -40.75
CA SER B 696 -17.31 11.07 -42.03
C SER B 696 -16.07 11.38 -42.88
N GLN B 697 -16.26 11.32 -44.20
CA GLN B 697 -15.16 11.55 -45.15
C GLN B 697 -14.68 13.00 -45.11
N ILE B 698 -13.49 13.24 -45.69
CA ILE B 698 -12.91 14.58 -45.68
C ILE B 698 -13.46 15.41 -46.83
N ILE B 699 -13.46 14.85 -48.04
CA ILE B 699 -13.91 15.54 -49.26
C ILE B 699 -15.27 14.99 -49.66
N GLY B 700 -16.25 15.88 -49.76
CA GLY B 700 -17.61 15.45 -50.04
C GLY B 700 -17.76 14.90 -51.43
N LEU B 701 -18.73 14.00 -51.60
CA LEU B 701 -19.05 13.44 -52.90
C LEU B 701 -20.10 14.30 -53.60
N THR B 702 -20.18 14.13 -54.92
CA THR B 702 -21.09 14.94 -55.73
C THR B 702 -22.48 14.30 -55.76
N PRO B 703 -23.56 15.06 -55.49
CA PRO B 703 -23.56 16.46 -55.06
C PRO B 703 -23.74 16.65 -53.54
N SER B 704 -23.08 17.68 -53.00
CA SER B 704 -23.23 17.95 -51.58
C SER B 704 -22.84 19.40 -51.31
N THR B 705 -23.26 19.92 -50.16
CA THR B 705 -22.92 21.27 -49.72
C THR B 705 -21.98 21.27 -48.52
N GLY B 706 -21.46 20.11 -48.14
CA GLY B 706 -20.60 20.02 -46.97
C GLY B 706 -20.18 18.58 -46.81
N SER B 707 -19.27 18.35 -45.87
CA SER B 707 -18.75 17.01 -45.62
C SER B 707 -18.79 16.66 -44.14
N ASN B 708 -19.95 16.84 -43.50
CA ASN B 708 -20.07 16.60 -42.07
C ASN B 708 -20.66 15.24 -41.72
N VAL B 709 -21.25 14.52 -42.67
CA VAL B 709 -21.88 13.23 -42.40
C VAL B 709 -21.41 12.26 -43.47
N PRO B 710 -21.53 10.96 -43.21
CA PRO B 710 -21.22 9.98 -44.26
C PRO B 710 -22.14 10.16 -45.46
N HIS B 711 -21.58 10.06 -46.66
CA HIS B 711 -22.31 10.30 -47.90
C HIS B 711 -22.71 9.03 -48.64
N THR B 712 -22.29 7.85 -48.18
CA THR B 712 -22.70 6.57 -48.74
C THR B 712 -23.27 5.68 -47.64
N ARG B 713 -23.99 4.65 -48.06
CA ARG B 713 -24.51 3.62 -47.18
C ARG B 713 -23.58 2.40 -47.13
N ILE B 714 -22.27 2.63 -47.24
CA ILE B 714 -21.30 1.54 -47.39
C ILE B 714 -21.29 0.60 -46.19
N MET B 715 -21.64 1.10 -45.01
CA MET B 715 -21.52 0.33 -43.77
C MET B 715 -22.84 -0.21 -43.25
N TRP B 716 -23.92 -0.14 -44.04
CA TRP B 716 -25.24 -0.55 -43.59
C TRP B 716 -25.85 -1.51 -44.58
N SER B 717 -26.49 -2.56 -44.06
CA SER B 717 -27.10 -3.58 -44.91
C SER B 717 -28.48 -3.17 -45.40
N ASN B 718 -29.17 -2.26 -44.69
CA ASN B 718 -30.52 -1.87 -45.07
C ASN B 718 -30.63 -0.36 -45.09
N GLY B 719 -31.73 0.15 -45.62
CA GLY B 719 -32.00 1.57 -45.56
C GLY B 719 -31.54 2.30 -46.80
N ALA B 720 -31.45 3.62 -46.69
CA ALA B 720 -31.12 4.42 -47.87
C ALA B 720 -30.60 5.77 -47.42
N MET B 721 -30.08 6.55 -48.38
CA MET B 721 -29.76 7.94 -48.12
C MET B 721 -31.00 8.78 -48.28
N TYR B 722 -31.02 9.92 -47.57
CA TYR B 722 -32.24 10.71 -47.47
C TYR B 722 -32.60 11.32 -48.82
N SER B 723 -31.63 11.92 -49.49
CA SER B 723 -31.88 12.57 -50.77
C SER B 723 -30.64 12.38 -51.63
N SER B 724 -30.87 12.18 -52.93
CA SER B 724 -29.78 11.98 -53.88
C SER B 724 -29.31 13.27 -54.54
N THR B 725 -29.91 14.42 -54.19
CA THR B 725 -29.50 15.71 -54.73
C THR B 725 -28.68 16.53 -53.72
N ASP B 726 -28.65 16.12 -52.45
CA ASP B 726 -27.74 16.70 -51.47
C ASP B 726 -27.37 15.58 -50.51
N LEU B 727 -26.19 15.01 -50.71
CA LEU B 727 -25.77 13.90 -49.87
C LEU B 727 -25.42 14.35 -48.46
N ASN B 728 -25.31 15.65 -48.20
CA ASN B 728 -24.93 16.10 -46.86
C ASN B 728 -26.09 16.06 -45.88
N ASN B 729 -27.27 15.59 -46.31
CA ASN B 729 -28.35 15.35 -45.39
C ASN B 729 -28.19 14.04 -44.64
N GLY B 730 -27.31 13.17 -45.10
CA GLY B 730 -27.05 11.93 -44.40
C GLY B 730 -28.11 10.86 -44.68
N PHE B 731 -28.15 9.89 -43.77
CA PHE B 731 -29.05 8.75 -43.87
C PHE B 731 -30.51 9.17 -43.78
N ARG B 732 -31.39 8.26 -44.17
CA ARG B 732 -32.83 8.44 -44.09
C ARG B 732 -33.36 7.75 -42.84
N LEU B 733 -34.11 8.48 -42.03
CA LEU B 733 -34.66 7.94 -40.80
C LEU B 733 -36.14 7.67 -41.01
N ASN B 734 -36.54 6.40 -40.92
CA ASN B 734 -37.93 6.04 -41.14
C ASN B 734 -38.66 5.85 -39.82
N TYR B 735 -39.97 6.01 -39.85
CA TYR B 735 -40.76 5.98 -38.63
C TYR B 735 -40.83 4.57 -38.04
N LEU B 736 -40.66 4.48 -36.72
CA LEU B 736 -40.89 3.25 -35.97
C LEU B 736 -41.61 3.63 -34.69
N SER B 737 -42.65 2.87 -34.33
CA SER B 737 -43.54 3.36 -33.27
C SER B 737 -42.94 3.19 -31.89
N ASN B 738 -42.21 2.10 -31.66
CA ASN B 738 -41.62 1.83 -30.36
C ASN B 738 -40.40 0.93 -30.56
N HIS B 739 -39.52 0.91 -29.59
CA HIS B 739 -38.24 0.27 -29.84
C HIS B 739 -38.30 -1.25 -29.84
N ASN B 740 -39.46 -1.86 -29.56
CA ASN B 740 -39.57 -3.31 -29.59
C ASN B 740 -40.30 -3.81 -30.83
N GLU B 741 -40.59 -2.93 -31.78
CA GLU B 741 -41.29 -3.30 -32.99
C GLU B 741 -40.31 -3.90 -33.99
N PRO B 742 -40.78 -4.73 -34.92
CA PRO B 742 -39.86 -5.34 -35.89
C PRO B 742 -39.35 -4.31 -36.88
N LEU B 743 -38.04 -4.36 -37.14
CA LEU B 743 -37.40 -3.52 -38.14
C LEU B 743 -37.57 -4.15 -39.53
N THR B 744 -37.81 -3.31 -40.54
CA THR B 744 -38.07 -3.78 -41.90
C THR B 744 -36.93 -3.35 -42.82
N PRO B 745 -36.80 -3.92 -44.01
CA PRO B 745 -35.70 -3.50 -44.91
C PRO B 745 -35.72 -2.03 -45.31
N MET B 746 -36.73 -1.25 -44.93
CA MET B 746 -36.72 0.18 -45.20
C MET B 746 -35.93 0.96 -44.16
N HIS B 747 -35.69 0.38 -42.99
CA HIS B 747 -35.01 1.06 -41.90
C HIS B 747 -33.52 0.87 -42.02
N LEU B 748 -32.76 1.83 -41.52
CA LEU B 748 -31.29 1.75 -41.56
C LEU B 748 -30.79 0.91 -40.40
N TYR B 749 -30.32 -0.32 -40.66
CA TYR B 749 -29.94 -1.17 -39.54
C TYR B 749 -29.05 -2.34 -39.99
N ASN B 750 -28.41 -2.97 -39.01
CA ASN B 750 -27.51 -4.09 -39.24
C ASN B 750 -27.84 -5.21 -38.29
N GLU B 751 -27.46 -6.43 -38.65
CA GLU B 751 -27.77 -7.60 -37.85
C GLU B 751 -26.54 -8.51 -37.74
N PHE B 752 -26.26 -9.04 -36.55
CA PHE B 752 -25.22 -10.06 -36.47
C PHE B 752 -25.53 -11.09 -35.40
N SER B 753 -24.91 -12.24 -35.49
CA SER B 753 -25.27 -13.35 -34.61
C SER B 753 -24.12 -13.67 -33.67
N VAL B 754 -24.46 -14.01 -32.40
CA VAL B 754 -23.52 -14.16 -31.29
C VAL B 754 -23.74 -15.50 -30.55
N SER B 755 -22.68 -16.00 -29.90
CA SER B 755 -22.68 -17.26 -29.12
C SER B 755 -23.14 -18.44 -29.98
N GLU B 756 -22.26 -18.85 -30.90
CA GLU B 756 -22.55 -19.97 -31.82
C GLU B 756 -21.70 -21.18 -31.42
N PHE B 757 -22.20 -21.96 -30.47
CA PHE B 757 -21.55 -23.19 -30.07
C PHE B 757 -22.19 -24.39 -30.78
N GLY B 758 -21.45 -25.50 -30.78
CA GLY B 758 -21.82 -26.68 -31.54
C GLY B 758 -22.86 -27.53 -30.84
N GLY B 759 -23.18 -28.66 -31.48
CA GLY B 759 -24.20 -29.54 -30.94
C GLY B 759 -23.76 -30.33 -29.72
N SER B 760 -22.47 -30.59 -29.59
CA SER B 760 -21.95 -31.40 -28.51
C SER B 760 -21.58 -30.59 -27.27
N VAL B 761 -21.90 -29.30 -27.26
CA VAL B 761 -21.60 -28.40 -26.15
C VAL B 761 -22.90 -28.03 -25.47
N THR B 762 -22.95 -28.17 -24.15
CA THR B 762 -24.10 -27.72 -23.39
C THR B 762 -24.02 -26.22 -23.09
N GLU B 763 -25.18 -25.55 -23.09
CA GLU B 763 -25.20 -24.11 -22.90
C GLU B 763 -24.67 -23.69 -21.53
N SER B 764 -24.85 -24.54 -20.52
CA SER B 764 -24.30 -24.27 -19.18
C SER B 764 -22.78 -24.24 -19.19
N ASN B 765 -22.16 -24.94 -20.14
CA ASN B 765 -20.71 -24.95 -20.25
C ASN B 765 -20.17 -23.89 -21.21
N ALA B 766 -20.82 -23.73 -22.36
CA ALA B 766 -20.38 -22.75 -23.36
C ALA B 766 -20.43 -21.29 -22.93
N LEU B 767 -21.52 -20.92 -22.26
CA LEU B 767 -21.82 -19.58 -21.70
C LEU B 767 -22.16 -18.51 -22.75
N ASP B 768 -22.37 -17.28 -22.28
CA ASP B 768 -22.70 -16.14 -23.13
C ASP B 768 -21.46 -15.56 -23.82
N GLU B 769 -21.68 -14.87 -24.94
CA GLU B 769 -20.57 -14.26 -25.68
C GLU B 769 -20.34 -12.79 -25.32
N ILE B 770 -21.39 -11.98 -25.37
CA ILE B 770 -21.27 -10.55 -25.06
C ILE B 770 -22.11 -10.27 -23.83
N LYS B 771 -21.59 -9.44 -22.92
CA LYS B 771 -22.27 -9.07 -21.69
C LYS B 771 -22.95 -7.71 -21.80
N TYR B 772 -22.19 -6.65 -22.10
CA TYR B 772 -22.76 -5.31 -22.28
C TYR B 772 -22.33 -4.75 -23.62
N ILE B 773 -23.04 -3.73 -24.08
CA ILE B 773 -22.66 -3.01 -25.28
C ILE B 773 -22.68 -1.52 -24.98
N PHE B 774 -21.60 -0.82 -25.29
CA PHE B 774 -21.49 0.60 -25.03
C PHE B 774 -21.47 1.35 -26.36
N ILE B 775 -22.36 2.32 -26.53
CA ILE B 775 -22.52 3.05 -27.80
C ILE B 775 -22.13 4.50 -27.56
N GLN B 776 -21.21 5.04 -28.38
CA GLN B 776 -20.82 6.45 -28.36
C GLN B 776 -21.24 7.15 -29.63
N THR B 777 -21.76 8.37 -29.50
CA THR B 777 -22.00 9.17 -30.69
C THR B 777 -22.14 10.63 -30.28
N THR B 778 -22.39 11.48 -31.27
CA THR B 778 -22.39 12.94 -31.07
C THR B 778 -23.63 13.42 -30.31
N TYR B 779 -23.49 14.57 -29.64
CA TYR B 779 -24.51 15.18 -28.79
C TYR B 779 -25.29 16.26 -29.55
N ALA B 780 -26.59 16.35 -29.27
CA ALA B 780 -27.40 17.46 -29.75
C ALA B 780 -28.47 17.74 -28.70
N ASN B 781 -29.02 18.94 -28.72
CA ASN B 781 -29.94 19.31 -27.64
C ASN B 781 -31.34 18.74 -27.87
N SER B 782 -31.72 18.49 -29.12
CA SER B 782 -33.06 18.00 -29.41
C SER B 782 -33.05 17.24 -30.72
N GLY B 783 -34.15 16.57 -30.98
CA GLY B 783 -34.34 15.88 -32.25
C GLY B 783 -35.21 14.67 -32.03
N ASP B 784 -35.85 14.22 -33.12
CA ASP B 784 -36.73 13.06 -33.10
C ASP B 784 -36.05 11.76 -33.50
N GLY B 785 -34.85 11.80 -34.07
CA GLY B 785 -34.16 10.58 -34.43
C GLY B 785 -33.74 9.80 -33.19
N ARG B 786 -33.67 8.48 -33.34
CA ARG B 786 -33.32 7.60 -32.23
C ARG B 786 -32.32 6.56 -32.72
N PHE B 787 -31.28 6.33 -31.94
CA PHE B 787 -30.45 5.15 -32.12
C PHE B 787 -31.13 4.00 -31.42
N ILE B 788 -31.41 2.91 -32.14
CA ILE B 788 -32.14 1.78 -31.58
C ILE B 788 -31.25 0.53 -31.56
N ILE B 789 -31.34 -0.27 -30.49
CA ILE B 789 -30.64 -1.56 -30.44
C ILE B 789 -31.54 -2.63 -29.85
N GLN B 790 -31.56 -3.80 -30.47
CA GLN B 790 -32.42 -4.93 -30.07
C GLN B 790 -31.59 -6.19 -29.89
N ALA B 791 -31.92 -7.01 -28.90
CA ALA B 791 -31.40 -8.37 -28.80
C ALA B 791 -32.54 -9.35 -29.02
N LEU B 792 -32.31 -10.35 -29.88
CA LEU B 792 -33.33 -11.27 -30.35
C LEU B 792 -32.92 -12.71 -30.11
N ASP B 793 -33.90 -13.57 -29.88
CA ASP B 793 -33.61 -14.97 -29.61
C ASP B 793 -33.50 -15.73 -30.93
N ALA B 794 -33.44 -17.05 -30.86
CA ALA B 794 -33.17 -17.85 -32.05
C ALA B 794 -34.28 -17.69 -33.09
N SER B 795 -35.54 -17.72 -32.67
CA SER B 795 -36.66 -17.60 -33.62
C SER B 795 -37.14 -16.16 -33.79
N GLY B 796 -36.21 -15.23 -34.01
CA GLY B 796 -36.55 -13.85 -34.34
C GLY B 796 -37.27 -13.04 -33.28
N SER B 797 -37.77 -13.66 -32.20
CA SER B 797 -38.52 -12.93 -31.18
C SER B 797 -37.60 -12.00 -30.38
N VAL B 798 -38.11 -10.82 -30.04
CA VAL B 798 -37.30 -9.80 -29.37
C VAL B 798 -37.25 -10.09 -27.87
N LEU B 799 -36.04 -10.34 -27.35
CA LEU B 799 -35.87 -10.50 -25.91
C LEU B 799 -35.81 -9.15 -25.21
N SER B 800 -35.03 -8.20 -25.74
CA SER B 800 -35.00 -6.88 -25.11
C SER B 800 -34.61 -5.84 -26.15
N SER B 801 -34.73 -4.56 -25.79
CA SER B 801 -34.52 -3.53 -26.79
C SER B 801 -34.51 -2.17 -26.11
N ASN B 802 -34.01 -1.17 -26.83
CA ASN B 802 -34.01 0.17 -26.28
C ASN B 802 -33.68 1.17 -27.39
N TRP B 803 -33.97 2.43 -27.16
CA TRP B 803 -33.45 3.45 -28.05
C TRP B 803 -33.04 4.67 -27.27
N TYR B 804 -32.31 5.53 -27.94
CA TYR B 804 -31.69 6.66 -27.30
C TYR B 804 -31.84 7.90 -28.15
N SER B 805 -32.13 9.01 -27.50
CA SER B 805 -32.35 10.33 -28.05
C SER B 805 -31.02 11.04 -28.26
N PRO B 806 -30.98 12.07 -29.08
CA PRO B 806 -29.71 12.81 -29.24
C PRO B 806 -29.14 13.35 -27.95
N GLN B 807 -29.99 13.81 -27.01
CA GLN B 807 -29.50 14.37 -25.75
C GLN B 807 -29.16 13.32 -24.71
N SER B 808 -29.47 12.05 -24.98
CA SER B 808 -28.96 10.99 -24.12
C SER B 808 -27.45 10.84 -24.23
N PHE B 809 -26.83 11.34 -25.29
CA PHE B 809 -25.40 11.17 -25.48
C PHE B 809 -24.66 12.38 -24.92
N ASN B 810 -24.70 12.50 -23.59
CA ASN B 810 -24.25 13.75 -22.99
C ASN B 810 -23.23 13.53 -21.88
N SER B 811 -22.60 12.35 -21.82
CA SER B 811 -21.62 12.11 -20.77
C SER B 811 -20.36 12.93 -20.97
N THR B 812 -20.15 13.53 -22.14
CA THR B 812 -19.03 14.44 -22.39
C THR B 812 -19.52 15.69 -23.10
N PHE B 813 -20.60 16.26 -22.58
CA PHE B 813 -21.21 17.51 -23.01
C PHE B 813 -20.13 18.55 -23.31
N PRO B 814 -20.24 19.33 -24.40
CA PRO B 814 -21.30 19.33 -25.40
C PRO B 814 -20.97 18.70 -26.75
N ILE B 815 -20.14 17.66 -26.75
CA ILE B 815 -19.59 17.07 -27.97
C ILE B 815 -20.14 15.66 -28.21
N SER B 816 -19.93 14.74 -27.26
CA SER B 816 -20.28 13.35 -27.49
C SER B 816 -20.66 12.70 -26.17
N GLY B 817 -21.19 11.48 -26.23
CA GLY B 817 -21.35 10.71 -25.01
C GLY B 817 -21.58 9.23 -25.27
N PHE B 818 -21.71 8.47 -24.17
CA PHE B 818 -21.97 7.03 -24.19
C PHE B 818 -23.36 6.69 -23.62
N VAL B 819 -23.87 5.51 -24.02
CA VAL B 819 -24.95 4.83 -23.31
C VAL B 819 -24.63 3.35 -23.22
N ARG B 820 -25.27 2.68 -22.26
CA ARG B 820 -25.05 1.27 -22.01
C ARG B 820 -26.29 0.44 -22.32
N PHE B 821 -26.10 -0.72 -22.95
CA PHE B 821 -27.19 -1.66 -23.18
C PHE B 821 -26.81 -3.00 -22.55
N ASP B 822 -27.79 -3.62 -21.89
CA ASP B 822 -27.60 -4.90 -21.21
C ASP B 822 -28.09 -6.04 -22.08
N VAL B 823 -27.17 -6.89 -22.52
CA VAL B 823 -27.52 -8.00 -23.42
C VAL B 823 -28.08 -9.14 -22.55
N PRO B 824 -29.36 -9.50 -22.71
CA PRO B 824 -29.94 -10.57 -21.88
C PRO B 824 -29.35 -11.93 -22.19
N THR B 825 -29.39 -12.82 -21.20
CA THR B 825 -28.93 -14.20 -21.42
C THR B 825 -29.91 -14.94 -22.33
N GLY B 826 -29.35 -15.75 -23.24
CA GLY B 826 -30.14 -16.45 -24.22
C GLY B 826 -30.32 -15.73 -25.55
N ALA B 827 -29.74 -14.54 -25.72
CA ALA B 827 -29.79 -13.82 -26.99
C ALA B 827 -28.95 -14.53 -28.04
N LYS B 828 -29.48 -14.62 -29.27
CA LYS B 828 -28.74 -15.19 -30.39
C LYS B 828 -28.38 -14.20 -31.49
N LYS B 829 -29.15 -13.13 -31.66
CA LYS B 829 -28.87 -12.13 -32.67
C LYS B 829 -28.94 -10.75 -32.03
N ILE B 830 -28.32 -9.77 -32.68
CA ILE B 830 -28.37 -8.38 -32.24
C ILE B 830 -28.57 -7.50 -33.47
N ARG B 831 -29.50 -6.53 -33.39
CA ARG B 831 -29.81 -5.58 -34.46
C ARG B 831 -29.56 -4.17 -33.97
N TYR B 832 -29.08 -3.29 -34.83
CA TYR B 832 -28.82 -1.94 -34.33
C TYR B 832 -28.88 -0.96 -35.49
N GLY B 833 -29.34 0.26 -35.24
CA GLY B 833 -29.50 1.16 -36.37
C GLY B 833 -30.08 2.49 -35.93
N PHE B 834 -30.49 3.30 -36.92
CA PHE B 834 -31.10 4.61 -36.68
C PHE B 834 -32.52 4.61 -37.23
N VAL B 835 -33.48 5.13 -36.44
CA VAL B 835 -34.86 5.26 -36.89
C VAL B 835 -35.38 6.63 -36.46
N ASN B 836 -36.64 6.90 -36.78
CA ASN B 836 -37.32 8.14 -36.41
C ASN B 836 -38.46 7.81 -35.47
N SER B 837 -38.53 8.50 -34.34
CA SER B 837 -39.60 8.22 -33.38
C SER B 837 -40.92 8.90 -33.73
N ALA B 838 -40.91 9.90 -34.60
CA ALA B 838 -42.11 10.60 -35.04
C ALA B 838 -42.50 10.16 -36.45
N ASN B 839 -43.77 10.38 -36.81
CA ASN B 839 -44.34 9.80 -38.03
C ASN B 839 -44.13 10.70 -39.25
N TYR B 840 -42.88 10.73 -39.72
CA TYR B 840 -42.51 11.30 -41.01
C TYR B 840 -41.08 10.85 -41.29
N THR B 841 -40.67 10.99 -42.55
CA THR B 841 -39.33 10.59 -42.94
C THR B 841 -38.34 11.72 -42.63
N GLY B 842 -37.35 11.42 -41.80
CA GLY B 842 -36.39 12.40 -41.35
C GLY B 842 -35.00 12.24 -41.94
N SER B 843 -34.13 13.16 -41.53
CA SER B 843 -32.77 13.24 -42.04
C SER B 843 -31.83 13.20 -40.86
N LEU B 844 -30.69 12.54 -41.01
CA LEU B 844 -29.71 12.54 -39.93
C LEU B 844 -29.19 13.93 -39.62
N ARG B 845 -29.11 14.79 -40.63
CA ARG B 845 -28.55 16.13 -40.41
C ARG B 845 -29.47 16.97 -39.53
N SER B 846 -30.76 16.99 -39.84
CA SER B 846 -31.67 17.91 -39.18
C SER B 846 -32.45 17.31 -38.03
N HIS B 847 -32.57 15.97 -37.97
CA HIS B 847 -33.34 15.31 -36.92
C HIS B 847 -32.50 14.45 -35.99
N PHE B 848 -31.18 14.42 -36.16
CA PHE B 848 -30.37 13.81 -35.12
C PHE B 848 -29.21 14.72 -34.74
N MET B 849 -28.66 15.47 -35.68
CA MET B 849 -27.53 16.34 -35.39
C MET B 849 -27.92 17.80 -35.26
N SER B 850 -29.22 18.12 -35.39
CA SER B 850 -29.73 19.47 -35.17
C SER B 850 -29.03 20.50 -36.06
N GLY B 851 -28.78 20.13 -37.31
CA GLY B 851 -28.17 21.04 -38.25
C GLY B 851 -26.73 21.39 -37.94
N PHE B 852 -25.97 20.46 -37.39
CA PHE B 852 -24.54 20.66 -37.06
C PHE B 852 -24.35 21.85 -36.13
N ALA B 853 -25.26 21.99 -35.15
CA ALA B 853 -25.14 23.07 -34.19
C ALA B 853 -24.07 22.80 -33.13
N TYR B 854 -23.66 21.55 -32.93
CA TYR B 854 -22.67 21.22 -31.89
C TYR B 854 -21.45 20.48 -32.41
N ASN B 855 -21.61 19.61 -33.42
CA ASN B 855 -20.55 18.86 -34.08
C ASN B 855 -20.56 18.98 -35.59
N LYS B 856 -19.38 19.25 -36.14
CA LYS B 856 -19.16 19.33 -37.57
C LYS B 856 -18.66 18.02 -38.15
N ARG B 857 -18.53 16.97 -37.32
CA ARG B 857 -18.03 15.68 -37.80
C ARG B 857 -18.78 14.56 -37.09
N PHE B 858 -19.66 13.87 -37.80
CA PHE B 858 -20.38 12.76 -37.21
C PHE B 858 -19.48 11.55 -37.03
N PHE B 859 -19.67 10.82 -35.92
CA PHE B 859 -19.00 9.53 -35.74
C PHE B 859 -19.87 8.62 -34.91
N LEU B 860 -19.61 7.32 -35.04
CA LEU B 860 -20.36 6.29 -34.34
C LEU B 860 -19.41 5.16 -34.00
N LYS B 861 -19.20 4.89 -32.70
CA LYS B 861 -18.38 3.78 -32.24
C LYS B 861 -19.21 2.93 -31.30
N ILE B 862 -19.17 1.62 -31.47
CA ILE B 862 -19.94 0.67 -30.67
C ILE B 862 -18.95 -0.31 -30.07
N TYR B 863 -18.96 -0.48 -28.75
CA TYR B 863 -18.00 -1.32 -28.06
C TYR B 863 -18.70 -2.53 -27.45
N ALA B 864 -18.20 -3.74 -27.71
CA ALA B 864 -18.80 -4.91 -27.09
C ALA B 864 -17.92 -5.38 -25.95
N VAL B 865 -18.45 -5.37 -24.72
CA VAL B 865 -17.75 -5.97 -23.60
C VAL B 865 -18.03 -7.47 -23.57
N TYR B 866 -16.98 -8.29 -23.71
CA TYR B 866 -17.16 -9.73 -23.78
C TYR B 866 -17.43 -10.31 -22.40
N ASN B 867 -18.27 -11.34 -22.36
CA ASN B 867 -18.51 -12.06 -21.10
C ASN B 867 -17.21 -12.66 -20.57
N ASP B 868 -16.41 -13.25 -21.44
CA ASP B 868 -15.10 -13.84 -21.13
C ASP B 868 -14.13 -13.42 -22.22
N LEU B 869 -12.92 -13.00 -21.84
CA LEU B 869 -12.12 -12.11 -22.68
C LEU B 869 -12.15 -12.49 -24.16
N GLY B 870 -11.63 -13.66 -24.52
CA GLY B 870 -11.56 -13.97 -25.92
C GLY B 870 -11.98 -15.40 -26.18
N ARG B 871 -12.92 -15.89 -25.36
CA ARG B 871 -13.31 -17.28 -25.44
C ARG B 871 -13.78 -17.62 -26.84
N TYR B 872 -14.64 -16.76 -27.41
CA TYR B 872 -15.14 -16.94 -28.76
C TYR B 872 -14.34 -16.19 -29.81
N GLY B 873 -13.35 -15.38 -29.43
CA GLY B 873 -12.55 -14.64 -30.37
C GLY B 873 -13.07 -13.23 -30.59
N GLN B 874 -12.29 -12.24 -30.15
CA GLN B 874 -12.65 -10.84 -30.35
C GLN B 874 -12.82 -10.51 -31.82
N PHE B 875 -13.73 -9.58 -32.11
CA PHE B 875 -13.97 -9.12 -33.47
C PHE B 875 -13.07 -7.93 -33.75
N GLU B 876 -12.43 -7.94 -34.91
CA GLU B 876 -11.49 -6.90 -35.29
C GLU B 876 -11.04 -7.15 -36.71
N PRO B 877 -10.55 -6.11 -37.40
CA PRO B 877 -10.44 -6.19 -38.85
C PRO B 877 -9.41 -7.21 -39.26
N PRO B 878 -9.57 -7.82 -40.42
CA PRO B 878 -8.69 -8.93 -40.80
C PRO B 878 -7.31 -8.42 -41.18
N TYR B 879 -6.30 -9.28 -40.99
CA TYR B 879 -4.94 -8.83 -41.26
C TYR B 879 -3.99 -10.03 -41.40
N SER B 880 -2.93 -9.86 -42.17
CA SER B 880 -1.88 -10.87 -42.24
C SER B 880 -0.55 -10.22 -42.61
N VAL B 881 0.44 -10.38 -41.75
CA VAL B 881 1.73 -9.78 -42.04
C VAL B 881 2.37 -10.36 -43.30
N ALA B 882 1.93 -11.53 -43.77
CA ALA B 882 2.57 -12.13 -44.94
C ALA B 882 1.87 -11.85 -46.25
N ILE B 883 0.73 -11.16 -46.24
CA ILE B 883 -0.07 -10.93 -47.44
C ILE B 883 -0.06 -9.44 -47.74
N ASP B 884 0.30 -9.08 -48.98
CA ASP B 884 0.48 -7.68 -49.30
C ASP B 884 -0.83 -6.91 -49.40
N ARG B 885 -1.96 -7.58 -49.62
CA ARG B 885 -3.22 -6.84 -49.70
C ARG B 885 -3.61 -6.26 -48.35
N PHE B 886 -3.28 -6.96 -47.27
CA PHE B 886 -3.57 -6.52 -45.91
C PHE B 886 -2.41 -5.78 -45.26
N ARG B 887 -1.18 -6.05 -45.70
CA ARG B 887 -0.02 -5.40 -45.13
C ARG B 887 0.13 -3.97 -45.63
N VAL B 888 -0.10 -3.72 -46.93
CA VAL B 888 0.07 -2.39 -47.49
C VAL B 888 -1.20 -1.83 -48.12
N GLY B 889 -2.20 -2.64 -48.43
CA GLY B 889 -3.40 -2.14 -49.06
C GLY B 889 -3.42 -2.47 -50.53
N ASP B 890 -4.51 -2.09 -51.19
CA ASP B 890 -4.69 -2.39 -52.60
C ASP B 890 -4.27 -1.19 -53.43
N ASN B 891 -3.43 -1.42 -54.43
CA ASN B 891 -2.86 -0.34 -55.23
C ASN B 891 -3.71 0.03 -56.44
N THR B 892 -4.91 -0.53 -56.56
CA THR B 892 -5.79 -0.15 -57.65
C THR B 892 -6.26 1.29 -57.49
N THR B 893 -6.25 2.05 -58.59
CA THR B 893 -6.66 3.44 -58.60
C THR B 893 -7.83 3.61 -59.56
N GLN B 894 -8.66 4.62 -59.29
CA GLN B 894 -9.83 4.89 -60.14
C GLN B 894 -9.39 5.41 -61.50
N MET B 895 -9.99 4.84 -62.56
CA MET B 895 -9.58 5.09 -63.94
C MET B 895 -10.05 6.45 -64.44
N PRO B 896 -9.32 7.07 -65.35
CA PRO B 896 -9.80 8.31 -65.96
C PRO B 896 -11.04 8.07 -66.81
N SER B 897 -11.90 9.10 -66.87
CA SER B 897 -13.16 8.96 -67.59
C SER B 897 -12.90 8.73 -69.08
N ILE B 898 -13.52 7.68 -69.62
CA ILE B 898 -13.50 7.37 -71.05
C ILE B 898 -14.89 7.67 -71.60
N PRO B 899 -15.03 8.65 -72.50
CA PRO B 899 -16.36 9.02 -73.00
C PRO B 899 -16.97 7.90 -73.84
N ALA B 900 -18.30 7.79 -73.76
CA ALA B 900 -19.01 6.84 -74.61
C ALA B 900 -18.75 7.17 -76.08
N SER B 901 -18.40 6.16 -76.86
CA SER B 901 -17.90 6.36 -78.21
C SER B 901 -18.95 5.95 -79.24
N SER B 902 -19.01 6.72 -80.33
CA SER B 902 -19.86 6.42 -81.49
C SER B 902 -18.95 6.41 -82.72
N ALA B 903 -18.30 5.29 -82.95
CA ALA B 903 -17.49 5.07 -84.15
C ALA B 903 -17.76 3.65 -84.62
N THR B 904 -18.33 3.51 -85.81
CA THR B 904 -18.92 2.24 -86.22
C THR B 904 -18.49 1.83 -87.62
N ASP B 905 -17.25 2.16 -87.96
CA ASP B 905 -16.65 1.89 -89.27
C ASP B 905 -15.83 0.62 -89.26
N VAL B 906 -16.01 -0.16 -88.19
CA VAL B 906 -15.39 -1.46 -87.88
C VAL B 906 -14.00 -1.38 -87.24
N ALA B 907 -13.50 -0.17 -86.99
CA ALA B 907 -12.23 -0.07 -86.28
C ALA B 907 -12.22 0.93 -85.13
N GLY B 908 -13.10 1.93 -85.14
CA GLY B 908 -13.21 2.82 -83.98
C GLY B 908 -13.54 2.06 -82.71
N VAL B 909 -14.41 1.06 -82.83
CA VAL B 909 -14.74 0.18 -81.70
C VAL B 909 -13.49 -0.56 -81.23
N ASN B 910 -12.68 -1.07 -82.16
CA ASN B 910 -11.48 -1.79 -81.77
C ASN B 910 -10.47 -0.86 -81.07
N GLU B 911 -10.35 0.38 -81.54
CA GLU B 911 -9.47 1.34 -80.87
C GLU B 911 -9.98 1.69 -79.47
N VAL B 912 -11.30 1.82 -79.31
CA VAL B 912 -11.87 2.07 -77.99
C VAL B 912 -11.58 0.90 -77.04
N ILE B 913 -11.71 -0.33 -77.54
CA ILE B 913 -11.43 -1.52 -76.72
C ILE B 913 -9.96 -1.56 -76.34
N ASN B 914 -9.07 -1.21 -77.27
CA ASN B 914 -7.65 -1.14 -76.94
C ASN B 914 -7.39 -0.10 -75.85
N SER B 915 -8.05 1.07 -75.94
CA SER B 915 -7.89 2.09 -74.92
C SER B 915 -8.38 1.61 -73.55
N LEU B 916 -9.52 0.91 -73.52
CA LEU B 916 -10.06 0.38 -72.27
C LEU B 916 -9.12 -0.66 -71.66
N LEU B 917 -8.58 -1.55 -72.49
CA LEU B 917 -7.62 -2.53 -71.98
C LEU B 917 -6.36 -1.86 -71.46
N ALA B 918 -5.88 -0.83 -72.16
CA ALA B 918 -4.70 -0.11 -71.69
C ALA B 918 -4.96 0.56 -70.34
N SER B 919 -6.13 1.18 -70.18
CA SER B 919 -6.46 1.80 -68.90
C SER B 919 -6.57 0.76 -67.78
N LEU B 920 -7.23 -0.37 -68.06
CA LEU B 920 -7.32 -1.44 -67.07
C LEU B 920 -5.94 -1.90 -66.63
N LYS B 921 -5.05 -2.17 -67.59
CA LYS B 921 -3.71 -2.63 -67.25
C LYS B 921 -2.94 -1.56 -66.47
N ALA B 922 -3.12 -0.29 -66.84
CA ALA B 922 -2.37 0.78 -66.21
C ALA B 922 -2.81 1.03 -64.77
N ASN B 923 -4.11 0.91 -64.48
CA ASN B 923 -4.64 1.31 -63.19
C ASN B 923 -4.87 0.14 -62.24
N GLY B 924 -4.14 -0.97 -62.41
CA GLY B 924 -4.11 -2.03 -61.44
C GLY B 924 -5.03 -3.20 -61.71
N PHE B 925 -6.19 -2.97 -62.32
CA PHE B 925 -7.17 -4.05 -62.47
C PHE B 925 -6.66 -5.18 -63.37
N MET B 926 -6.05 -4.78 -64.48
CA MET B 926 -5.38 -5.57 -65.48
C MET B 926 -6.37 -6.54 -66.14
N LYS C 176 -20.78 36.07 80.44
CA LYS C 176 -19.37 36.12 80.02
C LYS C 176 -18.45 35.54 81.10
N SER C 177 -18.97 35.43 82.32
CA SER C 177 -18.19 34.82 83.40
C SER C 177 -17.82 33.38 83.07
N SER C 178 -18.78 32.63 82.51
CA SER C 178 -18.50 31.27 82.05
C SER C 178 -17.52 31.26 80.89
N GLU C 179 -17.68 32.20 79.94
CA GLU C 179 -16.86 32.23 78.75
C GLU C 179 -15.39 32.53 79.07
N ASN C 180 -15.13 33.35 80.10
CA ASN C 180 -13.74 33.66 80.47
C ASN C 180 -12.98 32.41 80.89
N ALA C 181 -13.53 31.66 81.84
CA ALA C 181 -12.90 30.41 82.24
C ALA C 181 -12.96 29.36 81.13
N ALA C 182 -13.90 29.47 80.20
CA ALA C 182 -13.90 28.59 79.03
C ALA C 182 -12.67 28.84 78.15
N LYS C 183 -12.36 30.11 77.89
CA LYS C 183 -11.15 30.45 77.14
C LYS C 183 -9.90 30.03 77.92
N ASN C 184 -9.92 30.19 79.25
CA ASN C 184 -8.79 29.77 80.08
C ASN C 184 -8.57 28.26 79.98
N SER C 185 -9.66 27.49 80.02
CA SER C 185 -9.56 26.04 79.86
C SER C 185 -9.06 25.67 78.47
N GLU C 186 -9.52 26.39 77.44
CA GLU C 186 -9.06 26.12 76.08
C GLU C 186 -7.54 26.32 75.96
N VAL C 187 -7.04 27.45 76.46
CA VAL C 187 -5.60 27.71 76.35
C VAL C 187 -4.80 26.76 77.24
N ALA C 188 -5.36 26.37 78.40
CA ALA C 188 -4.69 25.38 79.25
C ALA C 188 -4.58 24.02 78.54
N ALA C 189 -5.65 23.62 77.84
CA ALA C 189 -5.62 22.38 77.08
C ALA C 189 -4.61 22.45 75.93
N GLU C 190 -4.53 23.59 75.25
CA GLU C 190 -3.53 23.76 74.20
C GLU C 190 -2.11 23.65 74.77
N THR C 191 -1.87 24.27 75.93
CA THR C 191 -0.56 24.16 76.56
C THR C 191 -0.24 22.71 76.96
N THR C 192 -1.25 21.99 77.45
CA THR C 192 -1.05 20.58 77.79
C THR C 192 -0.70 19.75 76.55
N ARG C 193 -1.38 20.03 75.43
CA ARG C 193 -1.06 19.35 74.18
C ARG C 193 0.38 19.64 73.75
N ASP C 194 0.80 20.91 73.87
CA ASP C 194 2.17 21.26 73.51
C ASP C 194 3.18 20.56 74.41
N GLN C 195 2.89 20.48 75.71
CA GLN C 195 3.78 19.77 76.63
C GLN C 195 3.88 18.30 76.29
N ILE C 196 2.76 17.66 75.94
CA ILE C 196 2.79 16.24 75.56
C ILE C 196 3.61 16.06 74.30
N GLN C 197 3.34 16.88 73.28
CA GLN C 197 4.11 16.80 72.05
C GLN C 197 5.62 16.98 72.34
N GLN C 198 5.99 17.96 73.19
CA GLN C 198 7.36 18.27 73.50
C GLN C 198 8.06 17.17 74.33
N ILE C 199 7.35 16.54 75.26
CA ILE C 199 7.87 15.37 76.00
C ILE C 199 7.90 14.06 75.20
N ILE C 200 7.14 13.91 74.12
CA ILE C 200 7.32 12.74 73.27
C ILE C 200 8.32 13.00 72.17
N ASP C 201 8.55 14.27 71.81
CA ASP C 201 9.55 14.64 70.82
C ASP C 201 10.96 14.54 71.39
N ASN C 202 11.14 14.85 72.68
CA ASN C 202 12.44 14.61 73.32
C ASN C 202 12.27 13.50 74.35
N ALA C 203 12.32 12.25 73.87
CA ALA C 203 12.11 11.11 74.74
C ALA C 203 12.99 9.92 74.39
N GLY C 204 14.06 10.13 73.64
CA GLY C 204 14.87 9.03 73.12
C GLY C 204 16.26 9.04 73.69
N ASP C 205 16.79 7.85 73.93
CA ASP C 205 18.17 7.72 74.36
C ASP C 205 19.11 8.25 73.28
N GLN C 206 20.09 9.06 73.68
CA GLN C 206 21.01 9.64 72.72
C GLN C 206 21.99 8.61 72.16
N SER C 207 22.37 7.61 72.97
CA SER C 207 23.32 6.60 72.49
C SER C 207 22.71 5.77 71.36
N THR C 208 21.44 5.37 71.48
CA THR C 208 20.81 4.56 70.46
C THR C 208 20.51 5.37 69.20
N LEU C 209 20.04 6.61 69.37
CA LEU C 209 19.75 7.44 68.21
C LEU C 209 21.01 7.74 67.40
N VAL C 210 22.16 7.86 68.05
CA VAL C 210 23.41 8.01 67.32
C VAL C 210 23.68 6.79 66.45
N VAL C 211 23.41 5.59 66.98
CA VAL C 211 23.60 4.36 66.21
C VAL C 211 22.65 4.32 65.00
N LEU C 212 21.39 4.69 65.21
CA LEU C 212 20.43 4.64 64.11
C LEU C 212 20.69 5.73 63.07
N ALA C 213 21.33 6.84 63.46
CA ALA C 213 21.61 7.93 62.53
C ALA C 213 22.93 7.76 61.80
N GLN C 214 23.66 6.67 62.02
CA GLN C 214 24.87 6.38 61.26
C GLN C 214 24.51 6.17 59.78
N PRO C 215 25.48 6.35 58.88
CA PRO C 215 25.17 6.18 57.45
C PRO C 215 24.68 4.78 57.09
N ASP C 216 25.06 3.75 57.86
CA ASP C 216 24.56 2.39 57.65
C ASP C 216 23.48 2.00 58.65
N GLY C 217 22.70 2.98 59.14
CA GLY C 217 21.70 2.68 60.15
C GLY C 217 20.54 1.87 59.64
N PHE C 218 20.26 1.95 58.34
CA PHE C 218 19.20 1.18 57.73
C PHE C 218 19.41 -0.32 57.85
N ASP C 219 20.65 -0.78 58.06
CA ASP C 219 20.90 -2.19 58.31
C ASP C 219 20.36 -2.67 59.64
N SER C 220 19.98 -1.76 60.54
CA SER C 220 19.46 -2.14 61.84
C SER C 220 18.02 -2.64 61.79
N ILE C 221 17.37 -2.55 60.64
CA ILE C 221 15.98 -2.95 60.50
C ILE C 221 15.93 -4.39 60.02
N GLY C 222 15.15 -5.23 60.71
CA GLY C 222 15.10 -6.64 60.39
C GLY C 222 14.22 -6.96 59.19
N ARG C 223 14.45 -8.13 58.61
CA ARG C 223 13.76 -8.53 57.40
C ARG C 223 13.33 -9.98 57.52
N VAL C 224 12.53 -10.44 56.56
CA VAL C 224 12.14 -11.84 56.47
C VAL C 224 12.98 -12.51 55.38
N SER C 225 13.50 -13.71 55.65
CA SER C 225 14.50 -14.29 54.77
C SER C 225 13.92 -14.83 53.46
N SER C 226 12.68 -15.34 53.47
CA SER C 226 12.13 -16.03 52.31
C SER C 226 10.60 -16.01 52.35
N PHE C 227 9.98 -16.43 51.25
CA PHE C 227 8.51 -16.42 51.17
C PHE C 227 7.88 -17.45 52.10
N ALA C 228 8.51 -18.63 52.24
CA ALA C 228 8.03 -19.58 53.23
C ALA C 228 8.13 -19.02 54.64
N ALA C 229 9.25 -18.38 54.95
CA ALA C 229 9.40 -17.73 56.25
C ALA C 229 8.28 -16.72 56.47
N LEU C 230 7.81 -16.08 55.39
CA LEU C 230 6.72 -15.11 55.50
C LEU C 230 5.41 -15.82 55.81
N ARG C 231 5.16 -16.94 55.15
CA ARG C 231 3.97 -17.73 55.45
C ARG C 231 3.92 -18.12 56.93
N ASN C 232 5.07 -18.38 57.55
CA ASN C 232 5.06 -18.80 58.96
C ASN C 232 5.10 -17.63 59.94
N LEU C 233 5.19 -16.40 59.46
CA LEU C 233 5.31 -15.22 60.33
C LEU C 233 3.92 -14.76 60.73
N LYS C 234 3.64 -14.83 62.02
CA LYS C 234 2.33 -14.53 62.56
C LYS C 234 2.24 -13.11 63.08
N PRO C 235 1.37 -12.29 62.48
CA PRO C 235 1.19 -10.87 62.83
C PRO C 235 0.40 -10.63 64.11
N LYS C 236 0.89 -9.73 64.96
CA LYS C 236 0.20 -9.39 66.19
C LYS C 236 -1.14 -8.73 65.90
N LYS C 237 -1.16 -7.84 64.91
CA LYS C 237 -2.38 -7.15 64.51
C LYS C 237 -2.38 -6.82 63.02
N SER C 238 -3.57 -6.66 62.45
CA SER C 238 -3.69 -6.34 61.02
C SER C 238 -3.16 -4.94 60.72
N GLY C 239 -2.55 -4.78 59.54
CA GLY C 239 -2.01 -3.50 59.14
C GLY C 239 -0.52 -3.31 59.32
N GLN C 240 0.22 -4.36 59.68
CA GLN C 240 1.65 -4.23 59.85
C GLN C 240 2.36 -4.30 58.50
N HIS C 241 3.49 -3.59 58.40
CA HIS C 241 4.32 -3.61 57.20
C HIS C 241 5.62 -4.35 57.50
N VAL C 242 6.02 -5.25 56.60
CA VAL C 242 7.31 -5.94 56.74
C VAL C 242 8.03 -5.95 55.40
N LEU C 243 9.35 -6.19 55.46
CA LEU C 243 10.21 -6.27 54.29
C LEU C 243 10.62 -7.71 54.06
N LEU C 244 10.44 -8.19 52.83
CA LEU C 244 10.91 -9.49 52.41
C LEU C 244 12.13 -9.28 51.53
N THR C 245 13.27 -9.82 51.97
CA THR C 245 14.50 -9.67 51.20
C THR C 245 14.40 -10.31 49.82
N SER C 246 14.01 -11.58 49.75
CA SER C 246 13.99 -12.29 48.49
C SER C 246 12.95 -13.39 48.60
N TYR C 247 12.55 -13.94 47.45
CA TYR C 247 11.64 -15.07 47.48
C TYR C 247 12.30 -16.30 48.08
N TYR C 248 13.50 -16.65 47.61
CA TYR C 248 14.26 -17.77 48.15
C TYR C 248 15.48 -17.24 48.89
N ASP C 249 15.83 -17.89 49.99
CA ASP C 249 17.06 -17.53 50.65
C ASP C 249 18.22 -18.31 50.04
N GLY C 250 19.44 -17.87 50.35
CA GLY C 250 20.63 -18.54 49.86
C GLY C 250 21.24 -17.96 48.62
N TRP C 251 20.79 -16.78 48.17
CA TRP C 251 21.42 -16.09 47.06
C TRP C 251 22.86 -15.71 47.37
N ALA C 252 23.17 -15.38 48.64
CA ALA C 252 24.51 -14.94 48.97
C ALA C 252 25.52 -16.07 48.86
N ALA C 253 25.11 -17.31 49.18
CA ALA C 253 26.00 -18.45 49.00
C ALA C 253 26.36 -18.64 47.54
N GLU C 254 25.43 -18.36 46.62
CA GLU C 254 25.72 -18.26 45.20
C GLU C 254 26.28 -16.86 44.92
N ASN C 255 26.35 -16.47 43.66
CA ASN C 255 26.99 -15.22 43.28
C ASN C 255 26.00 -14.26 42.63
N LYS C 256 24.87 -14.07 43.30
CA LYS C 256 23.76 -13.35 42.71
C LYS C 256 22.99 -12.59 43.77
N MET C 257 22.18 -11.64 43.30
CA MET C 257 21.48 -10.69 44.16
C MET C 257 20.04 -11.15 44.41
N PRO C 258 19.45 -10.74 45.53
CA PRO C 258 18.08 -11.16 45.84
C PRO C 258 17.10 -10.77 44.75
N THR C 259 16.11 -11.63 44.52
CA THR C 259 15.06 -11.36 43.56
C THR C 259 13.73 -11.80 44.16
N GLY C 260 12.68 -11.02 43.90
CA GLY C 260 11.36 -11.36 44.36
C GLY C 260 10.94 -10.79 45.69
N GLY C 261 11.71 -9.88 46.28
CA GLY C 261 11.37 -9.29 47.56
C GLY C 261 10.39 -8.14 47.42
N GLY C 262 10.19 -7.43 48.51
CA GLY C 262 9.23 -6.33 48.49
C GLY C 262 8.74 -6.00 49.88
N GLU C 263 7.60 -5.31 49.92
CA GLU C 263 6.96 -4.91 51.16
C GLU C 263 5.60 -5.59 51.25
N PHE C 264 5.25 -6.07 52.43
CA PHE C 264 3.98 -6.79 52.61
C PHE C 264 3.20 -6.17 53.75
N ILE C 265 1.88 -6.29 53.66
CA ILE C 265 0.96 -5.80 54.70
C ILE C 265 0.10 -6.95 55.20
N SER C 266 -0.10 -7.01 56.52
CA SER C 266 -0.81 -8.14 57.11
C SER C 266 -2.31 -7.88 57.18
N SER C 267 -3.07 -8.98 57.23
CA SER C 267 -4.52 -8.94 57.44
C SER C 267 -4.92 -10.13 58.29
N ILE C 268 -5.93 -9.93 59.13
CA ILE C 268 -6.48 -10.99 59.96
C ILE C 268 -7.77 -11.48 59.30
N GLY C 269 -7.80 -12.75 58.95
CA GLY C 269 -8.89 -13.32 58.20
C GLY C 269 -8.39 -14.50 57.39
N THR C 270 -9.16 -14.91 56.39
CA THR C 270 -8.78 -16.01 55.53
C THR C 270 -8.73 -15.55 54.08
N ALA C 271 -7.79 -16.10 53.33
CA ALA C 271 -7.67 -15.79 51.91
C ALA C 271 -6.96 -16.95 51.22
N THR C 272 -7.04 -16.96 49.91
CA THR C 272 -6.55 -18.09 49.14
C THR C 272 -5.07 -17.83 48.85
N ASP C 273 -4.19 -18.71 49.32
CA ASP C 273 -2.77 -18.51 49.07
C ASP C 273 -2.51 -18.51 47.58
N ASP C 274 -1.59 -17.66 47.16
CA ASP C 274 -1.26 -17.48 45.75
C ASP C 274 0.14 -17.96 45.38
N GLY C 275 1.09 -17.93 46.31
CA GLY C 275 2.48 -18.15 46.00
C GLY C 275 3.21 -16.91 45.54
N GLY C 276 2.47 -15.89 45.12
CA GLY C 276 2.98 -14.58 44.77
C GLY C 276 2.39 -13.46 45.61
N TYR C 277 1.27 -12.94 45.12
CA TYR C 277 0.57 -11.81 45.71
C TYR C 277 0.25 -12.02 47.19
N ILE C 278 -0.23 -13.21 47.57
CA ILE C 278 -0.77 -13.44 48.90
C ILE C 278 -0.08 -14.63 49.54
N ALA C 279 0.37 -14.45 50.78
CA ALA C 279 0.99 -15.53 51.57
C ALA C 279 0.11 -15.80 52.77
N ALA C 280 -0.49 -16.98 52.82
CA ALA C 280 -1.51 -17.24 53.80
C ALA C 280 -1.00 -18.20 54.86
N GLY C 281 -1.26 -17.87 56.12
CA GLY C 281 -1.06 -18.79 57.21
C GLY C 281 -2.40 -19.09 57.85
N PRO C 282 -2.40 -19.75 59.03
CA PRO C 282 -3.64 -20.09 59.72
C PRO C 282 -4.25 -18.89 60.45
N GLY C 283 -5.32 -18.33 59.88
CA GLY C 283 -6.01 -17.21 60.47
C GLY C 283 -5.57 -15.83 60.04
N TYR C 284 -4.49 -15.72 59.25
CA TYR C 284 -3.97 -14.43 58.79
C TYR C 284 -3.43 -14.58 57.37
N TYR C 285 -3.11 -13.45 56.75
CA TYR C 285 -2.41 -13.51 55.47
C TYR C 285 -1.64 -12.21 55.26
N TRP C 286 -0.77 -12.22 54.25
CA TRP C 286 0.07 -11.08 53.90
C TRP C 286 -0.09 -10.79 52.42
N THR C 287 -0.06 -9.50 52.05
CA THR C 287 -0.29 -9.08 50.66
C THR C 287 0.82 -8.16 50.17
N ARG C 288 1.24 -8.29 48.89
CA ARG C 288 2.33 -7.45 48.42
C ARG C 288 1.85 -6.05 48.12
N VAL C 289 2.73 -5.10 48.39
CA VAL C 289 2.54 -3.76 47.84
C VAL C 289 3.10 -3.78 46.43
N VAL C 290 2.26 -3.41 45.45
CA VAL C 290 2.65 -3.40 44.04
C VAL C 290 2.78 -1.95 43.60
N ASN C 291 3.91 -1.62 42.97
CA ASN C 291 4.17 -0.27 42.47
C ASN C 291 3.99 -0.20 40.96
N ASN C 292 3.34 0.88 40.51
CA ASN C 292 3.19 1.21 39.10
C ASN C 292 2.38 0.17 38.35
N ASN C 293 1.48 -0.53 39.05
CA ASN C 293 0.63 -1.54 38.43
C ASN C 293 1.46 -2.58 37.67
N SER C 294 2.64 -2.94 38.18
CA SER C 294 3.45 -3.91 37.48
C SER C 294 4.18 -4.81 38.47
N PHE C 295 4.61 -5.98 38.00
CA PHE C 295 5.35 -6.90 38.85
C PHE C 295 6.18 -7.83 37.97
N THR C 296 7.11 -8.55 38.58
CA THR C 296 7.98 -9.46 37.84
C THR C 296 7.61 -10.90 38.12
N ALA C 297 8.02 -11.81 37.24
CA ALA C 297 7.73 -13.21 37.46
C ALA C 297 8.51 -13.78 38.64
N GLU C 298 9.67 -13.22 38.99
CA GLU C 298 10.41 -13.68 40.17
C GLU C 298 9.62 -13.53 41.46
N ASP C 299 8.60 -12.65 41.48
CA ASP C 299 7.71 -12.50 42.62
C ASP C 299 6.88 -13.74 42.87
N PHE C 300 6.79 -14.65 41.90
CA PHE C 300 6.00 -15.86 42.05
C PHE C 300 6.87 -17.10 42.16
N GLY C 301 8.19 -16.93 42.26
CA GLY C 301 9.05 -18.06 42.50
C GLY C 301 9.71 -18.63 41.29
N CYS C 302 9.54 -18.03 40.12
CA CYS C 302 10.18 -18.51 38.91
C CYS C 302 11.69 -18.34 38.99
N LYS C 303 12.42 -19.10 38.16
CA LYS C 303 13.87 -19.06 38.15
C LYS C 303 14.36 -19.08 36.71
N THR C 304 15.53 -18.48 36.48
CA THR C 304 16.10 -18.48 35.14
C THR C 304 17.44 -19.19 35.17
N THR C 305 17.93 -19.52 33.97
CA THR C 305 19.23 -20.16 33.86
C THR C 305 19.84 -19.79 32.52
N ALA C 306 21.07 -20.25 32.29
CA ALA C 306 21.80 -19.93 31.07
C ALA C 306 21.15 -20.57 29.85
N THR C 307 21.19 -19.85 28.74
CA THR C 307 20.51 -20.29 27.53
C THR C 307 21.31 -21.38 26.84
N PRO C 308 20.71 -22.52 26.52
CA PRO C 308 21.39 -23.55 25.74
C PRO C 308 21.55 -23.12 24.29
N PRO C 309 22.45 -23.76 23.55
CA PRO C 309 22.50 -23.53 22.09
C PRO C 309 21.30 -24.15 21.39
N PRO C 310 21.00 -23.69 20.18
CA PRO C 310 19.85 -24.22 19.42
C PRO C 310 20.05 -25.61 18.80
N ASN C 311 21.04 -26.38 19.24
CA ASN C 311 21.25 -27.71 18.70
C ASN C 311 20.08 -28.63 19.04
N PHE C 312 20.08 -29.83 18.43
CA PHE C 312 18.86 -30.63 18.31
C PHE C 312 18.29 -31.03 19.67
N ASN C 313 18.99 -31.86 20.41
CA ASN C 313 18.41 -32.42 21.63
C ASN C 313 19.08 -31.87 22.89
N VAL C 314 19.42 -30.59 22.90
CA VAL C 314 20.22 -29.99 23.96
C VAL C 314 19.27 -29.32 24.96
N LEU C 315 19.41 -29.66 26.26
CA LEU C 315 18.67 -29.09 27.37
C LEU C 315 19.53 -28.11 28.17
N PRO C 316 18.92 -27.16 28.88
CA PRO C 316 19.72 -26.28 29.76
C PRO C 316 20.39 -27.07 30.86
N ALA C 317 21.25 -26.36 31.61
CA ALA C 317 22.07 -27.01 32.63
C ALA C 317 21.27 -27.33 33.89
N GLU C 318 20.31 -26.48 34.26
CA GLU C 318 19.44 -26.70 35.41
C GLU C 318 18.00 -26.84 34.94
N LEU C 319 17.29 -27.80 35.50
CA LEU C 319 15.94 -28.16 35.05
C LEU C 319 14.95 -27.96 36.20
N PHE C 320 14.43 -26.74 36.32
CA PHE C 320 13.39 -26.39 37.30
C PHE C 320 12.12 -26.04 36.53
N ASP C 321 11.02 -26.73 36.82
CA ASP C 321 9.79 -26.57 36.04
C ASP C 321 9.03 -25.32 36.51
N ASN C 322 8.81 -24.38 35.60
CA ASN C 322 8.19 -23.11 35.93
C ASN C 322 6.71 -23.05 35.60
N THR C 323 6.08 -24.18 35.26
CA THR C 323 4.77 -24.07 34.62
C THR C 323 3.70 -23.59 35.60
N ALA C 324 3.69 -24.15 36.81
CA ALA C 324 2.65 -23.83 37.77
C ALA C 324 2.78 -22.41 38.27
N ARG C 325 4.01 -21.99 38.58
CA ARG C 325 4.24 -20.62 39.04
C ARG C 325 3.97 -19.60 37.94
N MET C 326 4.42 -19.86 36.71
CA MET C 326 4.11 -18.92 35.63
C MET C 326 2.61 -18.87 35.35
N GLN C 327 1.89 -19.98 35.58
CA GLN C 327 0.44 -19.92 35.42
C GLN C 327 -0.20 -19.07 36.49
N ALA C 328 0.28 -19.17 37.74
CA ALA C 328 -0.24 -18.29 38.78
C ALA C 328 0.05 -16.81 38.47
N ALA C 329 1.23 -16.51 37.92
CA ALA C 329 1.55 -15.12 37.57
C ALA C 329 0.66 -14.58 36.45
N PHE C 330 0.41 -15.38 35.41
CA PHE C 330 -0.56 -15.01 34.37
C PHE C 330 -1.94 -14.76 34.97
N ASN C 331 -2.39 -15.61 35.90
CA ASN C 331 -3.71 -15.41 36.49
C ASN C 331 -3.78 -14.08 37.24
N LEU C 332 -2.75 -13.75 38.03
CA LEU C 332 -2.79 -12.46 38.73
C LEU C 332 -2.74 -11.28 37.76
N ALA C 333 -1.93 -11.37 36.69
CA ALA C 333 -1.85 -10.30 35.70
C ALA C 333 -3.18 -10.09 34.97
N ILE C 334 -3.87 -11.16 34.61
CA ILE C 334 -5.18 -10.99 33.96
C ILE C 334 -6.22 -10.48 34.95
N SER C 335 -6.19 -10.97 36.20
CA SER C 335 -7.26 -10.64 37.15
C SER C 335 -7.15 -9.20 37.64
N LYS C 336 -5.95 -8.77 38.04
CA LYS C 336 -5.77 -7.43 38.59
C LYS C 336 -5.40 -6.39 37.54
N SER C 337 -5.10 -6.81 36.30
CA SER C 337 -4.63 -5.92 35.22
C SER C 337 -3.31 -5.23 35.55
N PHE C 338 -2.37 -5.98 36.14
CA PHE C 338 -1.00 -5.51 36.30
C PHE C 338 -0.19 -5.95 35.09
N LYS C 339 0.80 -5.17 34.70
CA LYS C 339 1.73 -5.60 33.68
C LYS C 339 2.69 -6.64 34.23
N LEU C 340 3.00 -7.67 33.45
CA LEU C 340 3.94 -8.71 33.87
C LEU C 340 5.28 -8.50 33.17
N ASN C 341 6.35 -8.41 33.96
CA ASN C 341 7.70 -8.13 33.47
C ASN C 341 8.59 -9.36 33.62
N LEU C 342 9.27 -9.73 32.53
CA LEU C 342 10.09 -10.94 32.53
C LEU C 342 11.56 -10.56 32.36
N SER C 343 12.45 -11.32 32.99
CA SER C 343 13.87 -10.99 32.94
C SER C 343 14.56 -11.76 31.83
N ALA C 344 15.86 -11.53 31.67
CA ALA C 344 16.63 -12.32 30.71
C ALA C 344 17.02 -13.66 31.34
N GLY C 345 17.45 -14.58 30.50
CA GLY C 345 17.63 -15.97 30.88
C GLY C 345 16.53 -16.83 30.29
N THR C 346 16.57 -18.13 30.58
CA THR C 346 15.53 -19.04 30.11
C THR C 346 14.67 -19.45 31.28
N TYR C 347 13.36 -19.39 31.09
CA TYR C 347 12.44 -20.10 31.97
C TYR C 347 12.16 -21.47 31.35
N TYR C 348 12.41 -22.53 32.11
CA TYR C 348 12.28 -23.89 31.61
C TYR C 348 10.93 -24.50 32.03
N PHE C 349 10.24 -25.14 31.09
CA PHE C 349 8.92 -25.71 31.32
C PHE C 349 8.92 -27.18 30.91
N GLU C 350 8.53 -28.06 31.82
CA GLU C 350 8.40 -29.48 31.49
C GLU C 350 7.25 -30.02 32.33
N SER C 351 6.04 -29.97 31.77
CA SER C 351 4.83 -30.30 32.51
C SER C 351 3.76 -30.81 31.55
N SER C 352 2.79 -31.53 32.09
CA SER C 352 1.74 -32.07 31.23
C SER C 352 0.64 -31.07 30.94
N ASP C 353 0.63 -29.92 31.61
CA ASP C 353 -0.39 -28.90 31.43
C ASP C 353 0.12 -27.79 30.52
N THR C 354 -0.73 -27.36 29.59
CA THR C 354 -0.38 -26.29 28.67
C THR C 354 -0.61 -24.94 29.34
N LEU C 355 0.28 -23.99 29.05
CA LEU C 355 0.27 -22.68 29.69
C LEU C 355 -0.78 -21.79 29.04
N ARG C 356 -1.76 -21.31 29.80
CA ARG C 356 -2.92 -20.67 29.20
C ARG C 356 -2.97 -19.21 29.57
N ILE C 357 -3.25 -18.37 28.57
CA ILE C 357 -3.64 -16.98 28.75
C ILE C 357 -5.14 -16.88 28.46
N THR C 358 -5.91 -16.35 29.41
CA THR C 358 -7.36 -16.38 29.27
C THR C 358 -8.03 -15.01 29.32
N GLY C 359 -7.29 -13.93 29.11
CA GLY C 359 -7.93 -12.63 29.05
C GLY C 359 -6.92 -11.58 28.65
N PRO C 360 -7.33 -10.33 28.62
CA PRO C 360 -6.38 -9.26 28.23
C PRO C 360 -5.24 -9.13 29.23
N ILE C 361 -4.05 -8.81 28.72
CA ILE C 361 -2.81 -8.90 29.49
C ILE C 361 -1.73 -8.08 28.80
N HIS C 362 -0.79 -7.53 29.59
CA HIS C 362 0.43 -6.91 29.08
C HIS C 362 1.61 -7.74 29.55
N ILE C 363 2.45 -8.17 28.61
CA ILE C 363 3.66 -8.90 28.94
C ILE C 363 4.81 -8.21 28.23
N GLU C 364 5.87 -7.93 28.96
CA GLU C 364 7.02 -7.25 28.40
C GLU C 364 8.26 -8.03 28.81
N GLY C 365 9.05 -8.48 27.83
CA GLY C 365 10.27 -9.21 28.12
C GLY C 365 11.50 -8.34 27.88
N ARG C 366 12.67 -8.94 28.03
CA ARG C 366 13.93 -8.24 27.76
C ARG C 366 14.64 -8.91 26.59
N PRO C 367 15.58 -8.23 25.95
CA PRO C 367 16.39 -8.94 24.94
C PRO C 367 17.12 -10.08 25.63
N GLY C 368 16.81 -11.29 25.24
CA GLY C 368 17.37 -12.45 25.87
C GLY C 368 16.43 -13.21 26.78
N THR C 369 15.15 -12.82 26.85
CA THR C 369 14.13 -13.61 27.52
C THR C 369 13.80 -14.83 26.66
N VAL C 370 13.90 -16.03 27.23
CA VAL C 370 13.64 -17.26 26.49
C VAL C 370 12.66 -18.12 27.29
N PHE C 371 11.70 -18.74 26.60
CA PHE C 371 10.84 -19.79 27.18
C PHE C 371 11.23 -21.12 26.56
N TYR C 372 11.85 -22.01 27.34
CA TYR C 372 12.26 -23.31 26.81
C TYR C 372 11.24 -24.37 27.19
N HIS C 373 10.75 -25.14 26.22
CA HIS C 373 9.71 -26.12 26.47
C HIS C 373 10.20 -27.54 26.21
N ASN C 374 10.12 -28.39 27.21
CA ASN C 374 10.42 -29.82 27.06
C ASN C 374 9.12 -30.60 26.95
N PRO C 375 8.86 -31.32 25.82
CA PRO C 375 7.56 -31.98 25.67
C PRO C 375 7.49 -33.38 26.27
N SER C 376 8.41 -33.73 27.16
CA SER C 376 8.51 -35.13 27.60
C SER C 376 7.25 -35.58 28.31
N ASN C 377 6.69 -34.73 29.18
CA ASN C 377 5.55 -35.14 30.01
C ASN C 377 4.20 -34.90 29.34
N LYS C 378 4.17 -34.44 28.09
CA LYS C 378 2.90 -34.21 27.43
C LYS C 378 2.27 -35.55 27.06
N ALA C 379 0.93 -35.57 27.02
CA ALA C 379 0.25 -36.83 26.70
C ALA C 379 0.36 -37.16 25.21
N ASN C 380 0.37 -36.14 24.34
CA ASN C 380 0.64 -36.31 22.91
C ASN C 380 1.75 -35.36 22.53
N PRO C 381 3.01 -35.77 22.67
CA PRO C 381 4.11 -34.81 22.48
C PRO C 381 4.17 -34.23 21.06
N LYS C 382 3.57 -34.88 20.08
CA LYS C 382 3.70 -34.37 18.72
C LYS C 382 2.68 -33.28 18.41
N THR C 383 1.57 -33.23 19.12
CA THR C 383 0.48 -32.35 18.76
C THR C 383 0.03 -31.45 19.89
N ASP C 384 0.55 -31.63 21.10
CA ASP C 384 0.13 -30.81 22.22
C ASP C 384 0.74 -29.42 22.14
N ALA C 385 0.00 -28.42 22.59
CA ALA C 385 0.40 -27.04 22.52
C ALA C 385 1.22 -26.65 23.74
N PHE C 386 2.31 -25.91 23.53
CA PHE C 386 3.06 -25.38 24.66
C PHE C 386 2.29 -24.27 25.35
N MET C 387 1.76 -23.32 24.58
CA MET C 387 1.11 -22.12 25.07
C MET C 387 -0.20 -21.90 24.31
N ASN C 388 -1.24 -21.46 25.00
CA ASN C 388 -2.56 -21.31 24.40
C ASN C 388 -3.11 -19.94 24.75
N ILE C 389 -3.62 -19.23 23.75
CA ILE C 389 -4.08 -17.86 23.94
C ILE C 389 -5.54 -17.76 23.51
N SER C 390 -6.39 -17.22 24.39
CA SER C 390 -7.79 -17.08 24.03
C SER C 390 -8.42 -15.92 24.81
N GLY C 391 -9.28 -15.15 24.15
CA GLY C 391 -9.99 -14.08 24.82
C GLY C 391 -9.14 -12.87 25.13
N CYS C 392 -7.95 -12.77 24.55
CA CYS C 392 -7.00 -11.73 24.94
C CYS C 392 -7.19 -10.45 24.12
N SER C 393 -8.38 -9.85 24.24
CA SER C 393 -8.65 -8.61 23.52
C SER C 393 -7.78 -7.46 24.03
N MET C 394 -7.31 -6.62 23.12
CA MET C 394 -6.53 -5.42 23.48
C MET C 394 -5.22 -5.76 24.20
N GLY C 395 -4.78 -7.02 24.15
CA GLY C 395 -3.57 -7.39 24.84
C GLY C 395 -2.34 -6.90 24.12
N ARG C 396 -1.18 -7.15 24.71
CA ARG C 396 0.10 -6.78 24.12
C ARG C 396 1.17 -7.69 24.72
N ILE C 397 1.85 -8.45 23.89
CA ILE C 397 2.89 -9.36 24.34
C ILE C 397 4.17 -9.04 23.57
N SER C 398 5.28 -8.81 24.26
CA SER C 398 6.46 -8.41 23.51
C SER C 398 7.75 -9.06 24.00
N SER C 399 8.68 -9.21 23.06
CA SER C 399 10.06 -9.56 23.33
C SER C 399 10.20 -10.90 24.08
N ILE C 400 9.71 -11.97 23.45
CA ILE C 400 9.85 -13.31 23.98
C ILE C 400 10.43 -14.21 22.90
N ASN C 401 11.26 -15.19 23.29
CA ASN C 401 11.83 -16.19 22.38
C ASN C 401 11.46 -17.58 22.90
N CYS C 402 10.53 -18.26 22.24
CA CYS C 402 10.09 -19.59 22.63
C CYS C 402 10.81 -20.58 21.73
N PHE C 403 11.47 -21.58 22.30
CA PHE C 403 11.89 -22.67 21.44
C PHE C 403 11.96 -23.96 22.24
N SER C 404 12.04 -25.07 21.52
CA SER C 404 11.91 -26.38 22.13
C SER C 404 13.01 -27.36 21.78
N ASN C 405 13.72 -27.18 20.67
CA ASN C 405 14.75 -28.11 20.21
C ASN C 405 14.23 -29.54 20.13
N SER C 406 13.04 -29.71 19.56
CA SER C 406 12.48 -31.05 19.47
C SER C 406 11.79 -31.37 18.17
N TYR C 407 11.34 -30.39 17.40
CA TYR C 407 10.45 -30.59 16.27
C TYR C 407 9.12 -31.20 16.68
N LEU C 408 8.68 -31.02 17.93
CA LEU C 408 7.43 -31.60 18.42
C LEU C 408 6.54 -30.51 19.03
N GLY C 409 5.24 -30.62 18.84
CA GLY C 409 4.32 -29.73 19.53
C GLY C 409 4.00 -28.49 18.73
N LYS C 410 3.02 -27.75 19.21
CA LYS C 410 2.65 -26.44 18.70
C LYS C 410 3.26 -25.37 19.60
N GLY C 411 3.79 -24.32 18.99
CA GLY C 411 4.40 -23.27 19.79
C GLY C 411 3.36 -22.43 20.48
N ILE C 412 2.54 -21.73 19.71
CA ILE C 412 1.49 -20.92 20.28
C ILE C 412 0.20 -21.29 19.54
N ASN C 413 -0.84 -21.64 20.29
CA ASN C 413 -2.11 -22.06 19.72
C ASN C 413 -3.17 -21.03 20.07
N PHE C 414 -3.89 -20.54 19.07
CA PHE C 414 -4.98 -19.60 19.30
C PHE C 414 -6.29 -20.35 19.24
N ASP C 415 -7.20 -20.03 20.18
CA ASP C 415 -8.49 -20.69 20.28
C ASP C 415 -9.60 -19.66 20.48
N ARG C 416 -10.83 -20.17 20.53
CA ARG C 416 -12.00 -19.43 20.95
C ARG C 416 -12.62 -20.02 22.22
N SER C 417 -11.82 -20.73 23.01
CA SER C 417 -12.34 -21.37 24.22
C SER C 417 -12.88 -20.35 25.22
N VAL C 418 -12.34 -19.14 25.23
CA VAL C 418 -12.80 -18.06 26.08
C VAL C 418 -13.46 -16.96 25.25
N GLY C 419 -12.85 -16.60 24.14
CA GLY C 419 -13.39 -15.53 23.32
C GLY C 419 -12.49 -15.28 22.15
N ASP C 420 -12.63 -14.10 21.57
CA ASP C 420 -11.86 -13.71 20.40
C ASP C 420 -10.72 -12.77 20.82
N ASN C 421 -9.54 -12.98 20.24
CA ASN C 421 -8.41 -12.08 20.47
C ASN C 421 -8.55 -10.85 19.57
N ARG C 422 -9.49 -9.96 19.94
CA ARG C 422 -10.01 -9.04 18.93
C ARG C 422 -9.02 -7.96 18.51
N LYS C 423 -8.11 -7.49 19.34
CA LYS C 423 -7.12 -6.60 18.77
C LYS C 423 -5.75 -6.87 19.37
N LEU C 424 -5.43 -8.14 19.54
CA LEU C 424 -4.20 -8.52 20.19
C LEU C 424 -3.02 -8.08 19.33
N VAL C 425 -1.93 -7.66 19.97
CA VAL C 425 -0.72 -7.25 19.26
C VAL C 425 0.45 -8.07 19.77
N LEU C 426 1.14 -8.76 18.87
CA LEU C 426 2.37 -9.47 19.25
C LEU C 426 3.57 -8.81 18.58
N GLU C 427 4.63 -8.56 19.35
CA GLU C 427 5.71 -7.75 18.83
C GLU C 427 7.07 -8.26 19.32
N HIS C 428 7.94 -8.62 18.40
CA HIS C 428 9.21 -9.27 18.77
C HIS C 428 9.01 -10.59 19.52
N VAL C 429 8.06 -11.42 19.05
CA VAL C 429 7.84 -12.78 19.55
C VAL C 429 8.44 -13.75 18.55
N TYR C 430 9.40 -14.59 18.97
CA TYR C 430 10.05 -15.59 18.11
C TYR C 430 9.64 -16.99 18.53
N VAL C 431 9.38 -17.88 17.57
CA VAL C 431 9.02 -19.26 17.89
C VAL C 431 9.86 -20.20 17.01
N ASP C 432 10.63 -21.09 17.65
CA ASP C 432 11.59 -21.93 16.92
C ASP C 432 11.50 -23.39 17.32
N THR C 433 11.81 -24.27 16.36
CA THR C 433 12.01 -25.71 16.57
C THR C 433 10.89 -26.42 17.31
N PHE C 434 9.67 -26.10 16.94
CA PHE C 434 8.49 -26.87 17.28
C PHE C 434 8.08 -27.68 16.05
N ARG C 435 6.88 -28.28 16.06
CA ARG C 435 6.34 -28.81 14.81
C ARG C 435 5.66 -27.69 14.02
N TRP C 436 4.89 -26.84 14.69
CA TRP C 436 4.34 -25.63 14.09
C TRP C 436 4.67 -24.48 15.02
N GLY C 437 4.99 -23.32 14.46
CA GLY C 437 5.23 -22.19 15.33
C GLY C 437 3.96 -21.52 15.78
N PHE C 438 3.22 -20.92 14.86
CA PHE C 438 1.94 -20.30 15.19
C PHE C 438 0.84 -21.15 14.56
N TYR C 439 -0.14 -21.58 15.36
CA TYR C 439 -1.19 -22.47 14.91
C TYR C 439 -2.55 -21.84 15.17
N VAL C 440 -3.44 -21.85 14.17
CA VAL C 440 -4.83 -21.48 14.33
C VAL C 440 -5.67 -22.54 13.64
N GLY C 441 -6.67 -23.06 14.33
CA GLY C 441 -7.40 -24.17 13.73
C GLY C 441 -8.90 -24.09 13.84
N GLU C 442 -9.45 -22.89 14.00
CA GLU C 442 -10.90 -22.71 14.07
C GLU C 442 -11.22 -21.26 13.71
N PRO C 443 -12.46 -20.97 13.34
CA PRO C 443 -12.78 -19.64 12.83
C PRO C 443 -13.04 -18.63 13.93
N GLU C 444 -13.01 -17.35 13.55
CA GLU C 444 -13.44 -16.25 14.41
C GLU C 444 -12.63 -16.14 15.69
N CYS C 445 -11.34 -16.49 15.66
CA CYS C 445 -10.56 -16.33 16.87
C CYS C 445 -9.36 -15.40 16.74
N ILE C 446 -9.07 -14.83 15.58
CA ILE C 446 -7.95 -13.90 15.48
C ILE C 446 -8.36 -12.63 14.76
N ASN C 447 -9.63 -12.24 14.88
CA ASN C 447 -10.09 -11.06 14.17
C ASN C 447 -9.22 -9.86 14.54
N GLN C 448 -8.65 -9.20 13.54
CA GLN C 448 -7.84 -8.01 13.73
C GLN C 448 -6.57 -8.28 14.52
N ILE C 449 -6.05 -9.51 14.51
CA ILE C 449 -4.80 -9.72 15.21
C ILE C 449 -3.67 -9.00 14.47
N GLU C 450 -2.56 -8.75 15.18
CA GLU C 450 -1.41 -8.04 14.61
C GLU C 450 -0.09 -8.71 14.98
N PHE C 451 0.77 -8.94 13.99
CA PHE C 451 2.12 -9.42 14.26
C PHE C 451 3.09 -8.33 13.82
N HIS C 452 3.95 -7.87 14.72
CA HIS C 452 4.98 -6.92 14.34
C HIS C 452 6.34 -7.52 14.62
N SER C 453 7.18 -7.61 13.60
CA SER C 453 8.56 -7.99 13.83
C SER C 453 8.67 -9.35 14.54
N CYS C 454 7.85 -10.31 14.14
CA CYS C 454 7.88 -11.65 14.74
C CYS C 454 8.69 -12.61 13.87
N ARG C 455 9.04 -13.75 14.44
CA ARG C 455 9.84 -14.72 13.68
C ARG C 455 9.31 -16.12 13.95
N ALA C 456 9.29 -16.95 12.91
CA ALA C 456 9.03 -18.37 13.04
C ALA C 456 10.16 -19.09 12.29
N GLN C 457 10.95 -19.90 12.99
CA GLN C 457 12.18 -20.38 12.35
C GLN C 457 12.51 -21.81 12.72
N SER C 458 12.77 -22.65 11.73
CA SER C 458 13.24 -24.02 11.96
C SER C 458 12.20 -24.90 12.66
N ASN C 459 10.92 -24.70 12.37
CA ASN C 459 9.89 -25.63 12.78
C ASN C 459 9.78 -26.78 11.79
N TYR C 460 9.19 -27.89 12.22
CA TYR C 460 9.22 -29.08 11.36
C TYR C 460 8.31 -28.95 10.16
N PHE C 461 7.06 -28.48 10.33
CA PHE C 461 6.17 -28.42 9.17
C PHE C 461 5.96 -27.01 8.67
N GLN C 462 5.49 -26.10 9.50
CA GLN C 462 5.23 -24.75 9.03
C GLN C 462 5.62 -23.78 10.10
N GLY C 463 5.82 -22.53 9.68
CA GLY C 463 6.12 -21.48 10.60
C GLY C 463 4.81 -20.88 11.05
N ILE C 464 3.97 -20.51 10.09
CA ILE C 464 2.61 -20.04 10.34
C ILE C 464 1.65 -21.03 9.73
N PHE C 465 0.67 -21.52 10.51
CA PHE C 465 -0.34 -22.46 10.02
C PHE C 465 -1.72 -21.95 10.42
N ILE C 466 -2.47 -21.39 9.48
CA ILE C 466 -3.81 -20.88 9.78
C ILE C 466 -4.80 -21.68 8.96
N GLU C 467 -5.78 -22.28 9.62
CA GLU C 467 -6.75 -23.09 8.88
C GLU C 467 -8.10 -22.99 9.57
N SER C 468 -8.99 -22.16 9.03
CA SER C 468 -10.28 -21.95 9.67
C SER C 468 -11.15 -23.19 9.64
N PHE C 469 -11.22 -23.89 8.52
CA PHE C 469 -12.09 -25.05 8.45
C PHE C 469 -11.50 -26.07 7.49
N LYS C 470 -11.75 -27.34 7.78
CA LYS C 470 -11.31 -28.45 6.95
C LYS C 470 -12.38 -28.80 5.92
N GLU C 471 -12.16 -29.87 5.18
CA GLU C 471 -13.05 -30.13 4.06
C GLU C 471 -14.31 -30.81 4.61
N GLY C 472 -15.46 -30.48 4.03
CA GLY C 472 -16.72 -30.98 4.53
C GLY C 472 -17.22 -30.25 5.73
N GLN C 473 -16.53 -29.20 6.18
CA GLN C 473 -16.98 -28.40 7.30
C GLN C 473 -17.67 -27.11 6.91
N GLU C 474 -18.40 -26.56 7.87
CA GLU C 474 -19.14 -25.34 7.62
C GLU C 474 -18.16 -24.23 7.33
N TYR C 475 -18.54 -23.34 6.43
CA TYR C 475 -17.67 -22.22 6.09
C TYR C 475 -17.53 -21.29 7.30
N GLY C 476 -16.31 -20.77 7.50
CA GLY C 476 -16.07 -19.76 8.50
C GLY C 476 -14.72 -19.12 8.27
N HIS C 477 -14.54 -17.94 8.84
CA HIS C 477 -13.30 -17.19 8.60
C HIS C 477 -13.08 -16.20 9.72
N SER C 478 -11.84 -15.73 9.83
CA SER C 478 -11.52 -14.60 10.69
C SER C 478 -10.91 -13.51 9.83
N ALA C 479 -11.23 -12.25 10.14
CA ALA C 479 -10.93 -11.18 9.21
C ALA C 479 -11.02 -9.83 9.91
N PRO C 480 -10.11 -8.88 9.64
CA PRO C 480 -8.89 -9.01 8.85
C PRO C 480 -7.69 -9.61 9.60
N VAL C 481 -6.55 -9.81 8.95
CA VAL C 481 -5.35 -10.31 9.60
C VAL C 481 -4.14 -9.57 9.05
N HIS C 482 -3.27 -9.12 9.95
CA HIS C 482 -2.22 -8.17 9.58
C HIS C 482 -0.86 -8.71 9.97
N PHE C 483 0.07 -8.80 9.01
CA PHE C 483 1.46 -9.09 9.36
C PHE C 483 2.32 -7.91 8.92
N PHE C 484 3.27 -7.52 9.77
CA PHE C 484 4.08 -6.34 9.47
C PHE C 484 5.54 -6.63 9.81
N ASN C 485 6.39 -6.78 8.79
CA ASN C 485 7.81 -7.10 8.97
C ASN C 485 8.00 -8.37 9.79
N THR C 486 7.27 -9.42 9.42
CA THR C 486 7.42 -10.73 10.06
C THR C 486 8.19 -11.67 9.14
N ILE C 487 8.99 -12.58 9.72
CA ILE C 487 9.82 -13.48 8.93
C ILE C 487 9.56 -14.94 9.26
N CYS C 488 9.37 -15.76 8.23
CA CYS C 488 9.31 -17.22 8.34
C CYS C 488 10.49 -17.79 7.58
N ASN C 489 11.41 -18.43 8.27
CA ASN C 489 12.66 -18.80 7.64
C ASN C 489 13.10 -20.20 8.02
N GLY C 490 13.43 -21.04 7.05
CA GLY C 490 14.03 -22.33 7.40
C GLY C 490 13.10 -23.39 7.92
N ASN C 491 11.77 -23.18 7.86
CA ASN C 491 10.78 -24.18 8.24
C ASN C 491 10.66 -25.28 7.20
N GLY C 492 10.14 -26.43 7.62
CA GLY C 492 10.04 -27.56 6.74
C GLY C 492 10.98 -28.67 7.19
N PRO C 493 10.76 -29.88 6.70
CA PRO C 493 11.58 -31.05 7.11
C PRO C 493 12.90 -31.09 6.35
N THR C 494 14.01 -31.00 7.08
CA THR C 494 15.33 -31.20 6.50
C THR C 494 15.68 -32.69 6.52
N SER C 495 16.78 -33.05 5.86
CA SER C 495 17.19 -34.46 5.83
C SER C 495 17.57 -34.94 7.23
N PHE C 496 18.28 -34.09 7.99
CA PHE C 496 18.58 -34.43 9.37
C PHE C 496 17.31 -34.59 10.20
N ALA C 497 16.35 -33.68 10.04
CA ALA C 497 15.10 -33.79 10.80
C ALA C 497 14.35 -35.07 10.44
N LEU C 498 14.30 -35.42 9.15
CA LEU C 498 13.65 -36.67 8.76
C LEU C 498 14.32 -37.87 9.39
N GLY C 499 15.64 -37.84 9.53
CA GLY C 499 16.26 -38.98 10.15
C GLY C 499 16.37 -38.97 11.66
N ALA C 500 15.85 -37.94 12.33
CA ALA C 500 16.12 -37.74 13.74
C ALA C 500 15.20 -38.58 14.62
N THR C 501 15.64 -38.77 15.87
CA THR C 501 14.83 -39.42 16.89
C THR C 501 15.04 -38.68 18.20
N TYR C 502 13.96 -38.15 18.77
CA TYR C 502 14.03 -37.38 20.00
C TYR C 502 14.06 -38.31 21.19
N LYS C 503 14.98 -38.07 22.13
CA LYS C 503 15.08 -38.86 23.36
C LYS C 503 14.61 -38.01 24.53
N THR C 504 13.60 -38.50 25.25
CA THR C 504 12.97 -37.76 26.34
C THR C 504 13.73 -37.98 27.64
N THR C 505 13.31 -37.28 28.70
CA THR C 505 13.91 -37.43 30.01
C THR C 505 13.56 -38.76 30.69
N LYS C 506 12.56 -39.47 30.18
CA LYS C 506 12.23 -40.81 30.65
C LYS C 506 12.89 -41.89 29.80
N ASN C 507 13.84 -41.51 28.95
CA ASN C 507 14.58 -42.43 28.08
C ASN C 507 13.66 -43.14 27.09
N GLU C 508 12.57 -42.50 26.71
CA GLU C 508 11.76 -42.95 25.59
C GLU C 508 12.28 -42.31 24.31
N TYR C 509 11.97 -42.94 23.18
CA TYR C 509 12.38 -42.45 21.88
C TYR C 509 11.16 -42.17 21.02
N ILE C 510 11.18 -41.03 20.35
CA ILE C 510 10.05 -40.59 19.54
C ILE C 510 10.60 -40.26 18.16
N LYS C 511 10.02 -40.86 17.12
CA LYS C 511 10.47 -40.51 15.78
C LYS C 511 9.91 -39.16 15.39
N VAL C 512 10.76 -38.31 14.84
CA VAL C 512 10.32 -36.98 14.45
C VAL C 512 9.41 -37.05 13.24
N MET C 513 9.73 -37.93 12.28
CA MET C 513 9.00 -37.97 11.02
C MET C 513 7.69 -38.75 11.15
N ASP C 514 6.75 -38.42 10.26
CA ASP C 514 5.50 -39.15 10.11
C ASP C 514 5.63 -40.24 9.05
N SER C 515 5.95 -39.83 7.82
CA SER C 515 6.32 -40.72 6.72
C SER C 515 7.64 -40.25 6.14
N VAL C 516 8.24 -41.09 5.29
CA VAL C 516 9.51 -40.75 4.68
C VAL C 516 9.38 -39.70 3.59
N ASN C 517 8.15 -39.30 3.24
CA ASN C 517 7.86 -38.35 2.17
C ASN C 517 7.34 -37.03 2.68
N ASP C 518 7.79 -36.61 3.86
CA ASP C 518 7.28 -35.42 4.50
C ASP C 518 7.75 -34.17 3.76
N VAL C 519 6.82 -33.23 3.53
CA VAL C 519 7.14 -31.91 2.99
C VAL C 519 6.38 -30.86 3.78
N GLY C 520 6.87 -29.63 3.74
CA GLY C 520 6.21 -28.54 4.46
C GLY C 520 6.22 -27.27 3.64
N CYS C 521 6.00 -26.12 4.26
CA CYS C 521 6.17 -24.84 3.57
C CYS C 521 6.39 -23.78 4.63
N GLN C 522 6.75 -22.55 4.23
CA GLN C 522 7.02 -21.56 5.26
C GLN C 522 5.74 -21.04 5.89
N ALA C 523 4.71 -20.74 5.10
CA ALA C 523 3.47 -20.27 5.69
C ALA C 523 2.25 -20.82 4.95
N TYR C 524 1.19 -21.12 5.70
CA TYR C 524 0.01 -21.75 5.13
C TYR C 524 -1.23 -20.99 5.57
N PHE C 525 -2.02 -20.47 4.63
CA PHE C 525 -3.18 -19.65 4.97
C PHE C 525 -4.43 -20.23 4.33
N GLN C 526 -5.44 -20.55 5.14
CA GLN C 526 -6.66 -21.13 4.62
C GLN C 526 -7.89 -20.51 5.27
N GLY C 527 -8.90 -20.22 4.48
CA GLY C 527 -10.16 -19.70 4.99
C GLY C 527 -10.07 -18.40 5.75
N LEU C 528 -9.39 -17.39 5.22
CA LEU C 528 -9.29 -16.08 5.84
C LEU C 528 -9.93 -15.04 4.94
N SER C 529 -9.74 -13.77 5.29
CA SER C 529 -10.21 -12.70 4.43
C SER C 529 -9.54 -11.39 4.84
N ASN C 530 -9.24 -10.53 3.88
CA ASN C 530 -8.62 -9.23 4.13
C ASN C 530 -7.26 -9.35 4.83
N VAL C 531 -6.35 -10.07 4.22
CA VAL C 531 -5.05 -10.40 4.83
C VAL C 531 -3.99 -9.54 4.17
N GLN C 532 -3.15 -8.91 4.97
CA GLN C 532 -2.09 -8.05 4.45
C GLN C 532 -0.76 -8.58 4.95
N TYR C 533 0.20 -8.79 4.05
CA TYR C 533 1.54 -9.20 4.45
C TYR C 533 2.52 -8.10 4.03
N ILE C 534 2.98 -7.25 4.96
CA ILE C 534 3.73 -6.06 4.59
C ILE C 534 5.21 -6.24 4.92
N GLY C 535 6.09 -6.09 3.94
CA GLY C 535 7.49 -6.27 4.32
C GLY C 535 7.80 -7.70 4.73
N GLY C 536 8.86 -7.86 5.50
CA GLY C 536 9.15 -9.16 6.03
C GLY C 536 9.88 -10.06 5.04
N GLN C 537 9.86 -11.36 5.31
CA GLN C 537 10.65 -12.26 4.49
C GLN C 537 10.02 -13.65 4.56
N LEU C 538 10.14 -14.41 3.47
CA LEU C 538 9.83 -15.85 3.49
C LEU C 538 10.97 -16.54 2.78
N SER C 539 11.79 -17.31 3.49
CA SER C 539 12.96 -17.88 2.84
C SER C 539 13.20 -19.30 3.31
N GLY C 540 13.70 -20.14 2.41
CA GLY C 540 14.06 -21.50 2.80
C GLY C 540 15.52 -21.75 3.09
N HIS C 541 16.16 -20.94 3.94
CA HIS C 541 17.56 -21.15 4.26
C HIS C 541 17.75 -22.48 4.99
N GLY C 542 18.77 -23.24 4.61
CA GLY C 542 19.00 -24.54 5.19
C GLY C 542 18.47 -25.71 4.38
N SER C 543 17.91 -25.44 3.20
CA SER C 543 17.40 -26.46 2.29
C SER C 543 16.42 -27.47 2.93
N PRO C 544 15.33 -27.00 3.51
CA PRO C 544 14.26 -27.92 3.90
C PRO C 544 13.37 -28.25 2.70
N ARG C 545 12.65 -29.37 2.82
CA ARG C 545 11.81 -29.85 1.74
C ARG C 545 10.50 -29.08 1.72
N ASN C 546 10.30 -28.23 0.70
CA ASN C 546 9.12 -27.37 0.67
C ASN C 546 8.32 -27.58 -0.60
N THR C 547 6.99 -27.55 -0.48
CA THR C 547 6.18 -27.47 -1.69
C THR C 547 6.13 -26.05 -2.21
N SER C 548 6.16 -25.07 -1.32
CA SER C 548 6.11 -23.67 -1.74
C SER C 548 6.62 -22.84 -0.58
N LEU C 549 6.95 -21.57 -0.87
CA LEU C 549 7.24 -20.68 0.25
C LEU C 549 5.96 -20.31 0.98
N ALA C 550 4.89 -20.03 0.25
CA ALA C 550 3.62 -19.65 0.85
C ALA C 550 2.49 -20.32 0.08
N THR C 551 1.47 -20.77 0.81
CA THR C 551 0.33 -21.42 0.19
C THR C 551 -0.93 -20.74 0.65
N ILE C 552 -1.81 -20.41 -0.28
CA ILE C 552 -2.98 -19.60 0.04
C ILE C 552 -4.20 -20.30 -0.55
N THR C 553 -5.13 -20.72 0.29
CA THR C 553 -6.29 -21.45 -0.23
C THR C 553 -7.57 -20.87 0.36
N GLN C 554 -8.54 -20.57 -0.49
CA GLN C 554 -9.90 -20.23 -0.06
C GLN C 554 -9.97 -18.96 0.77
N CYS C 555 -9.05 -18.02 0.52
CA CYS C 555 -9.03 -16.70 1.12
C CYS C 555 -9.67 -15.69 0.19
N ASN C 556 -10.07 -14.56 0.75
CA ASN C 556 -10.52 -13.43 -0.05
C ASN C 556 -9.59 -12.27 0.21
N SER C 557 -9.05 -11.67 -0.85
CA SER C 557 -8.22 -10.48 -0.69
C SER C 557 -7.01 -10.77 0.21
N PHE C 558 -6.06 -11.52 -0.33
CA PHE C 558 -4.71 -11.61 0.19
C PHE C 558 -3.81 -10.63 -0.57
N ILE C 559 -3.11 -9.75 0.14
CA ILE C 559 -2.24 -8.77 -0.51
C ILE C 559 -0.82 -8.83 0.04
N ILE C 560 0.18 -8.87 -0.84
CA ILE C 560 1.59 -8.90 -0.44
C ILE C 560 2.27 -7.60 -0.86
N TYR C 561 2.85 -6.86 0.08
CA TYR C 561 3.53 -5.59 -0.25
C TYR C 561 5.05 -5.72 -0.10
N GLY C 562 5.77 -5.94 -1.19
CA GLY C 562 7.24 -5.90 -1.09
C GLY C 562 7.96 -6.96 -0.26
N THR C 563 7.40 -8.15 -0.09
CA THR C 563 8.06 -9.16 0.75
C THR C 563 9.28 -9.80 0.07
N ASP C 564 10.35 -9.99 0.83
CA ASP C 564 11.54 -10.67 0.32
C ASP C 564 11.26 -12.17 0.20
N LEU C 565 11.48 -12.76 -0.97
CA LEU C 565 11.19 -14.19 -1.14
C LEU C 565 12.40 -14.85 -1.76
N GLU C 566 12.93 -15.90 -1.14
CA GLU C 566 14.16 -16.45 -1.70
C GLU C 566 14.40 -17.89 -1.29
N ASP C 567 15.21 -18.58 -2.08
CA ASP C 567 15.88 -19.80 -1.66
C ASP C 567 14.88 -20.90 -1.28
N ILE C 568 14.17 -21.40 -2.29
CA ILE C 568 13.25 -22.53 -2.12
C ILE C 568 13.80 -23.78 -2.79
N ASN C 569 13.66 -24.92 -2.10
CA ASN C 569 14.04 -26.25 -2.60
C ASN C 569 12.74 -26.99 -2.89
N GLY C 570 12.41 -27.13 -4.17
CA GLY C 570 11.05 -27.50 -4.54
C GLY C 570 10.81 -29.00 -4.48
N PHE C 571 9.62 -29.36 -3.98
CA PHE C 571 9.07 -30.71 -3.97
C PHE C 571 7.59 -30.64 -4.34
N THR C 572 7.05 -31.75 -4.85
CA THR C 572 5.61 -31.88 -5.02
C THR C 572 4.96 -32.37 -3.73
N THR C 573 3.62 -32.34 -3.69
CA THR C 573 2.91 -32.80 -2.49
C THR C 573 3.23 -34.25 -2.16
N ASP C 574 3.44 -35.10 -3.17
CA ASP C 574 3.84 -36.48 -2.95
C ASP C 574 5.18 -36.59 -2.24
N GLY C 575 6.14 -35.74 -2.61
CA GLY C 575 7.51 -35.85 -2.13
C GLY C 575 8.50 -36.10 -3.26
N THR C 576 8.11 -35.75 -4.48
CA THR C 576 8.97 -35.87 -5.66
C THR C 576 9.77 -34.59 -5.83
N ALA C 577 11.08 -34.72 -6.05
CA ALA C 577 11.90 -33.53 -6.21
C ALA C 577 11.67 -32.91 -7.58
N ILE C 578 11.60 -31.57 -7.60
CA ILE C 578 11.42 -30.81 -8.83
C ILE C 578 12.78 -30.27 -9.24
N THR C 579 13.36 -30.86 -10.28
CA THR C 579 14.65 -30.45 -10.81
C THR C 579 14.49 -30.04 -12.28
N ALA C 580 15.61 -29.72 -12.92
CA ALA C 580 15.57 -29.33 -14.32
C ALA C 580 15.27 -30.53 -15.20
N ASP C 581 15.94 -31.65 -14.89
CA ASP C 581 15.92 -32.87 -15.68
C ASP C 581 14.48 -33.32 -15.95
N ASN C 582 13.67 -33.38 -14.90
CA ASN C 582 12.31 -33.90 -14.97
C ASN C 582 11.26 -32.81 -15.11
N ILE C 583 11.68 -31.57 -15.40
CA ILE C 583 10.76 -30.44 -15.26
C ILE C 583 9.51 -30.66 -16.12
N ASP C 584 9.69 -31.13 -17.36
CA ASP C 584 8.54 -31.31 -18.25
C ASP C 584 7.55 -32.31 -17.68
N THR C 585 8.06 -33.44 -17.18
CA THR C 585 7.20 -34.45 -16.57
C THR C 585 6.32 -33.83 -15.49
N ILE C 586 6.91 -32.98 -14.64
CA ILE C 586 6.14 -32.38 -13.55
C ILE C 586 4.94 -31.62 -14.13
N GLU C 587 5.20 -30.79 -15.14
CA GLU C 587 4.14 -29.93 -15.68
C GLU C 587 3.02 -30.76 -16.28
N SER C 588 3.27 -32.04 -16.58
CA SER C 588 2.23 -32.89 -17.13
C SER C 588 1.45 -33.64 -16.06
N ASN C 589 2.10 -34.03 -14.96
CA ASN C 589 1.47 -34.92 -14.00
C ASN C 589 1.04 -34.24 -12.72
N TYR C 590 1.41 -32.99 -12.50
CA TYR C 590 1.09 -32.30 -11.26
C TYR C 590 0.49 -30.94 -11.53
N LEU C 591 -0.25 -30.84 -12.63
CA LEU C 591 -0.92 -29.59 -12.93
C LEU C 591 -1.92 -29.21 -11.85
N LYS C 592 -2.65 -30.17 -11.31
CA LYS C 592 -3.70 -29.88 -10.33
C LYS C 592 -3.20 -29.97 -8.89
N ASP C 593 -1.93 -30.28 -8.68
CA ASP C 593 -1.35 -30.37 -7.36
C ASP C 593 -1.18 -28.97 -6.76
N ILE C 594 -1.35 -28.85 -5.44
CA ILE C 594 -1.17 -27.56 -4.76
C ILE C 594 0.29 -27.49 -4.33
N SER C 595 1.16 -27.19 -5.30
CA SER C 595 2.60 -27.12 -5.11
C SER C 595 3.27 -26.63 -6.39
N GLY C 596 4.59 -26.47 -6.39
CA GLY C 596 5.30 -26.20 -7.62
C GLY C 596 5.60 -24.74 -7.91
N ALA C 597 5.64 -23.88 -6.90
CA ALA C 597 5.93 -22.48 -7.13
C ALA C 597 6.44 -21.88 -5.84
N ALA C 598 6.93 -20.64 -5.91
CA ALA C 598 7.26 -19.93 -4.68
C ALA C 598 6.02 -19.51 -3.93
N ILE C 599 4.99 -19.09 -4.64
CA ILE C 599 3.70 -18.70 -4.06
C ILE C 599 2.65 -19.50 -4.79
N VAL C 600 1.81 -20.22 -4.05
CA VAL C 600 0.75 -21.02 -4.67
C VAL C 600 -0.59 -20.44 -4.25
N VAL C 601 -1.44 -20.11 -5.22
CA VAL C 601 -2.71 -19.46 -4.90
C VAL C 601 -3.83 -20.33 -5.42
N SER C 602 -4.77 -20.70 -4.55
CA SER C 602 -5.86 -21.59 -4.95
C SER C 602 -7.21 -21.10 -4.41
N SER C 603 -8.17 -20.79 -5.29
CA SER C 603 -9.52 -20.36 -4.89
C SER C 603 -9.51 -19.07 -4.11
N CYS C 604 -8.64 -18.15 -4.49
CA CYS C 604 -8.47 -16.89 -3.78
C CYS C 604 -9.01 -15.75 -4.61
N LEU C 605 -9.88 -14.95 -4.02
CA LEU C 605 -10.35 -13.74 -4.68
C LEU C 605 -9.40 -12.61 -4.40
N GLY C 606 -9.30 -11.68 -5.34
CA GLY C 606 -8.57 -10.47 -5.02
C GLY C 606 -7.14 -10.66 -4.59
N PHE C 607 -6.39 -11.54 -5.28
CA PHE C 607 -4.97 -11.68 -4.97
C PHE C 607 -4.18 -10.54 -5.58
N LYS C 608 -3.14 -10.07 -4.87
CA LYS C 608 -2.30 -9.00 -5.42
C LYS C 608 -0.87 -9.07 -4.90
N ILE C 609 0.13 -8.97 -5.79
CA ILE C 609 1.53 -8.83 -5.38
C ILE C 609 2.19 -7.69 -6.15
N ASP C 610 2.90 -6.81 -5.44
CA ASP C 610 3.68 -5.75 -6.10
C ASP C 610 5.05 -6.29 -6.51
N SER C 611 6.10 -5.44 -6.57
CA SER C 611 7.33 -5.92 -7.21
C SER C 611 8.53 -6.19 -6.31
N PRO C 612 8.50 -7.22 -5.47
CA PRO C 612 9.66 -7.54 -4.65
C PRO C 612 10.75 -8.24 -5.44
N HIS C 613 11.90 -8.37 -4.79
CA HIS C 613 13.05 -9.03 -5.37
C HIS C 613 13.02 -10.49 -4.95
N ILE C 614 13.13 -11.38 -5.93
CA ILE C 614 13.03 -12.81 -5.73
C ILE C 614 14.28 -13.44 -6.32
N PHE C 615 14.90 -14.37 -5.60
CA PHE C 615 16.02 -15.05 -6.24
C PHE C 615 16.22 -16.44 -5.67
N LYS C 616 16.97 -17.26 -6.42
CA LYS C 616 17.33 -18.61 -6.01
C LYS C 616 16.10 -19.51 -5.86
N ILE C 617 15.32 -19.64 -6.93
CA ILE C 617 14.04 -20.35 -6.87
C ILE C 617 14.23 -21.66 -7.61
N LYS C 618 14.41 -22.75 -6.88
CA LYS C 618 14.67 -24.04 -7.50
C LYS C 618 13.39 -24.87 -7.60
N THR C 619 12.39 -24.30 -8.28
CA THR C 619 11.12 -24.99 -8.50
C THR C 619 10.58 -24.54 -9.86
N LEU C 620 9.37 -25.01 -10.21
CA LEU C 620 8.95 -24.89 -11.59
C LEU C 620 8.65 -23.44 -11.99
N SER C 621 8.03 -22.69 -11.11
CA SER C 621 7.53 -21.36 -11.44
C SER C 621 7.69 -20.43 -10.23
N THR C 622 7.44 -19.14 -10.44
CA THR C 622 7.47 -18.23 -9.31
C THR C 622 6.12 -18.05 -8.66
N ILE C 623 5.06 -18.00 -9.46
CA ILE C 623 3.69 -17.88 -8.96
C ILE C 623 2.83 -18.90 -9.68
N LYS C 624 2.02 -19.65 -8.92
CA LYS C 624 1.04 -20.55 -9.51
C LYS C 624 -0.36 -20.12 -9.15
N LEU C 625 -1.28 -20.15 -10.09
CA LEU C 625 -2.66 -19.73 -9.81
C LEU C 625 -3.57 -20.87 -10.18
N MET C 626 -4.57 -21.19 -9.35
CA MET C 626 -5.39 -22.35 -9.67
C MET C 626 -6.72 -22.30 -8.94
N ASN C 627 -7.67 -23.12 -9.42
CA ASN C 627 -8.98 -23.35 -8.77
C ASN C 627 -9.82 -22.07 -8.63
N ASN C 628 -10.02 -21.38 -9.74
CA ASN C 628 -10.92 -20.23 -9.84
C ASN C 628 -10.40 -19.02 -9.08
N THR C 629 -9.15 -18.67 -9.34
CA THR C 629 -8.57 -17.42 -8.88
C THR C 629 -8.71 -16.43 -10.03
N TYR C 630 -9.75 -15.61 -10.00
CA TYR C 630 -10.19 -15.02 -11.26
C TYR C 630 -10.02 -13.51 -11.39
N ASN C 631 -9.45 -12.83 -10.41
CA ASN C 631 -9.18 -11.42 -10.63
C ASN C 631 -7.82 -11.07 -10.06
N TYR C 632 -6.82 -11.87 -10.37
CA TYR C 632 -5.53 -11.61 -9.75
C TYR C 632 -4.85 -10.44 -10.45
N GLU C 633 -3.78 -9.94 -9.83
CA GLU C 633 -3.05 -8.81 -10.37
C GLU C 633 -1.60 -8.91 -9.94
N ILE C 634 -0.70 -9.00 -10.90
CA ILE C 634 0.69 -9.34 -10.63
C ILE C 634 1.58 -8.17 -11.04
N GLY C 635 2.35 -7.64 -10.10
CA GLY C 635 3.27 -6.56 -10.41
C GLY C 635 4.58 -7.10 -10.92
N GLY C 636 5.51 -6.21 -11.22
CA GLY C 636 6.70 -6.78 -11.82
C GLY C 636 7.85 -7.09 -10.89
N PHE C 637 7.88 -8.31 -10.36
CA PHE C 637 8.98 -8.78 -9.53
C PHE C 637 10.15 -9.17 -10.43
N THR C 638 11.21 -9.72 -9.84
CA THR C 638 12.41 -10.07 -10.62
C THR C 638 12.11 -11.21 -11.61
N PRO C 639 12.30 -11.02 -12.91
CA PRO C 639 12.04 -12.10 -13.87
C PRO C 639 13.13 -13.17 -13.92
N ASP C 640 12.73 -14.38 -14.33
CA ASP C 640 13.65 -15.45 -14.74
C ASP C 640 14.45 -16.03 -13.57
N GLU C 641 13.78 -16.28 -12.45
CA GLU C 641 14.46 -16.87 -11.31
C GLU C 641 14.10 -18.33 -11.09
N ALA C 642 12.98 -18.80 -11.61
CA ALA C 642 12.51 -20.17 -11.47
C ALA C 642 13.08 -21.02 -12.59
N LEU C 643 12.54 -22.23 -12.75
CA LEU C 643 13.05 -23.18 -13.75
C LEU C 643 12.28 -23.13 -15.07
N LYS C 644 10.97 -22.88 -15.04
CA LYS C 644 10.30 -22.96 -16.34
C LYS C 644 9.43 -21.76 -16.70
N TYR C 645 8.76 -21.13 -15.73
CA TYR C 645 7.88 -19.99 -16.03
C TYR C 645 8.13 -18.85 -15.05
N ASN C 646 7.47 -17.72 -15.29
CA ASN C 646 7.33 -16.67 -14.27
C ASN C 646 5.97 -16.75 -13.61
N VAL C 647 4.90 -16.91 -14.40
CA VAL C 647 3.55 -17.13 -13.90
C VAL C 647 3.01 -18.36 -14.56
N TRP C 648 2.53 -19.31 -13.76
CA TRP C 648 1.98 -20.57 -14.22
C TRP C 648 0.52 -20.59 -13.80
N ASP C 649 -0.38 -20.50 -14.77
CA ASP C 649 -1.81 -20.45 -14.51
C ASP C 649 -2.40 -21.82 -14.80
N ALA C 650 -3.06 -22.42 -13.81
CA ALA C 650 -3.60 -23.77 -13.92
C ALA C 650 -5.12 -23.78 -13.77
N ASN C 651 -5.77 -22.63 -13.88
CA ASN C 651 -7.22 -22.59 -13.87
C ASN C 651 -7.79 -23.33 -15.09
N GLY C 652 -8.63 -24.33 -14.84
CA GLY C 652 -9.09 -25.18 -15.94
C GLY C 652 -10.54 -25.65 -15.95
N LEU C 653 -11.48 -24.85 -15.47
CA LEU C 653 -12.89 -25.23 -15.43
C LEU C 653 -13.68 -24.45 -16.46
N ALA C 654 -14.57 -25.15 -17.16
CA ALA C 654 -15.31 -24.52 -18.25
C ALA C 654 -16.20 -23.36 -17.78
N THR C 655 -16.67 -23.37 -16.54
CA THR C 655 -17.64 -22.37 -16.09
C THR C 655 -16.99 -21.15 -15.43
N ASN C 656 -15.66 -21.12 -15.35
CA ASN C 656 -14.94 -19.99 -14.74
C ASN C 656 -14.73 -18.89 -15.77
N ARG C 657 -14.61 -17.66 -15.28
CA ARG C 657 -14.32 -16.51 -16.13
C ARG C 657 -13.17 -15.75 -15.48
N ILE C 658 -11.94 -15.95 -15.99
CA ILE C 658 -10.72 -15.42 -15.38
C ILE C 658 -10.31 -14.16 -16.11
N SER C 659 -9.68 -13.21 -15.38
CA SER C 659 -9.27 -11.94 -16.00
C SER C 659 -8.22 -11.28 -15.11
N GLY C 660 -6.94 -11.49 -15.43
CA GLY C 660 -5.84 -11.00 -14.64
C GLY C 660 -5.09 -9.89 -15.34
N VAL C 661 -4.20 -9.25 -14.61
CA VAL C 661 -3.33 -8.19 -15.10
C VAL C 661 -1.90 -8.59 -14.74
N ILE C 662 -1.00 -8.63 -15.71
CA ILE C 662 0.38 -9.08 -15.51
C ILE C 662 1.33 -8.01 -16.04
N HIS C 663 2.36 -7.65 -15.25
CA HIS C 663 3.30 -6.62 -15.69
C HIS C 663 3.92 -7.04 -17.02
N PRO C 664 3.96 -6.16 -18.03
CA PRO C 664 4.41 -6.61 -19.36
C PRO C 664 5.86 -7.08 -19.38
N ARG C 665 6.71 -6.61 -18.48
CA ARG C 665 8.11 -7.04 -18.54
C ARG C 665 8.29 -8.50 -18.13
N LEU C 666 7.26 -9.15 -17.58
CA LEU C 666 7.36 -10.57 -17.26
C LEU C 666 7.13 -11.47 -18.46
N VAL C 667 6.55 -10.91 -19.52
CA VAL C 667 6.09 -11.72 -20.64
C VAL C 667 7.15 -11.85 -21.72
N ASN C 668 7.95 -10.80 -21.94
CA ASN C 668 9.05 -10.91 -22.87
C ASN C 668 10.36 -11.12 -22.12
N SER C 669 10.45 -12.22 -21.37
CA SER C 669 11.65 -12.52 -20.63
C SER C 669 12.16 -13.91 -21.05
N ARG C 670 13.23 -14.37 -20.42
CA ARG C 670 13.83 -15.62 -20.85
C ARG C 670 12.92 -16.83 -20.61
N LEU C 671 12.05 -16.75 -19.58
CA LEU C 671 11.12 -17.81 -19.20
C LEU C 671 9.66 -17.49 -19.60
N GLY C 672 9.21 -16.25 -19.48
CA GLY C 672 7.88 -15.93 -19.96
C GLY C 672 6.84 -16.60 -19.10
N ILE C 673 5.64 -16.79 -19.68
CA ILE C 673 4.47 -17.31 -18.98
C ILE C 673 3.85 -18.41 -19.84
N ASN C 674 2.94 -19.20 -19.25
CA ASN C 674 2.46 -20.32 -20.05
C ASN C 674 1.28 -19.89 -20.91
N SER C 675 0.78 -20.81 -21.74
CA SER C 675 -0.27 -20.44 -22.68
C SER C 675 -1.57 -20.05 -21.97
N VAL C 676 -1.88 -20.62 -20.81
CA VAL C 676 -3.13 -20.30 -20.11
C VAL C 676 -3.06 -18.92 -19.48
N ALA C 677 -1.88 -18.51 -19.00
CA ALA C 677 -1.78 -17.17 -18.41
C ALA C 677 -1.90 -16.08 -19.47
N PHE C 678 -1.34 -16.30 -20.66
CA PHE C 678 -1.56 -15.36 -21.76
C PHE C 678 -3.01 -15.35 -22.18
N ASP C 679 -3.64 -16.52 -22.19
CA ASP C 679 -5.07 -16.54 -22.43
C ASP C 679 -5.80 -15.61 -21.48
N ASN C 680 -5.52 -15.72 -20.19
CA ASN C 680 -6.31 -15.00 -19.19
C ASN C 680 -5.78 -13.61 -18.88
N MET C 681 -4.91 -13.05 -19.73
CA MET C 681 -4.21 -11.79 -19.47
C MET C 681 -4.96 -10.68 -20.17
N SER C 682 -5.63 -9.83 -19.41
CA SER C 682 -6.51 -8.89 -20.06
C SER C 682 -5.74 -7.81 -20.78
N ASN C 683 -4.49 -7.56 -20.40
CA ASN C 683 -3.73 -6.48 -21.03
C ASN C 683 -2.74 -7.01 -22.07
N LYS C 684 -3.12 -8.03 -22.82
CA LYS C 684 -2.17 -8.66 -23.72
C LYS C 684 -1.74 -7.74 -24.85
N LEU C 685 -2.52 -6.70 -25.20
CA LEU C 685 -2.10 -5.79 -26.27
C LEU C 685 -1.05 -4.77 -25.83
N ASP C 686 -0.47 -4.92 -24.64
CA ASP C 686 0.66 -4.12 -24.19
C ASP C 686 2.01 -4.77 -24.48
N VAL C 687 2.04 -6.00 -24.96
CA VAL C 687 3.29 -6.70 -25.22
C VAL C 687 3.27 -7.25 -26.62
N SER C 688 2.12 -7.22 -27.28
CA SER C 688 2.00 -7.92 -28.54
C SER C 688 1.12 -7.18 -29.51
N SER C 689 1.06 -7.70 -30.72
CA SER C 689 0.06 -7.26 -31.68
C SER C 689 -0.22 -8.46 -32.57
N LEU C 690 -1.39 -8.45 -33.19
CA LEU C 690 -1.82 -9.55 -34.06
C LEU C 690 -1.03 -9.56 -35.35
N ILE C 691 -0.48 -10.71 -35.72
CA ILE C 691 0.11 -10.82 -37.04
C ILE C 691 -0.70 -11.69 -37.98
N HIS C 692 -1.79 -12.26 -37.52
CA HIS C 692 -2.77 -12.88 -38.39
C HIS C 692 -4.08 -12.85 -37.64
N ASN C 693 -5.15 -12.39 -38.29
CA ASN C 693 -6.46 -12.38 -37.66
C ASN C 693 -7.48 -12.69 -38.73
N GLU C 694 -8.22 -13.79 -38.56
CA GLU C 694 -9.11 -14.24 -39.61
C GLU C 694 -10.33 -14.91 -38.97
N THR C 695 -11.50 -14.77 -39.60
CA THR C 695 -12.73 -15.40 -39.13
C THR C 695 -13.60 -15.71 -40.35
N SER C 696 -14.73 -16.37 -40.14
CA SER C 696 -15.54 -16.78 -41.29
C SER C 696 -16.56 -15.72 -41.69
N GLN C 697 -17.01 -15.76 -42.95
CA GLN C 697 -17.98 -14.80 -43.45
C GLN C 697 -19.38 -15.09 -42.89
N ILE C 698 -20.30 -14.17 -43.17
CA ILE C 698 -21.68 -14.33 -42.72
C ILE C 698 -22.53 -15.06 -43.75
N ILE C 699 -22.42 -14.64 -45.01
CA ILE C 699 -23.20 -15.19 -46.11
C ILE C 699 -22.28 -16.08 -46.93
N GLY C 700 -22.64 -17.35 -47.07
CA GLY C 700 -21.81 -18.26 -47.81
C GLY C 700 -21.75 -17.94 -49.28
N LEU C 701 -20.62 -18.25 -49.90
CA LEU C 701 -20.47 -18.09 -51.34
C LEU C 701 -21.01 -19.31 -52.07
N THR C 702 -21.23 -19.14 -53.37
CA THR C 702 -21.79 -20.27 -54.09
C THR C 702 -20.67 -21.07 -54.75
N PRO C 703 -20.69 -22.42 -54.66
CA PRO C 703 -21.71 -23.18 -53.94
C PRO C 703 -21.29 -23.62 -52.54
N SER C 704 -22.23 -23.66 -51.61
CA SER C 704 -21.89 -24.05 -50.24
C SER C 704 -23.15 -24.53 -49.53
N THR C 705 -22.95 -25.21 -48.42
CA THR C 705 -24.05 -25.74 -47.60
C THR C 705 -24.04 -25.19 -46.19
N GLY C 706 -23.44 -24.01 -45.99
CA GLY C 706 -23.29 -23.44 -44.67
C GLY C 706 -22.24 -22.35 -44.76
N SER C 707 -22.07 -21.65 -43.65
CA SER C 707 -21.10 -20.56 -43.61
C SER C 707 -20.27 -20.63 -42.33
N ASN C 708 -19.64 -21.76 -42.06
CA ASN C 708 -18.89 -21.90 -40.81
C ASN C 708 -17.38 -21.76 -40.98
N VAL C 709 -16.86 -21.81 -42.20
CA VAL C 709 -15.43 -21.68 -42.42
C VAL C 709 -15.21 -20.64 -43.51
N PRO C 710 -13.99 -20.13 -43.65
CA PRO C 710 -13.67 -19.26 -44.78
C PRO C 710 -13.90 -19.99 -46.10
N HIS C 711 -14.45 -19.27 -47.08
CA HIS C 711 -14.78 -19.90 -48.37
C HIS C 711 -13.83 -19.52 -49.49
N THR C 712 -12.80 -18.72 -49.21
CA THR C 712 -11.78 -18.35 -50.17
C THR C 712 -10.40 -18.48 -49.53
N ARG C 713 -9.38 -18.53 -50.38
CA ARG C 713 -7.99 -18.55 -49.97
C ARG C 713 -7.40 -17.12 -49.98
N ILE C 714 -8.15 -16.12 -49.54
CA ILE C 714 -7.71 -14.72 -49.66
C ILE C 714 -6.60 -14.38 -48.67
N MET C 715 -6.49 -15.09 -47.55
CA MET C 715 -5.49 -14.77 -46.54
C MET C 715 -4.26 -15.68 -46.62
N TRP C 716 -4.09 -16.47 -47.70
CA TRP C 716 -3.02 -17.48 -47.74
C TRP C 716 -2.29 -17.42 -49.08
N SER C 717 -0.95 -17.45 -49.03
CA SER C 717 -0.14 -17.42 -50.25
C SER C 717 -0.06 -18.76 -50.96
N ASN C 718 -0.18 -19.88 -50.25
CA ASN C 718 -0.05 -21.19 -50.89
C ASN C 718 -1.24 -22.05 -50.52
N GLY C 719 -1.46 -23.09 -51.32
CA GLY C 719 -2.47 -24.08 -50.99
C GLY C 719 -3.67 -23.98 -51.89
N ALA C 720 -4.77 -24.57 -51.43
CA ALA C 720 -5.99 -24.57 -52.25
C ALA C 720 -7.18 -24.83 -51.34
N MET C 721 -8.38 -24.71 -51.92
CA MET C 721 -9.60 -25.14 -51.23
C MET C 721 -9.84 -26.61 -51.51
N TYR C 722 -10.51 -27.27 -50.56
CA TYR C 722 -10.63 -28.72 -50.61
C TYR C 722 -11.44 -29.16 -51.83
N SER C 723 -12.57 -28.51 -52.07
CA SER C 723 -13.43 -28.88 -53.18
C SER C 723 -14.12 -27.63 -53.71
N SER C 724 -14.31 -27.56 -55.02
CA SER C 724 -14.97 -26.43 -55.65
C SER C 724 -16.47 -26.64 -55.84
N THR C 725 -17.03 -27.74 -55.31
CA THR C 725 -18.46 -27.99 -55.35
C THR C 725 -19.14 -27.81 -54.00
N ASP C 726 -18.38 -27.70 -52.92
CA ASP C 726 -18.95 -27.34 -51.61
C ASP C 726 -17.87 -26.57 -50.87
N LEU C 727 -17.96 -25.25 -50.92
CA LEU C 727 -16.95 -24.42 -50.30
C LEU C 727 -16.96 -24.54 -48.78
N ASN C 728 -18.00 -25.09 -48.18
CA ASN C 728 -18.05 -25.13 -46.72
C ASN C 728 -17.24 -26.28 -46.14
N ASN C 729 -16.48 -27.01 -46.96
CA ASN C 729 -15.51 -27.97 -46.45
C ASN C 729 -14.25 -27.28 -45.97
N GLY C 730 -13.92 -26.12 -46.54
CA GLY C 730 -12.78 -25.36 -46.08
C GLY C 730 -11.49 -25.61 -46.83
N PHE C 731 -10.37 -25.30 -46.18
CA PHE C 731 -9.04 -25.45 -46.78
C PHE C 731 -8.74 -26.92 -47.06
N ARG C 732 -7.84 -27.14 -48.00
CA ARG C 732 -7.30 -28.48 -48.26
C ARG C 732 -6.08 -28.71 -47.39
N LEU C 733 -6.04 -29.85 -46.70
CA LEU C 733 -4.92 -30.20 -45.83
C LEU C 733 -4.13 -31.31 -46.50
N ASN C 734 -2.86 -31.06 -46.79
CA ASN C 734 -2.01 -32.05 -47.45
C ASN C 734 -1.10 -32.73 -46.45
N TYR C 735 -0.61 -33.91 -46.83
CA TYR C 735 0.18 -34.73 -45.91
C TYR C 735 1.57 -34.14 -45.69
N LEU C 736 2.07 -34.29 -44.46
CA LEU C 736 3.43 -33.90 -44.11
C LEU C 736 3.92 -34.83 -43.02
N SER C 737 5.07 -35.49 -43.25
CA SER C 737 5.45 -36.62 -42.40
C SER C 737 5.75 -36.17 -40.97
N ASN C 738 6.44 -35.05 -40.80
CA ASN C 738 6.79 -34.55 -39.48
C ASN C 738 6.96 -33.04 -39.57
N HIS C 739 6.93 -32.37 -38.43
CA HIS C 739 6.85 -30.91 -38.48
C HIS C 739 8.15 -30.23 -38.87
N ASN C 740 9.26 -30.96 -39.00
CA ASN C 740 10.51 -30.36 -39.42
C ASN C 740 10.80 -30.57 -40.90
N GLU C 741 9.87 -31.18 -41.63
CA GLU C 741 10.01 -31.37 -43.05
C GLU C 741 9.75 -30.07 -43.81
N PRO C 742 10.28 -29.94 -45.02
CA PRO C 742 10.02 -28.74 -45.81
C PRO C 742 8.57 -28.70 -46.28
N LEU C 743 8.03 -27.48 -46.37
CA LEU C 743 6.69 -27.24 -46.85
C LEU C 743 6.77 -26.86 -48.33
N THR C 744 5.81 -27.34 -49.12
CA THR C 744 5.78 -27.13 -50.56
C THR C 744 4.66 -26.18 -50.96
N PRO C 745 4.61 -25.75 -52.22
CA PRO C 745 3.47 -24.94 -52.67
C PRO C 745 2.12 -25.65 -52.61
N MET C 746 2.09 -26.96 -52.42
CA MET C 746 0.80 -27.64 -52.28
C MET C 746 0.19 -27.43 -50.90
N HIS C 747 1.01 -27.20 -49.90
CA HIS C 747 0.53 -27.04 -48.54
C HIS C 747 0.03 -25.62 -48.33
N LEU C 748 -0.87 -25.48 -47.36
CA LEU C 748 -1.44 -24.17 -47.01
C LEU C 748 -0.56 -23.51 -45.96
N TYR C 749 0.21 -22.49 -46.36
CA TYR C 749 1.11 -21.84 -45.41
C TYR C 749 1.45 -20.42 -45.88
N ASN C 750 1.94 -19.62 -44.92
CA ASN C 750 2.45 -18.27 -45.19
C ASN C 750 3.85 -18.13 -44.63
N GLU C 751 4.60 -17.17 -45.16
CA GLU C 751 5.99 -16.96 -44.79
C GLU C 751 6.29 -15.47 -44.66
N PHE C 752 7.01 -15.09 -43.60
CA PHE C 752 7.45 -13.70 -43.50
C PHE C 752 8.81 -13.61 -42.80
N SER C 753 9.51 -12.51 -43.05
CA SER C 753 10.88 -12.36 -42.55
C SER C 753 10.94 -11.36 -41.41
N VAL C 754 11.86 -11.61 -40.47
CA VAL C 754 11.95 -10.84 -39.22
C VAL C 754 13.39 -10.41 -38.97
N SER C 755 13.55 -9.37 -38.16
CA SER C 755 14.85 -8.88 -37.68
C SER C 755 15.79 -8.57 -38.84
N GLU C 756 15.42 -7.53 -39.60
CA GLU C 756 16.16 -7.07 -40.77
C GLU C 756 16.91 -5.78 -40.44
N PHE C 757 18.22 -5.89 -40.22
CA PHE C 757 19.08 -4.75 -39.94
C PHE C 757 20.21 -4.69 -40.97
N GLY C 758 20.74 -3.48 -41.17
CA GLY C 758 21.73 -3.23 -42.18
C GLY C 758 23.10 -3.78 -41.84
N GLY C 759 24.01 -3.65 -42.80
CA GLY C 759 25.35 -4.19 -42.63
C GLY C 759 26.21 -3.41 -41.67
N SER C 760 25.86 -2.16 -41.37
CA SER C 760 26.65 -1.35 -40.45
C SER C 760 26.26 -1.57 -38.99
N VAL C 761 25.34 -2.48 -38.73
CA VAL C 761 24.84 -2.76 -37.39
C VAL C 761 25.33 -4.15 -36.99
N THR C 762 25.99 -4.24 -35.84
CA THR C 762 26.36 -5.52 -35.28
C THR C 762 25.14 -6.23 -34.68
N GLU C 763 25.09 -7.55 -34.88
CA GLU C 763 23.97 -8.35 -34.38
C GLU C 763 23.84 -8.23 -32.86
N SER C 764 24.97 -8.14 -32.15
CA SER C 764 24.95 -8.03 -30.70
C SER C 764 24.28 -6.74 -30.23
N ASN C 765 24.19 -5.75 -31.10
CA ASN C 765 23.54 -4.48 -30.73
C ASN C 765 22.08 -4.37 -31.15
N ALA C 766 21.78 -4.78 -32.38
CA ALA C 766 20.42 -4.69 -32.91
C ALA C 766 19.39 -5.55 -32.16
N LEU C 767 19.81 -6.79 -31.82
CA LEU C 767 19.04 -7.81 -31.07
C LEU C 767 17.94 -8.50 -31.87
N ASP C 768 17.23 -9.41 -31.22
CA ASP C 768 16.13 -10.16 -31.81
C ASP C 768 14.85 -9.32 -31.93
N GLU C 769 13.96 -9.70 -32.85
CA GLU C 769 12.71 -8.98 -33.04
C GLU C 769 11.50 -9.61 -32.36
N ILE C 770 11.31 -10.92 -32.52
CA ILE C 770 10.16 -11.59 -31.93
C ILE C 770 10.68 -12.62 -30.91
N LYS C 771 10.06 -12.64 -29.73
CA LYS C 771 10.46 -13.55 -28.66
C LYS C 771 9.57 -14.79 -28.61
N TYR C 772 8.25 -14.60 -28.55
CA TYR C 772 7.29 -15.70 -28.48
C TYR C 772 6.18 -15.47 -29.50
N ILE C 773 5.51 -16.54 -29.87
CA ILE C 773 4.32 -16.43 -30.72
C ILE C 773 3.22 -17.26 -30.08
N PHE C 774 2.07 -16.64 -29.81
CA PHE C 774 0.92 -17.30 -29.21
C PHE C 774 -0.16 -17.50 -30.28
N ILE C 775 -0.60 -18.74 -30.48
CA ILE C 775 -1.57 -19.07 -31.52
C ILE C 775 -2.86 -19.49 -30.83
N GLN C 776 -3.98 -18.83 -31.14
CA GLN C 776 -5.31 -19.19 -30.66
C GLN C 776 -6.12 -19.78 -31.80
N THR C 777 -6.90 -20.83 -31.52
CA THR C 777 -7.87 -21.30 -32.51
C THR C 777 -8.88 -22.20 -31.81
N THR C 778 -9.79 -22.77 -32.59
CA THR C 778 -10.95 -23.46 -32.03
C THR C 778 -10.62 -24.88 -31.57
N TYR C 779 -11.37 -25.36 -30.57
CA TYR C 779 -11.18 -26.66 -29.95
C TYR C 779 -11.99 -27.75 -30.66
N ALA C 780 -11.44 -28.96 -30.69
CA ALA C 780 -12.14 -30.15 -31.15
C ALA C 780 -11.53 -31.32 -30.42
N ASN C 781 -12.29 -32.42 -30.30
CA ASN C 781 -11.81 -33.50 -29.44
C ASN C 781 -10.74 -34.35 -30.13
N SER C 782 -10.76 -34.41 -31.46
CA SER C 782 -9.81 -35.22 -32.21
C SER C 782 -9.74 -34.72 -33.64
N GLY C 783 -8.80 -35.27 -34.38
CA GLY C 783 -8.62 -34.96 -35.78
C GLY C 783 -7.16 -35.14 -36.13
N ASP C 784 -6.91 -35.46 -37.41
CA ASP C 784 -5.56 -35.62 -37.91
C ASP C 784 -4.93 -34.32 -38.42
N GLY C 785 -5.72 -33.25 -38.53
CA GLY C 785 -5.17 -32.00 -38.97
C GLY C 785 -4.25 -31.39 -37.93
N ARG C 786 -3.31 -30.58 -38.39
CA ARG C 786 -2.33 -29.99 -37.51
C ARG C 786 -2.10 -28.56 -37.94
N PHE C 787 -1.83 -27.70 -36.98
CA PHE C 787 -1.32 -26.37 -37.24
C PHE C 787 0.18 -26.40 -37.02
N ILE C 788 0.94 -26.02 -38.04
CA ILE C 788 2.39 -26.13 -38.03
C ILE C 788 3.01 -24.75 -38.06
N ILE C 789 4.07 -24.56 -37.27
CA ILE C 789 4.85 -23.33 -37.32
C ILE C 789 6.34 -23.67 -37.30
N GLN C 790 7.13 -23.00 -38.16
CA GLN C 790 8.55 -23.26 -38.36
C GLN C 790 9.36 -21.97 -38.31
N ALA C 791 10.48 -21.95 -37.57
CA ALA C 791 11.43 -20.84 -37.62
C ALA C 791 12.68 -21.27 -38.36
N LEU C 792 13.08 -20.46 -39.35
CA LEU C 792 14.07 -20.83 -40.35
C LEU C 792 15.18 -19.77 -40.36
N ASP C 793 16.38 -20.19 -40.72
CA ASP C 793 17.52 -19.28 -40.62
C ASP C 793 17.71 -18.64 -41.99
N ALA C 794 18.85 -17.99 -42.21
CA ALA C 794 19.07 -17.29 -43.48
C ALA C 794 19.06 -18.25 -44.67
N SER C 795 19.72 -19.40 -44.55
CA SER C 795 19.81 -20.37 -45.66
C SER C 795 18.70 -21.41 -45.60
N GLY C 796 17.46 -20.96 -45.43
CA GLY C 796 16.28 -21.80 -45.56
C GLY C 796 16.17 -23.03 -44.67
N SER C 797 17.14 -23.28 -43.81
CA SER C 797 17.14 -24.48 -42.99
C SER C 797 16.40 -24.25 -41.68
N VAL C 798 15.74 -25.30 -41.20
CA VAL C 798 14.80 -25.16 -40.08
C VAL C 798 15.58 -25.13 -38.76
N LEU C 799 15.57 -23.99 -38.06
CA LEU C 799 16.12 -23.95 -36.72
C LEU C 799 15.20 -24.61 -35.71
N SER C 800 13.89 -24.41 -35.84
CA SER C 800 12.96 -24.98 -34.86
C SER C 800 11.60 -25.15 -35.50
N SER C 801 10.76 -26.00 -34.91
CA SER C 801 9.48 -26.25 -35.54
C SER C 801 8.56 -26.93 -34.55
N ASN C 802 7.28 -26.97 -34.90
CA ASN C 802 6.31 -27.62 -34.02
C ASN C 802 4.99 -27.71 -34.73
N TRP C 803 4.14 -28.61 -34.25
CA TRP C 803 2.76 -28.56 -34.66
C TRP C 803 1.85 -28.92 -33.49
N TYR C 804 0.57 -28.63 -33.68
CA TYR C 804 -0.40 -28.80 -32.61
C TYR C 804 -1.70 -29.34 -33.20
N SER C 805 -2.32 -30.22 -32.46
CA SER C 805 -3.53 -30.96 -32.78
C SER C 805 -4.76 -30.19 -32.33
N PRO C 806 -5.94 -30.56 -32.83
CA PRO C 806 -7.17 -29.85 -32.44
C PRO C 806 -7.41 -29.83 -30.94
N GLN C 807 -7.06 -30.87 -30.21
CA GLN C 807 -7.30 -30.90 -28.78
C GLN C 807 -6.18 -30.28 -27.97
N SER C 808 -5.14 -29.74 -28.62
CA SER C 808 -4.15 -28.97 -27.90
C SER C 808 -4.69 -27.60 -27.53
N PHE C 809 -5.64 -27.08 -28.31
CA PHE C 809 -6.19 -25.74 -28.10
C PHE C 809 -7.34 -25.79 -27.09
N ASN C 810 -6.99 -26.08 -25.84
CA ASN C 810 -8.01 -26.41 -24.85
C ASN C 810 -7.90 -25.57 -23.59
N SER C 811 -7.18 -24.44 -23.65
CA SER C 811 -7.01 -23.60 -22.48
C SER C 811 -8.31 -22.90 -22.08
N THR C 812 -9.31 -22.89 -22.96
CA THR C 812 -10.65 -22.34 -22.70
C THR C 812 -11.71 -23.31 -23.19
N PHE C 813 -11.51 -24.58 -22.84
CA PHE C 813 -12.43 -25.65 -23.14
C PHE C 813 -13.86 -25.22 -22.82
N PRO C 814 -14.85 -25.53 -23.69
CA PRO C 814 -14.73 -26.31 -24.93
C PRO C 814 -14.78 -25.52 -26.24
N ILE C 815 -14.43 -24.25 -26.24
CA ILE C 815 -14.57 -23.40 -27.41
C ILE C 815 -13.23 -23.19 -28.12
N SER C 816 -12.22 -22.71 -27.40
CA SER C 816 -10.98 -22.30 -28.05
C SER C 816 -9.82 -22.45 -27.09
N GLY C 817 -8.63 -22.12 -27.55
CA GLY C 817 -7.49 -22.02 -26.64
C GLY C 817 -6.23 -21.60 -27.36
N PHE C 818 -5.13 -21.51 -26.57
CA PHE C 818 -3.84 -20.99 -26.98
C PHE C 818 -2.74 -22.04 -26.89
N VAL C 819 -1.73 -21.94 -27.77
CA VAL C 819 -0.46 -22.62 -27.61
C VAL C 819 0.67 -21.61 -27.77
N ARG C 820 1.81 -21.88 -27.14
CA ARG C 820 2.98 -21.00 -27.20
C ARG C 820 4.10 -21.62 -28.03
N PHE C 821 4.75 -20.82 -28.87
CA PHE C 821 5.93 -21.24 -29.62
C PHE C 821 7.08 -20.32 -29.27
N ASP C 822 8.24 -20.90 -29.01
CA ASP C 822 9.46 -20.16 -28.69
C ASP C 822 10.28 -19.91 -29.94
N VAL C 823 10.50 -18.65 -30.29
CA VAL C 823 11.27 -18.34 -31.49
C VAL C 823 12.75 -18.41 -31.14
N PRO C 824 13.53 -19.34 -31.74
CA PRO C 824 14.95 -19.43 -31.40
C PRO C 824 15.72 -18.21 -31.87
N THR C 825 16.80 -17.89 -31.16
CA THR C 825 17.64 -16.75 -31.55
C THR C 825 18.39 -17.05 -32.85
N GLY C 826 18.54 -16.02 -33.69
CA GLY C 826 19.13 -16.18 -34.99
C GLY C 826 18.18 -16.58 -36.09
N ALA C 827 16.88 -16.59 -35.82
CA ALA C 827 15.87 -16.87 -36.85
C ALA C 827 15.77 -15.71 -37.82
N LYS C 828 15.58 -16.03 -39.10
CA LYS C 828 15.42 -15.01 -40.13
C LYS C 828 14.05 -15.04 -40.81
N LYS C 829 13.40 -16.20 -40.91
CA LYS C 829 12.08 -16.30 -41.50
C LYS C 829 11.20 -17.14 -40.59
N ILE C 830 9.88 -17.02 -40.79
CA ILE C 830 8.90 -17.81 -40.07
C ILE C 830 7.83 -18.26 -41.04
N ARG C 831 7.46 -19.55 -40.97
CA ARG C 831 6.38 -20.13 -41.78
C ARG C 831 5.30 -20.68 -40.87
N TYR C 832 4.03 -20.50 -41.24
CA TYR C 832 2.96 -21.07 -40.44
C TYR C 832 1.82 -21.53 -41.36
N GLY C 833 1.06 -22.53 -40.95
CA GLY C 833 0.01 -23.02 -41.84
C GLY C 833 -0.70 -24.22 -41.26
N PHE C 834 -1.49 -24.88 -42.11
CA PHE C 834 -2.30 -26.04 -41.74
C PHE C 834 -1.92 -27.22 -42.63
N VAL C 835 -1.69 -28.39 -42.03
CA VAL C 835 -1.32 -29.59 -42.80
C VAL C 835 -2.04 -30.79 -42.22
N ASN C 836 -1.85 -31.94 -42.84
CA ASN C 836 -2.42 -33.19 -42.36
C ASN C 836 -1.30 -34.10 -41.91
N SER C 837 -1.45 -34.73 -40.75
CA SER C 837 -0.42 -35.61 -40.21
C SER C 837 -0.58 -37.06 -40.66
N ALA C 838 -1.65 -37.41 -41.36
CA ALA C 838 -1.87 -38.75 -41.88
C ALA C 838 -1.84 -38.72 -43.41
N ASN C 839 -1.60 -39.88 -44.01
CA ASN C 839 -1.27 -39.95 -45.44
C ASN C 839 -2.54 -40.00 -46.29
N TYR C 840 -3.22 -38.87 -46.37
CA TYR C 840 -4.32 -38.64 -47.31
C TYR C 840 -4.64 -37.15 -47.24
N THR C 841 -5.41 -36.68 -48.22
CA THR C 841 -5.77 -35.26 -48.32
C THR C 841 -7.07 -35.00 -47.56
N GLY C 842 -6.98 -34.21 -46.47
CA GLY C 842 -8.11 -33.91 -45.63
C GLY C 842 -8.71 -32.53 -45.89
N SER C 843 -9.64 -32.15 -45.02
CA SER C 843 -10.30 -30.85 -45.12
C SER C 843 -10.41 -30.25 -43.75
N LEU C 844 -10.46 -28.92 -43.68
CA LEU C 844 -10.53 -28.26 -42.37
C LEU C 844 -11.79 -28.64 -41.63
N ARG C 845 -12.90 -28.85 -42.35
CA ARG C 845 -14.16 -29.15 -41.68
C ARG C 845 -14.11 -30.49 -40.97
N SER C 846 -13.69 -31.53 -41.68
CA SER C 846 -13.82 -32.88 -41.16
C SER C 846 -12.64 -33.29 -40.31
N HIS C 847 -11.46 -32.72 -40.55
CA HIS C 847 -10.24 -33.21 -39.93
C HIS C 847 -9.56 -32.19 -39.05
N PHE C 848 -10.14 -31.01 -38.88
CA PHE C 848 -9.66 -30.16 -37.81
C PHE C 848 -10.83 -29.68 -36.95
N MET C 849 -11.99 -29.43 -37.54
CA MET C 849 -13.11 -28.90 -36.75
C MET C 849 -14.10 -29.96 -36.34
N SER C 850 -13.88 -31.21 -36.74
CA SER C 850 -14.67 -32.36 -36.27
C SER C 850 -16.15 -32.19 -36.63
N GLY C 851 -16.40 -31.76 -37.87
CA GLY C 851 -17.76 -31.60 -38.37
C GLY C 851 -18.60 -30.62 -37.61
N PHE C 852 -17.97 -29.58 -37.05
CA PHE C 852 -18.66 -28.46 -36.36
C PHE C 852 -19.40 -28.91 -35.11
N ALA C 853 -18.87 -29.93 -34.44
CA ALA C 853 -19.50 -30.46 -33.26
C ALA C 853 -19.26 -29.64 -32.01
N TYR C 854 -18.38 -28.63 -32.06
CA TYR C 854 -18.14 -27.79 -30.90
C TYR C 854 -18.21 -26.30 -31.24
N ASN C 855 -17.87 -25.94 -32.48
CA ASN C 855 -17.81 -24.55 -32.90
C ASN C 855 -18.48 -24.37 -34.26
N LYS C 856 -19.28 -23.32 -34.36
CA LYS C 856 -19.96 -22.99 -35.60
C LYS C 856 -19.28 -21.86 -36.38
N ARG C 857 -18.23 -21.24 -35.83
CA ARG C 857 -17.53 -20.14 -36.49
C ARG C 857 -16.04 -20.35 -36.31
N PHE C 858 -15.33 -20.63 -37.41
CA PHE C 858 -13.88 -20.83 -37.33
C PHE C 858 -13.14 -19.52 -37.26
N PHE C 859 -12.07 -19.48 -36.47
CA PHE C 859 -11.26 -18.28 -36.39
C PHE C 859 -9.83 -18.64 -36.03
N LEU C 860 -8.91 -17.77 -36.42
CA LEU C 860 -7.49 -17.98 -36.16
C LEU C 860 -6.87 -16.63 -35.84
N LYS C 861 -6.25 -16.51 -34.66
CA LYS C 861 -5.56 -15.29 -34.25
C LYS C 861 -4.16 -15.64 -33.77
N ILE C 862 -3.14 -15.01 -34.34
CA ILE C 862 -1.74 -15.26 -34.00
C ILE C 862 -1.15 -13.98 -33.45
N TYR C 863 -0.51 -14.06 -32.29
CA TYR C 863 0.05 -12.91 -31.60
C TYR C 863 1.57 -13.00 -31.49
N ALA C 864 2.29 -11.99 -31.98
CA ALA C 864 3.74 -11.90 -31.79
C ALA C 864 4.06 -11.10 -30.53
N VAL C 865 4.76 -11.71 -29.58
CA VAL C 865 5.32 -10.94 -28.47
C VAL C 865 6.70 -10.42 -28.89
N TYR C 866 6.91 -9.11 -28.77
CA TYR C 866 8.12 -8.49 -29.28
C TYR C 866 9.23 -8.56 -28.24
N ASN C 867 10.46 -8.80 -28.69
CA ASN C 867 11.58 -8.84 -27.76
C ASN C 867 11.76 -7.49 -27.06
N ASP C 868 11.46 -6.38 -27.74
CA ASP C 868 11.56 -5.00 -27.27
C ASP C 868 10.42 -4.21 -27.90
N LEU C 869 9.62 -3.52 -27.08
CA LEU C 869 8.23 -3.18 -27.45
C LEU C 869 8.06 -2.87 -28.94
N GLY C 870 8.74 -1.86 -29.45
CA GLY C 870 8.44 -1.47 -30.81
C GLY C 870 9.70 -1.09 -31.53
N ARG C 871 10.80 -1.72 -31.13
CA ARG C 871 12.11 -1.34 -31.63
C ARG C 871 12.12 -1.37 -33.15
N TYR C 872 11.55 -2.41 -33.75
CA TYR C 872 11.49 -2.57 -35.19
C TYR C 872 10.16 -2.12 -35.78
N GLY C 873 9.23 -1.62 -34.98
CA GLY C 873 7.93 -1.24 -35.49
C GLY C 873 6.95 -2.39 -35.46
N GLN C 874 5.89 -2.25 -34.68
CA GLN C 874 4.86 -3.27 -34.54
C GLN C 874 4.00 -3.36 -35.79
N PHE C 875 3.60 -4.59 -36.11
CA PHE C 875 2.83 -4.88 -37.32
C PHE C 875 1.34 -4.69 -37.05
N GLU C 876 0.67 -3.94 -37.92
CA GLU C 876 -0.77 -3.74 -37.83
C GLU C 876 -1.25 -3.06 -39.10
N PRO C 877 -2.55 -3.02 -39.36
CA PRO C 877 -3.01 -2.63 -40.70
C PRO C 877 -2.67 -1.20 -41.00
N PRO C 878 -2.45 -0.86 -42.27
CA PRO C 878 -2.09 0.51 -42.62
C PRO C 878 -3.26 1.47 -42.42
N TYR C 879 -2.94 2.74 -42.15
CA TYR C 879 -4.00 3.71 -41.87
C TYR C 879 -3.50 5.13 -42.17
N SER C 880 -4.41 6.02 -42.51
CA SER C 880 -4.04 7.44 -42.51
C SER C 880 -5.25 8.31 -42.27
N VAL C 881 -5.17 9.18 -41.27
CA VAL C 881 -6.32 10.01 -41.03
C VAL C 881 -6.56 10.97 -42.20
N ALA C 882 -5.58 11.15 -43.09
CA ALA C 882 -5.70 12.15 -44.13
C ALA C 882 -6.10 11.60 -45.49
N ILE C 883 -6.15 10.28 -45.66
CA ILE C 883 -6.50 9.65 -46.93
C ILE C 883 -7.88 9.04 -46.82
N ASP C 884 -8.79 9.40 -47.74
CA ASP C 884 -10.15 8.87 -47.65
C ASP C 884 -10.24 7.39 -47.96
N ARG C 885 -9.28 6.83 -48.69
CA ARG C 885 -9.30 5.39 -48.93
C ARG C 885 -9.23 4.60 -47.64
N PHE C 886 -8.41 5.08 -46.68
CA PHE C 886 -8.15 4.37 -45.43
C PHE C 886 -8.99 4.87 -44.28
N ARG C 887 -9.46 6.10 -44.37
CA ARG C 887 -10.31 6.71 -43.37
C ARG C 887 -11.75 6.20 -43.46
N VAL C 888 -12.24 5.93 -44.67
CA VAL C 888 -13.63 5.47 -44.81
C VAL C 888 -13.78 4.21 -45.62
N GLY C 889 -12.79 3.78 -46.40
CA GLY C 889 -12.92 2.61 -47.23
C GLY C 889 -13.24 2.96 -48.67
N ASP C 890 -13.05 1.99 -49.55
CA ASP C 890 -13.35 2.19 -50.96
C ASP C 890 -14.86 2.10 -51.20
N ASN C 891 -15.36 2.92 -52.10
CA ASN C 891 -16.79 2.99 -52.37
C ASN C 891 -17.22 2.18 -53.58
N THR C 892 -16.33 1.36 -54.14
CA THR C 892 -16.69 0.53 -55.28
C THR C 892 -17.72 -0.53 -54.90
N THR C 893 -18.63 -0.82 -55.83
CA THR C 893 -19.66 -1.84 -55.66
C THR C 893 -19.54 -2.87 -56.78
N GLN C 894 -20.03 -4.07 -56.50
CA GLN C 894 -20.03 -5.13 -57.51
C GLN C 894 -20.94 -4.76 -58.66
N MET C 895 -20.48 -5.03 -59.89
CA MET C 895 -21.28 -4.61 -61.04
C MET C 895 -22.40 -5.63 -61.30
N PRO C 896 -23.58 -5.15 -61.68
CA PRO C 896 -24.66 -6.07 -62.07
C PRO C 896 -24.25 -6.88 -63.29
N SER C 897 -24.76 -8.11 -63.35
CA SER C 897 -24.40 -9.01 -64.44
C SER C 897 -24.83 -8.44 -65.78
N ILE C 898 -23.90 -8.39 -66.73
CA ILE C 898 -24.16 -8.02 -68.12
C ILE C 898 -23.98 -9.28 -68.96
N PRO C 899 -25.05 -9.82 -69.55
CA PRO C 899 -24.93 -11.13 -70.24
C PRO C 899 -24.00 -11.06 -71.44
N ALA C 900 -23.33 -12.17 -71.71
CA ALA C 900 -22.48 -12.27 -72.89
C ALA C 900 -23.30 -11.99 -74.13
N SER C 901 -22.80 -11.11 -74.99
CA SER C 901 -23.58 -10.53 -76.08
C SER C 901 -23.05 -11.01 -77.42
N SER C 902 -23.97 -11.49 -78.26
CA SER C 902 -23.68 -11.83 -79.66
C SER C 902 -24.67 -11.04 -80.52
N ALA C 903 -24.32 -9.78 -80.78
CA ALA C 903 -25.00 -8.92 -81.73
C ALA C 903 -23.95 -8.38 -82.68
N THR C 904 -24.12 -8.67 -83.97
CA THR C 904 -22.99 -8.64 -84.89
C THR C 904 -23.17 -7.74 -86.11
N ASP C 905 -24.26 -6.99 -86.22
CA ASP C 905 -24.36 -6.12 -87.39
C ASP C 905 -23.30 -5.03 -87.41
N VAL C 906 -23.43 -3.93 -86.66
CA VAL C 906 -22.28 -3.12 -86.29
C VAL C 906 -22.56 -2.62 -84.87
N ALA C 907 -23.84 -2.60 -84.52
CA ALA C 907 -24.35 -1.73 -83.45
C ALA C 907 -24.47 -2.41 -82.11
N GLY C 908 -24.73 -3.72 -82.08
CA GLY C 908 -24.82 -4.40 -80.79
C GLY C 908 -23.55 -4.29 -79.98
N VAL C 909 -22.39 -4.37 -80.66
CA VAL C 909 -21.11 -4.24 -79.98
C VAL C 909 -20.95 -2.86 -79.37
N ASN C 910 -21.29 -1.81 -80.13
CA ASN C 910 -21.20 -0.44 -79.62
C ASN C 910 -22.13 -0.23 -78.43
N GLU C 911 -23.36 -0.76 -78.50
CA GLU C 911 -24.30 -0.63 -77.39
C GLU C 911 -23.81 -1.37 -76.15
N VAL C 912 -23.22 -2.55 -76.32
CA VAL C 912 -22.67 -3.28 -75.18
C VAL C 912 -21.51 -2.52 -74.56
N ILE C 913 -20.66 -1.92 -75.39
CA ILE C 913 -19.55 -1.10 -74.87
C ILE C 913 -20.08 0.09 -74.08
N ASN C 914 -21.11 0.75 -74.60
CA ASN C 914 -21.71 1.87 -73.88
C ASN C 914 -22.30 1.41 -72.55
N SER C 915 -22.97 0.26 -72.53
CA SER C 915 -23.52 -0.28 -71.30
C SER C 915 -22.42 -0.56 -70.27
N LEU C 916 -21.32 -1.18 -70.72
CA LEU C 916 -20.22 -1.49 -69.82
C LEU C 916 -19.57 -0.22 -69.27
N LEU C 917 -19.36 0.77 -70.13
CA LEU C 917 -18.78 2.03 -69.66
C LEU C 917 -19.70 2.74 -68.68
N ALA C 918 -21.01 2.71 -68.94
CA ALA C 918 -21.95 3.30 -68.00
C ALA C 918 -21.90 2.61 -66.65
N SER C 919 -21.84 1.27 -66.66
CA SER C 919 -21.79 0.53 -65.40
C SER C 919 -20.48 0.81 -64.64
N LEU C 920 -19.36 0.88 -65.37
CA LEU C 920 -18.08 1.23 -64.73
C LEU C 920 -18.15 2.60 -64.10
N LYS C 921 -18.69 3.59 -64.82
CA LYS C 921 -18.80 4.93 -64.26
C LYS C 921 -19.70 4.94 -63.03
N ALA C 922 -20.81 4.20 -63.07
CA ALA C 922 -21.79 4.26 -62.00
C ALA C 922 -21.32 3.54 -60.75
N ASN C 923 -20.52 2.48 -60.90
CA ASN C 923 -20.17 1.63 -59.76
C ASN C 923 -18.82 1.99 -59.15
N GLY C 924 -18.22 3.10 -59.54
CA GLY C 924 -17.06 3.61 -58.85
C GLY C 924 -15.71 3.33 -59.49
N PHE C 925 -15.66 2.45 -60.50
CA PHE C 925 -14.39 2.21 -61.19
C PHE C 925 -14.04 3.34 -62.14
N MET C 926 -14.99 4.20 -62.46
CA MET C 926 -14.89 5.31 -63.41
C MET C 926 -14.53 4.74 -64.79
#